data_1O3U
# 
_entry.id   1O3U 
# 
_audit_conform.dict_name       mmcif_pdbx.dic 
_audit_conform.dict_version    5.398 
_audit_conform.dict_location   http://mmcif.pdb.org/dictionaries/ascii/mmcif_pdbx.dic 
# 
loop_
_database_2.database_id 
_database_2.database_code 
_database_2.pdbx_database_accession 
_database_2.pdbx_DOI 
PDB   1O3U         pdb_00001o3u 10.2210/pdb1o3u/pdb 
RCSB  RCSB001770   ?            ?                   
WWPDB D_1000001770 ?            ?                   
# 
loop_
_pdbx_audit_revision_history.ordinal 
_pdbx_audit_revision_history.data_content_type 
_pdbx_audit_revision_history.major_revision 
_pdbx_audit_revision_history.minor_revision 
_pdbx_audit_revision_history.revision_date 
1 'Structure model' 1 0 2003-04-22 
2 'Structure model' 1 1 2008-04-26 
3 'Structure model' 1 2 2011-07-13 
4 'Structure model' 1 3 2017-10-04 
5 'Structure model' 1 4 2018-07-18 
6 'Structure model' 1 5 2023-01-25 
7 'Structure model' 1 6 2024-10-30 
# 
_pdbx_audit_revision_details.ordinal             1 
_pdbx_audit_revision_details.revision_ordinal    1 
_pdbx_audit_revision_details.data_content_type   'Structure model' 
_pdbx_audit_revision_details.provider            repository 
_pdbx_audit_revision_details.type                'Initial release' 
_pdbx_audit_revision_details.description         ? 
_pdbx_audit_revision_details.details             ? 
# 
loop_
_pdbx_audit_revision_group.ordinal 
_pdbx_audit_revision_group.revision_ordinal 
_pdbx_audit_revision_group.data_content_type 
_pdbx_audit_revision_group.group 
1  2 'Structure model' 'Version format compliance' 
2  3 'Structure model' Advisory                    
3  3 'Structure model' 'Version format compliance' 
4  4 'Structure model' 'Refinement description'    
5  5 'Structure model' 'Data collection'           
6  5 'Structure model' 'Database references'       
7  6 'Structure model' 'Database references'       
8  6 'Structure model' 'Derived calculations'      
9  7 'Structure model' 'Data collection'           
10 7 'Structure model' 'Structure summary'         
# 
loop_
_pdbx_audit_revision_category.ordinal 
_pdbx_audit_revision_category.revision_ordinal 
_pdbx_audit_revision_category.data_content_type 
_pdbx_audit_revision_category.category 
1 4 'Structure model' software                  
2 5 'Structure model' pdbx_database_related     
3 6 'Structure model' database_2                
4 6 'Structure model' struct_conn               
5 6 'Structure model' struct_ref_seq_dif        
6 7 'Structure model' chem_comp_atom            
7 7 'Structure model' chem_comp_bond            
8 7 'Structure model' pdbx_entry_details        
9 7 'Structure model' pdbx_modification_feature 
# 
loop_
_pdbx_audit_revision_item.ordinal 
_pdbx_audit_revision_item.revision_ordinal 
_pdbx_audit_revision_item.data_content_type 
_pdbx_audit_revision_item.item 
1 4 'Structure model' '_software.classification'            
2 4 'Structure model' '_software.name'                      
3 4 'Structure model' '_software.version'                   
4 6 'Structure model' '_database_2.pdbx_DOI'                
5 6 'Structure model' '_database_2.pdbx_database_accession' 
6 6 'Structure model' '_struct_conn.pdbx_leaving_atom_flag' 
7 6 'Structure model' '_struct_ref_seq_dif.details'         
# 
_pdbx_database_status.entry_id                        1O3U 
_pdbx_database_status.status_code                     REL 
_pdbx_database_status.deposit_site                    RCSB 
_pdbx_database_status.process_site                    RCSB 
_pdbx_database_status.recvd_initial_deposition_date   2003-03-28 
_pdbx_database_status.SG_entry                        Y 
_pdbx_database_status.status_code_sf                  REL 
_pdbx_database_status.status_code_mr                  ? 
_pdbx_database_status.status_code_cs                  ? 
_pdbx_database_status.pdb_format_compatible           Y 
_pdbx_database_status.methods_development_category    ? 
_pdbx_database_status.status_code_nmr_data            ? 
# 
_pdbx_database_related.db_name        TargetDB 
_pdbx_database_related.db_id          282486 
_pdbx_database_related.details        . 
_pdbx_database_related.content_type   unspecified 
# 
_audit_author.name           'Joint Center for Structural Genomics (JCSG)' 
_audit_author.pdbx_ordinal   1 
# 
_citation.id                        primary 
_citation.title                     
'Crystal structure of an HEPN domain protein (TM0613) from Thermotoga maritima at 1.75 A resolution.' 
_citation.journal_abbrev            PROTEINS 
_citation.journal_volume            54 
_citation.page_first                806 
_citation.page_last                 809 
_citation.year                      2004 
_citation.journal_id_ASTM           PSFGEY 
_citation.country                   US 
_citation.journal_id_ISSN           0887-3585 
_citation.journal_id_CSD            0867 
_citation.book_publisher            ? 
_citation.pdbx_database_id_PubMed   14997578 
_citation.pdbx_database_id_DOI      10.1002/prot.10631 
# 
loop_
_citation_author.citation_id 
_citation_author.name 
_citation_author.ordinal 
_citation_author.identifier_ORCID 
primary 'Erlandsen, H.'       1  ? 
primary 'Canaves, J.M.'       2  ? 
primary 'Elsliger, M.A.'      3  ? 
primary 'von Delft, F.'       4  ? 
primary 'Brinen, L.S.'        5  ? 
primary 'Dai, X.'             6  ? 
primary 'Deacon, A.M.'        7  ? 
primary 'Floyd, R.'           8  ? 
primary 'Godzik, A.'          9  ? 
primary 'Grittini, C.'        10 ? 
primary 'Grzechnik, S.K.'     11 ? 
primary 'Jaroszewski, L.'     12 ? 
primary 'Klock, H.E.'         13 ? 
primary 'Koesema, E.'         14 ? 
primary 'Kovarik, J.S.'       15 ? 
primary 'Kreusch, A.'         16 ? 
primary 'Kuhn, P.'            17 ? 
primary 'Lesley, S.A.'        18 ? 
primary 'McMullan, D.'        19 ? 
primary 'McPhillips, T.M.'    20 ? 
primary 'Miller, M.D.'        21 ? 
primary 'Morse, A.'           22 ? 
primary 'Moy, K.'             23 ? 
primary 'Ouyang, J.'          24 ? 
primary 'Page, R.'            25 ? 
primary 'Robb, A.'            26 ? 
primary 'Quijano, K.'         27 ? 
primary 'Schwarzenbacher, R.' 28 ? 
primary 'Spraggon, G.'        29 ? 
primary 'Stevens, R.C.'       30 ? 
primary 'van den Bedem, H.'   31 ? 
primary 'Velasquez, J.'       32 ? 
primary 'Vincent, J.'         33 ? 
primary 'Wang, X.'            34 ? 
primary 'West, B.'            35 ? 
primary 'Wolf, G.'            36 ? 
primary 'Hodgson, K.O.'       37 ? 
primary 'Wooley, J.'          38 ? 
primary 'Wilson, I.A.'        39 ? 
# 
loop_
_entity.id 
_entity.type 
_entity.src_method 
_entity.pdbx_description 
_entity.formula_weight 
_entity.pdbx_number_of_molecules 
_entity.pdbx_ec 
_entity.pdbx_mutation 
_entity.pdbx_fragment 
_entity.details 
1 polymer man 'conserved hypothetical protein TM0613' 15622.404 1   ? ? ? ? 
2 water   nat water                                   18.015    128 ? ? ? ? 
# 
_entity_poly.entity_id                      1 
_entity_poly.type                           'polypeptide(L)' 
_entity_poly.nstd_linkage                   no 
_entity_poly.nstd_monomer                   yes 
_entity_poly.pdbx_seq_one_letter_code       
;MGSDKIHHHHHHMDAAKDDLEHAKHDLEHGFYNWACFSSQQAAEKAVKAVFQR(MSE)GAQAWGYSVPDFLGELSSRFEI
PEELMDHALELDKACIPTRYPDALPSGSPRNRYSRIEAERLVNYAEKIIRFCEDLLSRI
;
_entity_poly.pdbx_seq_one_letter_code_can   
;MGSDKIHHHHHHMDAAKDDLEHAKHDLEHGFYNWACFSSQQAAEKAVKAVFQRMGAQAWGYSVPDFLGELSSRFEIPEEL
MDHALELDKACIPTRYPDALPSGSPRNRYSRIEAERLVNYAEKIIRFCEDLLSRI
;
_entity_poly.pdbx_strand_id                 A 
_entity_poly.pdbx_target_identifier         282486 
# 
_pdbx_entity_nonpoly.entity_id   2 
_pdbx_entity_nonpoly.name        water 
_pdbx_entity_nonpoly.comp_id     HOH 
# 
loop_
_entity_poly_seq.entity_id 
_entity_poly_seq.num 
_entity_poly_seq.mon_id 
_entity_poly_seq.hetero 
1 1   MET n 
1 2   GLY n 
1 3   SER n 
1 4   ASP n 
1 5   LYS n 
1 6   ILE n 
1 7   HIS n 
1 8   HIS n 
1 9   HIS n 
1 10  HIS n 
1 11  HIS n 
1 12  HIS n 
1 13  MET n 
1 14  ASP n 
1 15  ALA n 
1 16  ALA n 
1 17  LYS n 
1 18  ASP n 
1 19  ASP n 
1 20  LEU n 
1 21  GLU n 
1 22  HIS n 
1 23  ALA n 
1 24  LYS n 
1 25  HIS n 
1 26  ASP n 
1 27  LEU n 
1 28  GLU n 
1 29  HIS n 
1 30  GLY n 
1 31  PHE n 
1 32  TYR n 
1 33  ASN n 
1 34  TRP n 
1 35  ALA n 
1 36  CYS n 
1 37  PHE n 
1 38  SER n 
1 39  SER n 
1 40  GLN n 
1 41  GLN n 
1 42  ALA n 
1 43  ALA n 
1 44  GLU n 
1 45  LYS n 
1 46  ALA n 
1 47  VAL n 
1 48  LYS n 
1 49  ALA n 
1 50  VAL n 
1 51  PHE n 
1 52  GLN n 
1 53  ARG n 
1 54  MSE n 
1 55  GLY n 
1 56  ALA n 
1 57  GLN n 
1 58  ALA n 
1 59  TRP n 
1 60  GLY n 
1 61  TYR n 
1 62  SER n 
1 63  VAL n 
1 64  PRO n 
1 65  ASP n 
1 66  PHE n 
1 67  LEU n 
1 68  GLY n 
1 69  GLU n 
1 70  LEU n 
1 71  SER n 
1 72  SER n 
1 73  ARG n 
1 74  PHE n 
1 75  GLU n 
1 76  ILE n 
1 77  PRO n 
1 78  GLU n 
1 79  GLU n 
1 80  LEU n 
1 81  MET n 
1 82  ASP n 
1 83  HIS n 
1 84  ALA n 
1 85  LEU n 
1 86  GLU n 
1 87  LEU n 
1 88  ASP n 
1 89  LYS n 
1 90  ALA n 
1 91  CYS n 
1 92  ILE n 
1 93  PRO n 
1 94  THR n 
1 95  ARG n 
1 96  TYR n 
1 97  PRO n 
1 98  ASP n 
1 99  ALA n 
1 100 LEU n 
1 101 PRO n 
1 102 SER n 
1 103 GLY n 
1 104 SER n 
1 105 PRO n 
1 106 ARG n 
1 107 ASN n 
1 108 ARG n 
1 109 TYR n 
1 110 SER n 
1 111 ARG n 
1 112 ILE n 
1 113 GLU n 
1 114 ALA n 
1 115 GLU n 
1 116 ARG n 
1 117 LEU n 
1 118 VAL n 
1 119 ASN n 
1 120 TYR n 
1 121 ALA n 
1 122 GLU n 
1 123 LYS n 
1 124 ILE n 
1 125 ILE n 
1 126 ARG n 
1 127 PHE n 
1 128 CYS n 
1 129 GLU n 
1 130 ASP n 
1 131 LEU n 
1 132 LEU n 
1 133 SER n 
1 134 ARG n 
1 135 ILE n 
# 
_entity_src_gen.entity_id                          1 
_entity_src_gen.pdbx_src_id                        1 
_entity_src_gen.pdbx_alt_source_flag               sample 
_entity_src_gen.pdbx_seq_type                      ? 
_entity_src_gen.pdbx_beg_seq_num                   ? 
_entity_src_gen.pdbx_end_seq_num                   ? 
_entity_src_gen.gene_src_common_name               ? 
_entity_src_gen.gene_src_genus                     Thermotoga 
_entity_src_gen.pdbx_gene_src_gene                 TM0613 
_entity_src_gen.gene_src_species                   ? 
_entity_src_gen.gene_src_strain                    ? 
_entity_src_gen.gene_src_tissue                    ? 
_entity_src_gen.gene_src_tissue_fraction           ? 
_entity_src_gen.gene_src_details                   ? 
_entity_src_gen.pdbx_gene_src_fragment             ? 
_entity_src_gen.pdbx_gene_src_scientific_name      'Thermotoga maritima' 
_entity_src_gen.pdbx_gene_src_ncbi_taxonomy_id     2336 
_entity_src_gen.pdbx_gene_src_variant              ? 
_entity_src_gen.pdbx_gene_src_cell_line            ? 
_entity_src_gen.pdbx_gene_src_atcc                 ? 
_entity_src_gen.pdbx_gene_src_organ                ? 
_entity_src_gen.pdbx_gene_src_organelle            ? 
_entity_src_gen.pdbx_gene_src_cell                 ? 
_entity_src_gen.pdbx_gene_src_cellular_location    ? 
_entity_src_gen.host_org_common_name               ? 
_entity_src_gen.pdbx_host_org_scientific_name      'Escherichia coli' 
_entity_src_gen.pdbx_host_org_ncbi_taxonomy_id     562 
_entity_src_gen.host_org_genus                     Escherichia 
_entity_src_gen.pdbx_host_org_gene                 ? 
_entity_src_gen.pdbx_host_org_organ                ? 
_entity_src_gen.host_org_species                   ? 
_entity_src_gen.pdbx_host_org_tissue               ? 
_entity_src_gen.pdbx_host_org_tissue_fraction      ? 
_entity_src_gen.pdbx_host_org_strain               ? 
_entity_src_gen.pdbx_host_org_variant              ? 
_entity_src_gen.pdbx_host_org_cell_line            ? 
_entity_src_gen.pdbx_host_org_atcc                 ? 
_entity_src_gen.pdbx_host_org_culture_collection   ? 
_entity_src_gen.pdbx_host_org_cell                 ? 
_entity_src_gen.pdbx_host_org_organelle            ? 
_entity_src_gen.pdbx_host_org_cellular_location    ? 
_entity_src_gen.pdbx_host_org_vector_type          PLASMID 
_entity_src_gen.pdbx_host_org_vector               ? 
_entity_src_gen.host_org_details                   ? 
_entity_src_gen.expression_system_id               ? 
_entity_src_gen.plasmid_name                       ? 
_entity_src_gen.plasmid_details                    ? 
_entity_src_gen.pdbx_description                   ? 
# 
loop_
_chem_comp.id 
_chem_comp.type 
_chem_comp.mon_nstd_flag 
_chem_comp.name 
_chem_comp.pdbx_synonyms 
_chem_comp.formula 
_chem_comp.formula_weight 
ALA 'L-peptide linking' y ALANINE          ? 'C3 H7 N O2'     89.093  
ARG 'L-peptide linking' y ARGININE         ? 'C6 H15 N4 O2 1' 175.209 
ASN 'L-peptide linking' y ASPARAGINE       ? 'C4 H8 N2 O3'    132.118 
ASP 'L-peptide linking' y 'ASPARTIC ACID'  ? 'C4 H7 N O4'     133.103 
CYS 'L-peptide linking' y CYSTEINE         ? 'C3 H7 N O2 S'   121.158 
GLN 'L-peptide linking' y GLUTAMINE        ? 'C5 H10 N2 O3'   146.144 
GLU 'L-peptide linking' y 'GLUTAMIC ACID'  ? 'C5 H9 N O4'     147.129 
GLY 'peptide linking'   y GLYCINE          ? 'C2 H5 N O2'     75.067  
HIS 'L-peptide linking' y HISTIDINE        ? 'C6 H10 N3 O2 1' 156.162 
HOH non-polymer         . WATER            ? 'H2 O'           18.015  
ILE 'L-peptide linking' y ISOLEUCINE       ? 'C6 H13 N O2'    131.173 
LEU 'L-peptide linking' y LEUCINE          ? 'C6 H13 N O2'    131.173 
LYS 'L-peptide linking' y LYSINE           ? 'C6 H15 N2 O2 1' 147.195 
MET 'L-peptide linking' y METHIONINE       ? 'C5 H11 N O2 S'  149.211 
MSE 'L-peptide linking' n SELENOMETHIONINE ? 'C5 H11 N O2 Se' 196.106 
PHE 'L-peptide linking' y PHENYLALANINE    ? 'C9 H11 N O2'    165.189 
PRO 'L-peptide linking' y PROLINE          ? 'C5 H9 N O2'     115.130 
SER 'L-peptide linking' y SERINE           ? 'C3 H7 N O3'     105.093 
THR 'L-peptide linking' y THREONINE        ? 'C4 H9 N O3'     119.119 
TRP 'L-peptide linking' y TRYPTOPHAN       ? 'C11 H12 N2 O2'  204.225 
TYR 'L-peptide linking' y TYROSINE         ? 'C9 H11 N O3'    181.189 
VAL 'L-peptide linking' y VALINE           ? 'C5 H11 N O2'    117.146 
# 
loop_
_pdbx_poly_seq_scheme.asym_id 
_pdbx_poly_seq_scheme.entity_id 
_pdbx_poly_seq_scheme.seq_id 
_pdbx_poly_seq_scheme.mon_id 
_pdbx_poly_seq_scheme.ndb_seq_num 
_pdbx_poly_seq_scheme.pdb_seq_num 
_pdbx_poly_seq_scheme.auth_seq_num 
_pdbx_poly_seq_scheme.pdb_mon_id 
_pdbx_poly_seq_scheme.auth_mon_id 
_pdbx_poly_seq_scheme.pdb_strand_id 
_pdbx_poly_seq_scheme.pdb_ins_code 
_pdbx_poly_seq_scheme.hetero 
A 1 1   MET 1   -11 ?   ?   ?   A . n 
A 1 2   GLY 2   -10 ?   ?   ?   A . n 
A 1 3   SER 3   -9  ?   ?   ?   A . n 
A 1 4   ASP 4   -8  ?   ?   ?   A . n 
A 1 5   LYS 5   -7  ?   ?   ?   A . n 
A 1 6   ILE 6   -6  ?   ?   ?   A . n 
A 1 7   HIS 7   -5  ?   ?   ?   A . n 
A 1 8   HIS 8   -4  ?   ?   ?   A . n 
A 1 9   HIS 9   -3  ?   ?   ?   A . n 
A 1 10  HIS 10  -2  -2  HIS HIS A . n 
A 1 11  HIS 11  -1  -1  HIS HIS A . n 
A 1 12  HIS 12  0   0   HIS HIS A . n 
A 1 13  MET 13  1   1   MET MET A . n 
A 1 14  ASP 14  2   2   ASP ASP A . n 
A 1 15  ALA 15  3   3   ALA ALA A . n 
A 1 16  ALA 16  4   4   ALA ALA A . n 
A 1 17  LYS 17  5   5   LYS LYS A . n 
A 1 18  ASP 18  6   6   ASP ASP A . n 
A 1 19  ASP 19  7   7   ASP ASP A . n 
A 1 20  LEU 20  8   8   LEU LEU A . n 
A 1 21  GLU 21  9   9   GLU GLU A . n 
A 1 22  HIS 22  10  10  HIS HIS A . n 
A 1 23  ALA 23  11  11  ALA ALA A . n 
A 1 24  LYS 24  12  12  LYS LYS A . n 
A 1 25  HIS 25  13  13  HIS HIS A . n 
A 1 26  ASP 26  14  14  ASP ASP A . n 
A 1 27  LEU 27  15  15  LEU LEU A . n 
A 1 28  GLU 28  16  16  GLU GLU A . n 
A 1 29  HIS 29  17  17  HIS HIS A . n 
A 1 30  GLY 30  18  18  GLY GLY A . n 
A 1 31  PHE 31  19  19  PHE PHE A . n 
A 1 32  TYR 32  20  20  TYR TYR A . n 
A 1 33  ASN 33  21  21  ASN ASN A . n 
A 1 34  TRP 34  22  22  TRP TRP A . n 
A 1 35  ALA 35  23  23  ALA ALA A . n 
A 1 36  CYS 36  24  24  CYS CYS A . n 
A 1 37  PHE 37  25  25  PHE PHE A . n 
A 1 38  SER 38  26  26  SER SER A . n 
A 1 39  SER 39  27  27  SER SER A . n 
A 1 40  GLN 40  28  28  GLN GLN A . n 
A 1 41  GLN 41  29  29  GLN GLN A . n 
A 1 42  ALA 42  30  30  ALA ALA A . n 
A 1 43  ALA 43  31  31  ALA ALA A . n 
A 1 44  GLU 44  32  32  GLU GLU A . n 
A 1 45  LYS 45  33  33  LYS LYS A . n 
A 1 46  ALA 46  34  34  ALA ALA A . n 
A 1 47  VAL 47  35  35  VAL VAL A . n 
A 1 48  LYS 48  36  36  LYS LYS A . n 
A 1 49  ALA 49  37  37  ALA ALA A . n 
A 1 50  VAL 50  38  38  VAL VAL A . n 
A 1 51  PHE 51  39  39  PHE PHE A . n 
A 1 52  GLN 52  40  40  GLN GLN A . n 
A 1 53  ARG 53  41  41  ARG ARG A . n 
A 1 54  MSE 54  42  42  MSE MSE A . n 
A 1 55  GLY 55  43  43  GLY GLY A . n 
A 1 56  ALA 56  44  44  ALA ALA A . n 
A 1 57  GLN 57  45  45  GLN GLN A . n 
A 1 58  ALA 58  46  46  ALA ALA A . n 
A 1 59  TRP 59  47  47  TRP TRP A . n 
A 1 60  GLY 60  48  48  GLY GLY A . n 
A 1 61  TYR 61  49  49  TYR TYR A . n 
A 1 62  SER 62  50  50  SER SER A . n 
A 1 63  VAL 63  51  51  VAL VAL A . n 
A 1 64  PRO 64  52  52  PRO PRO A . n 
A 1 65  ASP 65  53  53  ASP ASP A . n 
A 1 66  PHE 66  54  54  PHE PHE A . n 
A 1 67  LEU 67  55  55  LEU LEU A . n 
A 1 68  GLY 68  56  56  GLY GLY A . n 
A 1 69  GLU 69  57  57  GLU GLU A . n 
A 1 70  LEU 70  58  58  LEU LEU A . n 
A 1 71  SER 71  59  59  SER SER A . n 
A 1 72  SER 72  60  60  SER SER A . n 
A 1 73  ARG 73  61  61  ARG ARG A . n 
A 1 74  PHE 74  62  62  PHE PHE A . n 
A 1 75  GLU 75  63  63  GLU GLU A . n 
A 1 76  ILE 76  64  64  ILE ILE A . n 
A 1 77  PRO 77  65  65  PRO PRO A . n 
A 1 78  GLU 78  66  66  GLU GLU A . n 
A 1 79  GLU 79  67  67  GLU GLU A . n 
A 1 80  LEU 80  68  68  LEU LEU A . n 
A 1 81  MET 81  69  69  MET MET A . n 
A 1 82  ASP 82  70  70  ASP ASP A . n 
A 1 83  HIS 83  71  71  HIS HIS A . n 
A 1 84  ALA 84  72  72  ALA ALA A . n 
A 1 85  LEU 85  73  73  LEU LEU A . n 
A 1 86  GLU 86  74  74  GLU GLU A . n 
A 1 87  LEU 87  75  75  LEU LEU A . n 
A 1 88  ASP 88  76  76  ASP ASP A . n 
A 1 89  LYS 89  77  77  LYS LYS A . n 
A 1 90  ALA 90  78  78  ALA ALA A . n 
A 1 91  CYS 91  79  79  CYS CYS A . n 
A 1 92  ILE 92  80  ?   ?   ?   A . n 
A 1 93  PRO 93  81  ?   ?   ?   A . n 
A 1 94  THR 94  82  ?   ?   ?   A . n 
A 1 95  ARG 95  83  ?   ?   ?   A . n 
A 1 96  TYR 96  84  ?   ?   ?   A . n 
A 1 97  PRO 97  85  ?   ?   ?   A . n 
A 1 98  ASP 98  86  86  ASP ASP A . n 
A 1 99  ALA 99  87  87  ALA ALA A . n 
A 1 100 LEU 100 88  88  LEU LEU A . n 
A 1 101 PRO 101 89  89  PRO PRO A . n 
A 1 102 SER 102 90  90  SER SER A . n 
A 1 103 GLY 103 91  91  GLY GLY A . n 
A 1 104 SER 104 92  92  SER SER A . n 
A 1 105 PRO 105 93  93  PRO PRO A . n 
A 1 106 ARG 106 94  94  ARG ARG A . n 
A 1 107 ASN 107 95  95  ASN ASN A . n 
A 1 108 ARG 108 96  96  ARG ARG A . n 
A 1 109 TYR 109 97  97  TYR TYR A . n 
A 1 110 SER 110 98  98  SER SER A . n 
A 1 111 ARG 111 99  99  ARG ARG A . n 
A 1 112 ILE 112 100 100 ILE ILE A . n 
A 1 113 GLU 113 101 101 GLU GLU A . n 
A 1 114 ALA 114 102 102 ALA ALA A . n 
A 1 115 GLU 115 103 103 GLU GLU A . n 
A 1 116 ARG 116 104 104 ARG ARG A . n 
A 1 117 LEU 117 105 105 LEU LEU A . n 
A 1 118 VAL 118 106 106 VAL VAL A . n 
A 1 119 ASN 119 107 107 ASN ASN A . n 
A 1 120 TYR 120 108 108 TYR TYR A . n 
A 1 121 ALA 121 109 109 ALA ALA A . n 
A 1 122 GLU 122 110 110 GLU GLU A . n 
A 1 123 LYS 123 111 111 LYS LYS A . n 
A 1 124 ILE 124 112 112 ILE ILE A . n 
A 1 125 ILE 125 113 113 ILE ILE A . n 
A 1 126 ARG 126 114 114 ARG ARG A . n 
A 1 127 PHE 127 115 115 PHE PHE A . n 
A 1 128 CYS 128 116 116 CYS CYS A . n 
A 1 129 GLU 129 117 117 GLU GLU A . n 
A 1 130 ASP 130 118 118 ASP ASP A . n 
A 1 131 LEU 131 119 119 LEU LEU A . n 
A 1 132 LEU 132 120 120 LEU LEU A . n 
A 1 133 SER 133 121 121 SER SER A . n 
A 1 134 ARG 134 122 122 ARG ARG A . n 
A 1 135 ILE 135 123 123 ILE ILE A . n 
# 
loop_
_pdbx_nonpoly_scheme.asym_id 
_pdbx_nonpoly_scheme.entity_id 
_pdbx_nonpoly_scheme.mon_id 
_pdbx_nonpoly_scheme.ndb_seq_num 
_pdbx_nonpoly_scheme.pdb_seq_num 
_pdbx_nonpoly_scheme.auth_seq_num 
_pdbx_nonpoly_scheme.pdb_mon_id 
_pdbx_nonpoly_scheme.auth_mon_id 
_pdbx_nonpoly_scheme.pdb_strand_id 
_pdbx_nonpoly_scheme.pdb_ins_code 
B 2 HOH 1   124 1   HOH HOH A . 
B 2 HOH 2   125 2   HOH HOH A . 
B 2 HOH 3   126 3   HOH HOH A . 
B 2 HOH 4   127 4   HOH HOH A . 
B 2 HOH 5   128 5   HOH HOH A . 
B 2 HOH 6   129 6   HOH HOH A . 
B 2 HOH 7   130 7   HOH HOH A . 
B 2 HOH 8   131 8   HOH HOH A . 
B 2 HOH 9   132 9   HOH HOH A . 
B 2 HOH 10  133 10  HOH HOH A . 
B 2 HOH 11  134 11  HOH HOH A . 
B 2 HOH 12  135 12  HOH HOH A . 
B 2 HOH 13  136 13  HOH HOH A . 
B 2 HOH 14  137 14  HOH HOH A . 
B 2 HOH 15  138 15  HOH HOH A . 
B 2 HOH 16  139 16  HOH HOH A . 
B 2 HOH 17  140 17  HOH HOH A . 
B 2 HOH 18  141 18  HOH HOH A . 
B 2 HOH 19  142 19  HOH HOH A . 
B 2 HOH 20  143 20  HOH HOH A . 
B 2 HOH 21  144 21  HOH HOH A . 
B 2 HOH 22  145 22  HOH HOH A . 
B 2 HOH 23  146 23  HOH HOH A . 
B 2 HOH 24  147 24  HOH HOH A . 
B 2 HOH 25  148 25  HOH HOH A . 
B 2 HOH 26  149 26  HOH HOH A . 
B 2 HOH 27  150 27  HOH HOH A . 
B 2 HOH 28  151 28  HOH HOH A . 
B 2 HOH 29  152 29  HOH HOH A . 
B 2 HOH 30  153 30  HOH HOH A . 
B 2 HOH 31  154 31  HOH HOH A . 
B 2 HOH 32  155 32  HOH HOH A . 
B 2 HOH 33  156 33  HOH HOH A . 
B 2 HOH 34  157 34  HOH HOH A . 
B 2 HOH 35  158 35  HOH HOH A . 
B 2 HOH 36  159 36  HOH HOH A . 
B 2 HOH 37  160 37  HOH HOH A . 
B 2 HOH 38  161 38  HOH HOH A . 
B 2 HOH 39  162 39  HOH HOH A . 
B 2 HOH 40  163 40  HOH HOH A . 
B 2 HOH 41  164 41  HOH HOH A . 
B 2 HOH 42  165 42  HOH HOH A . 
B 2 HOH 43  166 43  HOH HOH A . 
B 2 HOH 44  167 44  HOH HOH A . 
B 2 HOH 45  168 45  HOH HOH A . 
B 2 HOH 46  169 46  HOH HOH A . 
B 2 HOH 47  170 47  HOH HOH A . 
B 2 HOH 48  171 48  HOH HOH A . 
B 2 HOH 49  172 49  HOH HOH A . 
B 2 HOH 50  173 50  HOH HOH A . 
B 2 HOH 51  174 51  HOH HOH A . 
B 2 HOH 52  175 52  HOH HOH A . 
B 2 HOH 53  176 53  HOH HOH A . 
B 2 HOH 54  177 54  HOH HOH A . 
B 2 HOH 55  178 55  HOH HOH A . 
B 2 HOH 56  179 56  HOH HOH A . 
B 2 HOH 57  180 57  HOH HOH A . 
B 2 HOH 58  181 58  HOH HOH A . 
B 2 HOH 59  182 59  HOH HOH A . 
B 2 HOH 60  183 60  HOH HOH A . 
B 2 HOH 61  184 61  HOH HOH A . 
B 2 HOH 62  185 62  HOH HOH A . 
B 2 HOH 63  186 63  HOH HOH A . 
B 2 HOH 64  187 64  HOH HOH A . 
B 2 HOH 65  188 65  HOH HOH A . 
B 2 HOH 66  189 66  HOH HOH A . 
B 2 HOH 67  190 67  HOH HOH A . 
B 2 HOH 68  191 68  HOH HOH A . 
B 2 HOH 69  192 69  HOH HOH A . 
B 2 HOH 70  193 70  HOH HOH A . 
B 2 HOH 71  194 71  HOH HOH A . 
B 2 HOH 72  195 72  HOH HOH A . 
B 2 HOH 73  196 73  HOH HOH A . 
B 2 HOH 74  197 74  HOH HOH A . 
B 2 HOH 75  198 75  HOH HOH A . 
B 2 HOH 76  199 76  HOH HOH A . 
B 2 HOH 77  200 77  HOH HOH A . 
B 2 HOH 78  201 78  HOH HOH A . 
B 2 HOH 79  202 79  HOH HOH A . 
B 2 HOH 80  203 80  HOH HOH A . 
B 2 HOH 81  204 81  HOH HOH A . 
B 2 HOH 82  205 82  HOH HOH A . 
B 2 HOH 83  206 83  HOH HOH A . 
B 2 HOH 84  207 84  HOH HOH A . 
B 2 HOH 85  208 85  HOH HOH A . 
B 2 HOH 86  209 86  HOH HOH A . 
B 2 HOH 87  210 87  HOH HOH A . 
B 2 HOH 88  211 88  HOH HOH A . 
B 2 HOH 89  212 89  HOH HOH A . 
B 2 HOH 90  213 90  HOH HOH A . 
B 2 HOH 91  214 91  HOH HOH A . 
B 2 HOH 92  215 92  HOH HOH A . 
B 2 HOH 93  216 93  HOH HOH A . 
B 2 HOH 94  217 94  HOH HOH A . 
B 2 HOH 95  218 95  HOH HOH A . 
B 2 HOH 96  219 96  HOH HOH A . 
B 2 HOH 97  220 97  HOH HOH A . 
B 2 HOH 98  221 98  HOH HOH A . 
B 2 HOH 99  222 99  HOH HOH A . 
B 2 HOH 100 223 100 HOH HOH A . 
B 2 HOH 101 224 101 HOH HOH A . 
B 2 HOH 102 225 102 HOH HOH A . 
B 2 HOH 103 226 103 HOH HOH A . 
B 2 HOH 104 227 104 HOH HOH A . 
B 2 HOH 105 228 105 HOH HOH A . 
B 2 HOH 106 229 106 HOH HOH A . 
B 2 HOH 107 230 107 HOH HOH A . 
B 2 HOH 108 231 108 HOH HOH A . 
B 2 HOH 109 232 109 HOH HOH A . 
B 2 HOH 110 233 110 HOH HOH A . 
B 2 HOH 111 234 111 HOH HOH A . 
B 2 HOH 112 235 112 HOH HOH A . 
B 2 HOH 113 236 113 HOH HOH A . 
B 2 HOH 114 237 114 HOH HOH A . 
B 2 HOH 115 238 115 HOH HOH A . 
B 2 HOH 116 239 116 HOH HOH A . 
B 2 HOH 117 240 117 HOH HOH A . 
B 2 HOH 118 241 118 HOH HOH A . 
B 2 HOH 119 242 119 HOH HOH A . 
B 2 HOH 120 243 120 HOH HOH A . 
B 2 HOH 121 244 121 HOH HOH A . 
B 2 HOH 122 245 122 HOH HOH A . 
B 2 HOH 123 246 124 HOH HOH A . 
B 2 HOH 124 247 125 HOH HOH A . 
B 2 HOH 125 248 126 HOH HOH A . 
B 2 HOH 126 249 127 HOH HOH A . 
B 2 HOH 127 250 128 HOH HOH A . 
B 2 HOH 128 251 129 HOH HOH A . 
# 
loop_
_pdbx_unobs_or_zero_occ_atoms.id 
_pdbx_unobs_or_zero_occ_atoms.PDB_model_num 
_pdbx_unobs_or_zero_occ_atoms.polymer_flag 
_pdbx_unobs_or_zero_occ_atoms.occupancy_flag 
_pdbx_unobs_or_zero_occ_atoms.auth_asym_id 
_pdbx_unobs_or_zero_occ_atoms.auth_comp_id 
_pdbx_unobs_or_zero_occ_atoms.auth_seq_id 
_pdbx_unobs_or_zero_occ_atoms.PDB_ins_code 
_pdbx_unobs_or_zero_occ_atoms.auth_atom_id 
_pdbx_unobs_or_zero_occ_atoms.label_alt_id 
_pdbx_unobs_or_zero_occ_atoms.label_asym_id 
_pdbx_unobs_or_zero_occ_atoms.label_comp_id 
_pdbx_unobs_or_zero_occ_atoms.label_seq_id 
_pdbx_unobs_or_zero_occ_atoms.label_atom_id 
1 1 Y 1 A LYS 5   ? CE  ? A LYS 17  CE  
2 1 Y 1 A LYS 5   ? NZ  ? A LYS 17  NZ  
3 1 Y 1 A LYS 36  ? NZ  ? A LYS 48  NZ  
4 1 Y 1 A ARG 122 ? NE  ? A ARG 134 NE  
5 1 Y 1 A ARG 122 ? CZ  ? A ARG 134 CZ  
6 1 Y 1 A ARG 122 ? NH1 ? A ARG 134 NH1 
7 1 Y 1 A ARG 122 ? NH2 ? A ARG 134 NH2 
# 
loop_
_software.name 
_software.classification 
_software.version 
_software.citation_id 
_software.pdbx_ordinal 
MOSFLM  'data reduction' .         ? 1 
SCALA   'data scaling'   .         ? 2 
RESOLVE 'model building' .         ? 3 
SOLVE   phasing          .         ? 4 
REFMAC  refinement       .         ? 5 
CCP4    'data scaling'   '(SCALA)' ? 6 
RESOLVE phasing          .         ? 7 
# 
_cell.length_a           57.922 
_cell.length_b           57.922 
_cell.length_c           63.735 
_cell.angle_alpha        90.00 
_cell.angle_beta         90.00 
_cell.angle_gamma        90.00 
_cell.entry_id           1O3U 
_cell.pdbx_unique_axis   ? 
_cell.Z_PDB              8 
# 
_symmetry.space_group_name_H-M             'P 41 21 2' 
_symmetry.entry_id                         1O3U 
_symmetry.pdbx_full_space_group_name_H-M   ? 
_symmetry.Int_Tables_number                92 
_symmetry.cell_setting                     ? 
_symmetry.space_group_name_Hall            ? 
# 
_exptl.entry_id          1O3U 
_exptl.crystals_number   1 
_exptl.method            'X-RAY DIFFRACTION' 
# 
_exptl_crystal.id                    1 
_exptl_crystal.density_meas          ? 
_exptl_crystal.density_Matthews      1.74 
_exptl_crystal.density_percent_sol   28.84 
_exptl_crystal.description           ? 
_exptl_crystal.F_000                 ? 
_exptl_crystal.preparation           ? 
# 
_exptl_crystal_grow.crystal_id      1 
_exptl_crystal_grow.method          ? 
_exptl_crystal_grow.temp            293 
_exptl_crystal_grow.temp_details    ? 
_exptl_crystal_grow.pH              8.00 
_exptl_crystal_grow.pdbx_details    
'10% PEG 8000; Imidazole pH 8.0; 0.2 M Ca(Ac)2, VAPOR DIFFUSION,SITTING DROP,NANODROP, temperature 293K, pH 8.00' 
_exptl_crystal_grow.pdbx_pH_range   . 
# 
_diffrn.id                     1 
_diffrn.ambient_temp           100.0 
_diffrn.ambient_temp_details   ? 
_diffrn.crystal_id             1 
# 
_diffrn_detector.diffrn_id              1 
_diffrn_detector.detector               CCD 
_diffrn_detector.type                   ADSC 
_diffrn_detector.pdbx_collection_date   2002-12-11 
_diffrn_detector.details                ? 
# 
_diffrn_radiation.diffrn_id                        1 
_diffrn_radiation.wavelength_id                    1 
_diffrn_radiation.pdbx_monochromatic_or_laue_m_l   M 
_diffrn_radiation.monochromator                    'DOUBLE-CRYSTAL SI(111)' 
_diffrn_radiation.pdbx_diffrn_protocol             MAD 
_diffrn_radiation.pdbx_scattering_type             x-ray 
# 
loop_
_diffrn_radiation_wavelength.id 
_diffrn_radiation_wavelength.wavelength 
_diffrn_radiation_wavelength.wt 
1 0.97910 1.0 
2 0.97930 1.0 
3 0.91840 1.0 
# 
_diffrn_source.diffrn_id                   1 
_diffrn_source.source                      SYNCHROTRON 
_diffrn_source.type                        'ALS BEAMLINE 5.0.2' 
_diffrn_source.pdbx_synchrotron_site       ALS 
_diffrn_source.pdbx_synchrotron_beamline   5.0.2 
_diffrn_source.pdbx_wavelength             ? 
_diffrn_source.pdbx_wavelength_list        '0.97910, 0.97930, 0.91840' 
# 
_reflns.entry_id                     1O3U 
_reflns.observed_criterion_sigma_I   ? 
_reflns.observed_criterion_sigma_F   ? 
_reflns.d_resolution_low             25.904 
_reflns.d_resolution_high            1.750 
_reflns.number_obs                   10935 
_reflns.number_all                   ? 
_reflns.percent_possible_obs         95.6 
_reflns.pdbx_Rmerge_I_obs            ? 
_reflns.pdbx_Rsym_value              0.076 
_reflns.pdbx_netI_over_sigmaI        16.5000 
_reflns.B_iso_Wilson_estimate        27.98 
_reflns.pdbx_redundancy              5.100 
_reflns.R_free_details               ? 
_reflns.limit_h_max                  ? 
_reflns.limit_h_min                  ? 
_reflns.limit_k_max                  ? 
_reflns.limit_k_min                  ? 
_reflns.limit_l_max                  ? 
_reflns.limit_l_min                  ? 
_reflns.observed_criterion_F_max     ? 
_reflns.observed_criterion_F_min     ? 
_reflns.pdbx_chi_squared             ? 
_reflns.pdbx_scaling_rejects         ? 
_reflns.pdbx_ordinal                 1 
_reflns.pdbx_diffrn_id               1 
# 
_reflns_shell.d_res_high             1.75 
_reflns_shell.d_res_low              1.80 
_reflns_shell.percent_possible_all   72.3 
_reflns_shell.Rmerge_I_obs           ? 
_reflns_shell.pdbx_Rsym_value        0.417 
_reflns_shell.meanI_over_sigI_obs    2.200 
_reflns_shell.pdbx_redundancy        2.30 
_reflns_shell.percent_possible_obs   ? 
_reflns_shell.number_unique_all      ? 
_reflns_shell.number_measured_all    ? 
_reflns_shell.number_measured_obs    ? 
_reflns_shell.number_unique_obs      ? 
_reflns_shell.pdbx_chi_squared       ? 
_reflns_shell.pdbx_ordinal           1 
_reflns_shell.pdbx_diffrn_id         1 
# 
_refine.entry_id                                 1O3U 
_refine.ls_number_reflns_obs                     9855 
_refine.ls_number_reflns_all                     ? 
_refine.pdbx_ls_sigma_I                          ? 
_refine.pdbx_ls_sigma_F                          0.000 
_refine.pdbx_data_cutoff_high_absF               ? 
_refine.pdbx_data_cutoff_low_absF                ? 
_refine.pdbx_data_cutoff_high_rms_absF           ? 
_refine.ls_d_res_low                             25.90 
_refine.ls_d_res_high                            1.75 
_refine.ls_percent_reflns_obs                    95.5 
_refine.ls_R_factor_obs                          0.185 
_refine.ls_R_factor_all                          ? 
_refine.ls_R_factor_R_work                       0.179 
_refine.ls_R_factor_R_free                       0.237 
_refine.ls_R_factor_R_free_error                 ? 
_refine.ls_R_factor_R_free_error_details         ? 
_refine.ls_percent_reflns_R_free                 9.900 
_refine.ls_number_reflns_R_free                  1079 
_refine.ls_number_parameters                     ? 
_refine.ls_number_restraints                     ? 
_refine.occupancy_min                            ? 
_refine.occupancy_max                            ? 
_refine.correlation_coeff_Fo_to_Fc               0.952 
_refine.correlation_coeff_Fo_to_Fc_free          0.926 
_refine.B_iso_mean                               16.26 
_refine.aniso_B[1][1]                            -0.44000 
_refine.aniso_B[2][2]                            -0.44000 
_refine.aniso_B[3][3]                            0.87000 
_refine.aniso_B[1][2]                            0.00000 
_refine.aniso_B[1][3]                            0.00000 
_refine.aniso_B[2][3]                            0.00000 
_refine.solvent_model_details                    'BABINET MODEL WITH MASK' 
_refine.solvent_model_param_ksol                 ? 
_refine.solvent_model_param_bsol                 ? 
_refine.pdbx_solvent_vdw_probe_radii             1.40 
_refine.pdbx_solvent_ion_probe_radii             0.80 
_refine.pdbx_solvent_shrinkage_radii             0.80 
_refine.pdbx_ls_cross_valid_method               THROUGHOUT 
_refine.details                                  ? 
_refine.pdbx_starting_model                      ? 
_refine.pdbx_method_to_determine_struct          MAD 
_refine.pdbx_isotropic_thermal_model             Isotropic 
_refine.pdbx_stereochemistry_target_values       ? 
_refine.pdbx_stereochem_target_val_spec_case     ? 
_refine.pdbx_R_Free_selection_details            RANDOM 
_refine.pdbx_overall_ESU_R                       0.147 
_refine.pdbx_overall_ESU_R_Free                  0.146 
_refine.overall_SU_ML                            0.095 
_refine.overall_SU_B                             6.266 
_refine.ls_redundancy_reflns_obs                 ? 
_refine.B_iso_min                                ? 
_refine.B_iso_max                                ? 
_refine.overall_SU_R_Cruickshank_DPI             ? 
_refine.overall_SU_R_free                        ? 
_refine.ls_wR_factor_R_free                      ? 
_refine.ls_wR_factor_R_work                      ? 
_refine.overall_FOM_free_R_set                   ? 
_refine.overall_FOM_work_R_set                   ? 
_refine.pdbx_refine_id                           'X-RAY DIFFRACTION' 
_refine.pdbx_TLS_residual_ADP_flag               'LIKELY RESIDUAL' 
_refine.pdbx_diffrn_id                           1 
_refine.pdbx_overall_phase_error                 ? 
_refine.pdbx_overall_SU_R_free_Cruickshank_DPI   ? 
_refine.pdbx_overall_SU_R_Blow_DPI               ? 
_refine.pdbx_overall_SU_R_free_Blow_DPI          ? 
# 
_refine_hist.pdbx_refine_id                   'X-RAY DIFFRACTION' 
_refine_hist.cycle_id                         LAST 
_refine_hist.pdbx_number_atoms_protein        963 
_refine_hist.pdbx_number_atoms_nucleic_acid   0 
_refine_hist.pdbx_number_atoms_ligand         0 
_refine_hist.number_atoms_solvent             128 
_refine_hist.number_atoms_total               1091 
_refine_hist.d_res_high                       1.75 
_refine_hist.d_res_low                        25.90 
# 
loop_
_refine_ls_restr.type 
_refine_ls_restr.dev_ideal 
_refine_ls_restr.dev_ideal_target 
_refine_ls_restr.weight 
_refine_ls_restr.number 
_refine_ls_restr.pdbx_refine_id 
_refine_ls_restr.pdbx_restraint_function 
r_bond_refined_d         0.016  0.021  ? 993  'X-RAY DIFFRACTION' ? 
r_bond_other_d           0.002  0.020  ? 859  'X-RAY DIFFRACTION' ? 
r_angle_refined_deg      1.255  1.932  ? 1338 'X-RAY DIFFRACTION' ? 
r_angle_other_deg        0.787  3.000  ? 1999 'X-RAY DIFFRACTION' ? 
r_dihedral_angle_1_deg   4.846  5.000  ? 118  'X-RAY DIFFRACTION' ? 
r_dihedral_angle_2_deg   37.000 23.889 ? 54   'X-RAY DIFFRACTION' ? 
r_dihedral_angle_3_deg   13.712 15.000 ? 168  'X-RAY DIFFRACTION' ? 
r_dihedral_angle_4_deg   19.450 15.000 ? 7    'X-RAY DIFFRACTION' ? 
r_chiral_restr           0.076  0.200  ? 136  'X-RAY DIFFRACTION' ? 
r_gen_planes_refined     0.005  0.020  ? 1117 'X-RAY DIFFRACTION' ? 
r_gen_planes_other       0.001  0.020  ? 212  'X-RAY DIFFRACTION' ? 
r_nbd_refined            0.211  0.200  ? 246  'X-RAY DIFFRACTION' ? 
r_nbd_other              0.235  0.200  ? 956  'X-RAY DIFFRACTION' ? 
r_nbtor_refined          ?      ?      ? ?    'X-RAY DIFFRACTION' ? 
r_nbtor_other            0.086  0.200  ? 578  'X-RAY DIFFRACTION' ? 
r_xyhbond_nbd_refined    0.194  0.200  ? 65   'X-RAY DIFFRACTION' ? 
r_xyhbond_nbd_other      ?      ?      ? ?    'X-RAY DIFFRACTION' ? 
r_metal_ion_refined      ?      ?      ? ?    'X-RAY DIFFRACTION' ? 
r_metal_ion_other        ?      ?      ? ?    'X-RAY DIFFRACTION' ? 
r_symmetry_vdw_refined   0.166  0.200  ? 17   'X-RAY DIFFRACTION' ? 
r_symmetry_vdw_other     0.308  0.200  ? 49   'X-RAY DIFFRACTION' ? 
r_symmetry_hbond_refined 0.149  0.200  ? 29   'X-RAY DIFFRACTION' ? 
r_symmetry_hbond_other   ?      ?      ? ?    'X-RAY DIFFRACTION' ? 
r_mcbond_it              0.936  1.500  ? 599  'X-RAY DIFFRACTION' ? 
r_mcangle_it             1.813  2.000  ? 950  'X-RAY DIFFRACTION' ? 
r_scbond_it              3.051  3.000  ? 394  'X-RAY DIFFRACTION' ? 
r_scangle_it             5.162  4.500  ? 388  'X-RAY DIFFRACTION' ? 
r_rigid_bond_restr       ?      ?      ? ?    'X-RAY DIFFRACTION' ? 
r_sphericity_free        ?      ?      ? ?    'X-RAY DIFFRACTION' ? 
r_sphericity_bonded      ?      ?      ? ?    'X-RAY DIFFRACTION' ? 
# 
_refine_ls_shell.pdbx_total_number_of_bins_used   20 
_refine_ls_shell.d_res_high                       1.75 
_refine_ls_shell.d_res_low                        1.79 
_refine_ls_shell.number_reflns_R_work             524 
_refine_ls_shell.R_factor_R_work                  0.242 
_refine_ls_shell.percent_reflns_obs               ? 
_refine_ls_shell.R_factor_R_free                  0.323 
_refine_ls_shell.R_factor_R_free_error            ? 
_refine_ls_shell.percent_reflns_R_free            ? 
_refine_ls_shell.number_reflns_R_free             53 
_refine_ls_shell.redundancy_reflns_obs            ? 
_refine_ls_shell.number_reflns_all                ? 
_refine_ls_shell.number_reflns_obs                ? 
_refine_ls_shell.pdbx_refine_id                   'X-RAY DIFFRACTION' 
_refine_ls_shell.R_factor_all                     ? 
# 
_struct.entry_id                  1O3U 
_struct.title                     
'Crystal structure of an hepn domain protein (tm0613) from thermotoga maritima at 1.75 A resolution' 
_struct.pdbx_model_details        ? 
_struct.pdbx_CASP_flag            ? 
_struct.pdbx_model_type_details   ? 
# 
_struct_keywords.text            
'Structural genomics, Joint Center for Structural Genomics, JCSG, Protein Structure Initiative, PSI, unknown function' 
_struct_keywords.entry_id        1O3U 
_struct_keywords.pdbx_keywords   'UNKNOWN FUNCTION' 
# 
loop_
_struct_asym.id 
_struct_asym.pdbx_blank_PDB_chainid_flag 
_struct_asym.pdbx_modified 
_struct_asym.entity_id 
_struct_asym.details 
A N N 1 ? 
B N N 2 ? 
# 
_struct_ref.id                         1 
_struct_ref.db_name                    UNP 
_struct_ref.db_code                    Q9WZ82_THEMA 
_struct_ref.pdbx_db_accession          Q9WZ82 
_struct_ref.entity_id                  1 
_struct_ref.pdbx_seq_one_letter_code   
;MDAAKDDLEHAKHDLEHGFYNWACFSSQQAAEKAVKAVFQRMGAQAWGYSVPDFLGELSSRFEIPEELMDHALELDKACI
PTRYPDALPSGSPRNRYSRIEAERLVNYAEKIIRFCEDLLSRI
;
_struct_ref.pdbx_align_begin           1 
_struct_ref.pdbx_db_isoform            ? 
# 
_struct_ref_seq.align_id                      1 
_struct_ref_seq.ref_id                        1 
_struct_ref_seq.pdbx_PDB_id_code              1O3U 
_struct_ref_seq.pdbx_strand_id                A 
_struct_ref_seq.seq_align_beg                 13 
_struct_ref_seq.pdbx_seq_align_beg_ins_code   ? 
_struct_ref_seq.seq_align_end                 135 
_struct_ref_seq.pdbx_seq_align_end_ins_code   ? 
_struct_ref_seq.pdbx_db_accession             Q9WZ82 
_struct_ref_seq.db_align_beg                  1 
_struct_ref_seq.pdbx_db_align_beg_ins_code    ? 
_struct_ref_seq.db_align_end                  123 
_struct_ref_seq.pdbx_db_align_end_ins_code    ? 
_struct_ref_seq.pdbx_auth_seq_align_beg       1 
_struct_ref_seq.pdbx_auth_seq_align_end       123 
# 
loop_
_struct_ref_seq_dif.align_id 
_struct_ref_seq_dif.pdbx_pdb_id_code 
_struct_ref_seq_dif.mon_id 
_struct_ref_seq_dif.pdbx_pdb_strand_id 
_struct_ref_seq_dif.seq_num 
_struct_ref_seq_dif.pdbx_pdb_ins_code 
_struct_ref_seq_dif.pdbx_seq_db_name 
_struct_ref_seq_dif.pdbx_seq_db_accession_code 
_struct_ref_seq_dif.db_mon_id 
_struct_ref_seq_dif.pdbx_seq_db_seq_num 
_struct_ref_seq_dif.details 
_struct_ref_seq_dif.pdbx_auth_seq_num 
_struct_ref_seq_dif.pdbx_ordinal 
1 1O3U MET A 1  ? UNP Q9WZ82 ?   ?  'expression tag'   -11 1  
1 1O3U GLY A 2  ? UNP Q9WZ82 ?   ?  'expression tag'   -10 2  
1 1O3U SER A 3  ? UNP Q9WZ82 ?   ?  'expression tag'   -9  3  
1 1O3U ASP A 4  ? UNP Q9WZ82 ?   ?  'expression tag'   -8  4  
1 1O3U LYS A 5  ? UNP Q9WZ82 ?   ?  'expression tag'   -7  5  
1 1O3U ILE A 6  ? UNP Q9WZ82 ?   ?  'expression tag'   -6  6  
1 1O3U HIS A 7  ? UNP Q9WZ82 ?   ?  'expression tag'   -5  7  
1 1O3U HIS A 8  ? UNP Q9WZ82 ?   ?  'expression tag'   -4  8  
1 1O3U HIS A 9  ? UNP Q9WZ82 ?   ?  'expression tag'   -3  9  
1 1O3U HIS A 10 ? UNP Q9WZ82 ?   ?  'expression tag'   -2  10 
1 1O3U HIS A 11 ? UNP Q9WZ82 ?   ?  'expression tag'   -1  11 
1 1O3U HIS A 12 ? UNP Q9WZ82 ?   ?  'expression tag'   0   12 
1 1O3U MSE A 54 ? UNP Q9WZ82 MET 42 'modified residue' 42  13 
# 
_pdbx_struct_assembly.id                   1 
_pdbx_struct_assembly.details              author_defined_assembly 
_pdbx_struct_assembly.method_details       ? 
_pdbx_struct_assembly.oligomeric_details   dimeric 
_pdbx_struct_assembly.oligomeric_count     2 
# 
_pdbx_struct_assembly_gen.assembly_id       1 
_pdbx_struct_assembly_gen.oper_expression   1,2 
_pdbx_struct_assembly_gen.asym_id_list      A,B 
# 
loop_
_pdbx_struct_oper_list.id 
_pdbx_struct_oper_list.type 
_pdbx_struct_oper_list.name 
_pdbx_struct_oper_list.symmetry_operation 
_pdbx_struct_oper_list.matrix[1][1] 
_pdbx_struct_oper_list.matrix[1][2] 
_pdbx_struct_oper_list.matrix[1][3] 
_pdbx_struct_oper_list.vector[1] 
_pdbx_struct_oper_list.matrix[2][1] 
_pdbx_struct_oper_list.matrix[2][2] 
_pdbx_struct_oper_list.matrix[2][3] 
_pdbx_struct_oper_list.vector[2] 
_pdbx_struct_oper_list.matrix[3][1] 
_pdbx_struct_oper_list.matrix[3][2] 
_pdbx_struct_oper_list.matrix[3][3] 
_pdbx_struct_oper_list.vector[3] 
1 'identity operation'         1_555 x,y,z        1.0000000000  0.0000000000 0.0000000000 0.0000000000  0.0000000000 1.0000000000  0.0000000000 0.0000000000   0.0000000000 0.0000000000 1.0000000000 0.0000000000  
2 'crystal symmetry operation' 8_555 -y,-x,-z+1/2 -0.1965229878 0.2219873742 0.9550394342 12.0870263299 0.2219873742 -0.9386685698 0.2638615581 -18.3775165429 0.9550394342 0.2638615581 0.1351915575 -5.8972132015 
# 
_struct_biol.id   1 
# 
loop_
_struct_conf.conf_type_id 
_struct_conf.id 
_struct_conf.pdbx_PDB_helix_id 
_struct_conf.beg_label_comp_id 
_struct_conf.beg_label_asym_id 
_struct_conf.beg_label_seq_id 
_struct_conf.pdbx_beg_PDB_ins_code 
_struct_conf.end_label_comp_id 
_struct_conf.end_label_asym_id 
_struct_conf.end_label_seq_id 
_struct_conf.pdbx_end_PDB_ins_code 
_struct_conf.beg_auth_comp_id 
_struct_conf.beg_auth_asym_id 
_struct_conf.beg_auth_seq_id 
_struct_conf.end_auth_comp_id 
_struct_conf.end_auth_asym_id 
_struct_conf.end_auth_seq_id 
_struct_conf.pdbx_PDB_helix_class 
_struct_conf.details 
_struct_conf.pdbx_PDB_helix_length 
HELX_P HELX_P1 1 HIS A 10  ? HIS A 29  ? HIS A -2 HIS A 17  1 ? 20 
HELX_P HELX_P2 2 PHE A 31  ? GLY A 55  ? PHE A 19 GLY A 43  1 ? 25 
HELX_P HELX_P3 3 SER A 62  ? SER A 71  ? SER A 50 SER A 59  1 ? 10 
HELX_P HELX_P4 4 PRO A 77  ? LYS A 89  ? PRO A 65 LYS A 77  1 ? 13 
HELX_P HELX_P5 5 GLY A 103 ? SER A 133 ? GLY A 91 SER A 121 1 ? 31 
# 
_struct_conf_type.id          HELX_P 
_struct_conf_type.criteria    ? 
_struct_conf_type.reference   ? 
# 
loop_
_struct_conn.id 
_struct_conn.conn_type_id 
_struct_conn.pdbx_leaving_atom_flag 
_struct_conn.pdbx_PDB_id 
_struct_conn.ptnr1_label_asym_id 
_struct_conn.ptnr1_label_comp_id 
_struct_conn.ptnr1_label_seq_id 
_struct_conn.ptnr1_label_atom_id 
_struct_conn.pdbx_ptnr1_label_alt_id 
_struct_conn.pdbx_ptnr1_PDB_ins_code 
_struct_conn.pdbx_ptnr1_standard_comp_id 
_struct_conn.ptnr1_symmetry 
_struct_conn.ptnr2_label_asym_id 
_struct_conn.ptnr2_label_comp_id 
_struct_conn.ptnr2_label_seq_id 
_struct_conn.ptnr2_label_atom_id 
_struct_conn.pdbx_ptnr2_label_alt_id 
_struct_conn.pdbx_ptnr2_PDB_ins_code 
_struct_conn.ptnr1_auth_asym_id 
_struct_conn.ptnr1_auth_comp_id 
_struct_conn.ptnr1_auth_seq_id 
_struct_conn.ptnr2_auth_asym_id 
_struct_conn.ptnr2_auth_comp_id 
_struct_conn.ptnr2_auth_seq_id 
_struct_conn.ptnr2_symmetry 
_struct_conn.pdbx_ptnr3_label_atom_id 
_struct_conn.pdbx_ptnr3_label_seq_id 
_struct_conn.pdbx_ptnr3_label_comp_id 
_struct_conn.pdbx_ptnr3_label_asym_id 
_struct_conn.pdbx_ptnr3_label_alt_id 
_struct_conn.pdbx_ptnr3_PDB_ins_code 
_struct_conn.details 
_struct_conn.pdbx_dist_value 
_struct_conn.pdbx_value_order 
_struct_conn.pdbx_role 
disulf1 disulf ?    ? A CYS 36 SG A ? ? 1_555 A CYS 91 SG ? ? A CYS 24 A CYS 79 1_555 ? ? ? ? ? ? ? 2.043 ? ? 
disulf2 disulf ?    ? A CYS 36 SG B ? ? 1_555 A CYS 91 SG ? ? A CYS 24 A CYS 79 1_555 ? ? ? ? ? ? ? 2.032 ? ? 
covale1 covale both ? A ARG 53 C  ? ? ? 1_555 A MSE 54 N  ? ? A ARG 41 A MSE 42 1_555 ? ? ? ? ? ? ? 1.327 ? ? 
covale2 covale both ? A MSE 54 C  ? ? ? 1_555 A GLY 55 N  ? ? A MSE 42 A GLY 43 1_555 ? ? ? ? ? ? ? 1.329 ? ? 
# 
loop_
_struct_conn_type.id 
_struct_conn_type.criteria 
_struct_conn_type.reference 
disulf ? ? 
covale ? ? 
# 
loop_
_pdbx_modification_feature.ordinal 
_pdbx_modification_feature.label_comp_id 
_pdbx_modification_feature.label_asym_id 
_pdbx_modification_feature.label_seq_id 
_pdbx_modification_feature.label_alt_id 
_pdbx_modification_feature.modified_residue_label_comp_id 
_pdbx_modification_feature.modified_residue_label_asym_id 
_pdbx_modification_feature.modified_residue_label_seq_id 
_pdbx_modification_feature.modified_residue_label_alt_id 
_pdbx_modification_feature.auth_comp_id 
_pdbx_modification_feature.auth_asym_id 
_pdbx_modification_feature.auth_seq_id 
_pdbx_modification_feature.PDB_ins_code 
_pdbx_modification_feature.symmetry 
_pdbx_modification_feature.modified_residue_auth_comp_id 
_pdbx_modification_feature.modified_residue_auth_asym_id 
_pdbx_modification_feature.modified_residue_auth_seq_id 
_pdbx_modification_feature.modified_residue_PDB_ins_code 
_pdbx_modification_feature.modified_residue_symmetry 
_pdbx_modification_feature.comp_id_linking_atom 
_pdbx_modification_feature.modified_residue_id_linking_atom 
_pdbx_modification_feature.modified_residue_id 
_pdbx_modification_feature.ref_pcm_id 
_pdbx_modification_feature.ref_comp_id 
_pdbx_modification_feature.type 
_pdbx_modification_feature.category 
1 MSE A 54 ? .   . .  . MSE A 42 ? 1_555 .   . .  . .     .  .  MET 1 MSE Selenomethionine 'Named protein modification' 
2 CYS A 36 A CYS A 91 ? CYS A 24 ? 1_555 CYS A 79 ? 1_555 SG SG .   . .   None             'Disulfide bridge'           
3 CYS A 36 B CYS A 91 ? CYS A 24 ? 1_555 CYS A 79 ? 1_555 SG SG .   . .   None             'Disulfide bridge'           
# 
_pdbx_entry_details.entry_id                   1O3U 
_pdbx_entry_details.compound_details           ? 
_pdbx_entry_details.source_details             ? 
_pdbx_entry_details.nonpolymer_details         ? 
_pdbx_entry_details.sequence_details           ? 
_pdbx_entry_details.has_ligand_of_interest     ? 
_pdbx_entry_details.has_protein_modification   Y 
# 
_pdbx_validate_torsion.id              1 
_pdbx_validate_torsion.PDB_model_num   1 
_pdbx_validate_torsion.auth_comp_id    SER 
_pdbx_validate_torsion.auth_asym_id    A 
_pdbx_validate_torsion.auth_seq_id     90 
_pdbx_validate_torsion.PDB_ins_code    ? 
_pdbx_validate_torsion.label_alt_id    ? 
_pdbx_validate_torsion.phi             -48.18 
_pdbx_validate_torsion.psi             151.70 
# 
_pdbx_SG_project.id                    1 
_pdbx_SG_project.project_name          'PSI, Protein Structure Initiative' 
_pdbx_SG_project.full_name_of_center   'Joint Center for Structural Genomics' 
_pdbx_SG_project.initial_of_center     JCSG 
# 
_pdbx_struct_mod_residue.id               1 
_pdbx_struct_mod_residue.label_asym_id    A 
_pdbx_struct_mod_residue.label_comp_id    MSE 
_pdbx_struct_mod_residue.label_seq_id     54 
_pdbx_struct_mod_residue.auth_asym_id     A 
_pdbx_struct_mod_residue.auth_comp_id     MSE 
_pdbx_struct_mod_residue.auth_seq_id      42 
_pdbx_struct_mod_residue.PDB_ins_code     ? 
_pdbx_struct_mod_residue.parent_comp_id   MET 
_pdbx_struct_mod_residue.details          SELENOMETHIONINE 
# 
_pdbx_refine_tls.id               1 
_pdbx_refine_tls.details          ? 
_pdbx_refine_tls.method           refined 
_pdbx_refine_tls.origin_x         -0.0380 
_pdbx_refine_tls.origin_y         0.3625 
_pdbx_refine_tls.origin_z         -0.1117 
_pdbx_refine_tls.T[1][1]          0.0144 
_pdbx_refine_tls.T[2][2]          -0.0153 
_pdbx_refine_tls.T[3][3]          0.0009 
_pdbx_refine_tls.T[1][2]          -0.0002 
_pdbx_refine_tls.T[1][3]          0.0234 
_pdbx_refine_tls.T[2][3]          0.0164 
_pdbx_refine_tls.L[1][1]          1.0340 
_pdbx_refine_tls.L[2][2]          1.2321 
_pdbx_refine_tls.L[3][3]          1.0090 
_pdbx_refine_tls.L[1][2]          0.4134 
_pdbx_refine_tls.L[1][3]          0.9109 
_pdbx_refine_tls.L[2][3]          0.6326 
_pdbx_refine_tls.S[1][1]          0.0701 
_pdbx_refine_tls.S[1][2]          -0.1808 
_pdbx_refine_tls.S[1][3]          -0.0839 
_pdbx_refine_tls.S[2][1]          0.1811 
_pdbx_refine_tls.S[2][2]          -0.1321 
_pdbx_refine_tls.S[2][3]          0.1365 
_pdbx_refine_tls.S[3][1]          0.0676 
_pdbx_refine_tls.S[3][2]          -0.0572 
_pdbx_refine_tls.S[3][3]          0.0620 
_pdbx_refine_tls.pdbx_refine_id   'X-RAY DIFFRACTION' 
# 
_pdbx_refine_tls_group.id                  1 
_pdbx_refine_tls_group.refine_tls_id       1 
_pdbx_refine_tls_group.beg_label_asym_id   A 
_pdbx_refine_tls_group.beg_label_seq_id    10 
_pdbx_refine_tls_group.beg_auth_seq_id     -2 
_pdbx_refine_tls_group.end_label_asym_id   A 
_pdbx_refine_tls_group.end_label_seq_id    135 
_pdbx_refine_tls_group.end_auth_seq_id     123 
_pdbx_refine_tls_group.selection           ? 
_pdbx_refine_tls_group.beg_auth_asym_id    A 
_pdbx_refine_tls_group.end_auth_asym_id    A 
_pdbx_refine_tls_group.pdbx_refine_id      'X-RAY DIFFRACTION' 
_pdbx_refine_tls_group.selection_details   ? 
# 
_pdbx_database_remark.id     300 
_pdbx_database_remark.text   
;BIOMOLECULE: 1
THIS ENTRY CONTAINS THE CRYSTALLOGRAPHIC ASYMMETRIC UNIT
WHICH CONSISTS OF 1 CHAIN(S). SEE REMARK 350 FOR 
INFORMATION ON GENERATING THE BIOLOGICAL MOLECULE(S). 
The biological unit was adjudged a dimer based on a 
considerable hydrophobic interface generated by 
crystallographic symmetry.
;
# 
loop_
_pdbx_unobs_or_zero_occ_residues.id 
_pdbx_unobs_or_zero_occ_residues.PDB_model_num 
_pdbx_unobs_or_zero_occ_residues.polymer_flag 
_pdbx_unobs_or_zero_occ_residues.occupancy_flag 
_pdbx_unobs_or_zero_occ_residues.auth_asym_id 
_pdbx_unobs_or_zero_occ_residues.auth_comp_id 
_pdbx_unobs_or_zero_occ_residues.auth_seq_id 
_pdbx_unobs_or_zero_occ_residues.PDB_ins_code 
_pdbx_unobs_or_zero_occ_residues.label_asym_id 
_pdbx_unobs_or_zero_occ_residues.label_comp_id 
_pdbx_unobs_or_zero_occ_residues.label_seq_id 
1  1 Y 1 A MET -11 ? A MET 1  
2  1 Y 1 A GLY -10 ? A GLY 2  
3  1 Y 1 A SER -9  ? A SER 3  
4  1 Y 1 A ASP -8  ? A ASP 4  
5  1 Y 1 A LYS -7  ? A LYS 5  
6  1 Y 1 A ILE -6  ? A ILE 6  
7  1 Y 1 A HIS -5  ? A HIS 7  
8  1 Y 1 A HIS -4  ? A HIS 8  
9  1 Y 1 A HIS -3  ? A HIS 9  
10 1 Y 1 A ILE 80  ? A ILE 92 
11 1 Y 1 A PRO 81  ? A PRO 93 
12 1 Y 1 A THR 82  ? A THR 94 
13 1 Y 1 A ARG 83  ? A ARG 95 
14 1 Y 1 A TYR 84  ? A TYR 96 
15 1 Y 1 A PRO 85  ? A PRO 97 
# 
loop_
_chem_comp_atom.comp_id 
_chem_comp_atom.atom_id 
_chem_comp_atom.type_symbol 
_chem_comp_atom.pdbx_aromatic_flag 
_chem_comp_atom.pdbx_stereo_config 
_chem_comp_atom.pdbx_ordinal 
ALA N    N  N N 1   
ALA CA   C  N S 2   
ALA C    C  N N 3   
ALA O    O  N N 4   
ALA CB   C  N N 5   
ALA OXT  O  N N 6   
ALA H    H  N N 7   
ALA H2   H  N N 8   
ALA HA   H  N N 9   
ALA HB1  H  N N 10  
ALA HB2  H  N N 11  
ALA HB3  H  N N 12  
ALA HXT  H  N N 13  
ARG N    N  N N 14  
ARG CA   C  N S 15  
ARG C    C  N N 16  
ARG O    O  N N 17  
ARG CB   C  N N 18  
ARG CG   C  N N 19  
ARG CD   C  N N 20  
ARG NE   N  N N 21  
ARG CZ   C  N N 22  
ARG NH1  N  N N 23  
ARG NH2  N  N N 24  
ARG OXT  O  N N 25  
ARG H    H  N N 26  
ARG H2   H  N N 27  
ARG HA   H  N N 28  
ARG HB2  H  N N 29  
ARG HB3  H  N N 30  
ARG HG2  H  N N 31  
ARG HG3  H  N N 32  
ARG HD2  H  N N 33  
ARG HD3  H  N N 34  
ARG HE   H  N N 35  
ARG HH11 H  N N 36  
ARG HH12 H  N N 37  
ARG HH21 H  N N 38  
ARG HH22 H  N N 39  
ARG HXT  H  N N 40  
ASN N    N  N N 41  
ASN CA   C  N S 42  
ASN C    C  N N 43  
ASN O    O  N N 44  
ASN CB   C  N N 45  
ASN CG   C  N N 46  
ASN OD1  O  N N 47  
ASN ND2  N  N N 48  
ASN OXT  O  N N 49  
ASN H    H  N N 50  
ASN H2   H  N N 51  
ASN HA   H  N N 52  
ASN HB2  H  N N 53  
ASN HB3  H  N N 54  
ASN HD21 H  N N 55  
ASN HD22 H  N N 56  
ASN HXT  H  N N 57  
ASP N    N  N N 58  
ASP CA   C  N S 59  
ASP C    C  N N 60  
ASP O    O  N N 61  
ASP CB   C  N N 62  
ASP CG   C  N N 63  
ASP OD1  O  N N 64  
ASP OD2  O  N N 65  
ASP OXT  O  N N 66  
ASP H    H  N N 67  
ASP H2   H  N N 68  
ASP HA   H  N N 69  
ASP HB2  H  N N 70  
ASP HB3  H  N N 71  
ASP HD2  H  N N 72  
ASP HXT  H  N N 73  
CYS N    N  N N 74  
CYS CA   C  N R 75  
CYS C    C  N N 76  
CYS O    O  N N 77  
CYS CB   C  N N 78  
CYS SG   S  N N 79  
CYS OXT  O  N N 80  
CYS H    H  N N 81  
CYS H2   H  N N 82  
CYS HA   H  N N 83  
CYS HB2  H  N N 84  
CYS HB3  H  N N 85  
CYS HG   H  N N 86  
CYS HXT  H  N N 87  
GLN N    N  N N 88  
GLN CA   C  N S 89  
GLN C    C  N N 90  
GLN O    O  N N 91  
GLN CB   C  N N 92  
GLN CG   C  N N 93  
GLN CD   C  N N 94  
GLN OE1  O  N N 95  
GLN NE2  N  N N 96  
GLN OXT  O  N N 97  
GLN H    H  N N 98  
GLN H2   H  N N 99  
GLN HA   H  N N 100 
GLN HB2  H  N N 101 
GLN HB3  H  N N 102 
GLN HG2  H  N N 103 
GLN HG3  H  N N 104 
GLN HE21 H  N N 105 
GLN HE22 H  N N 106 
GLN HXT  H  N N 107 
GLU N    N  N N 108 
GLU CA   C  N S 109 
GLU C    C  N N 110 
GLU O    O  N N 111 
GLU CB   C  N N 112 
GLU CG   C  N N 113 
GLU CD   C  N N 114 
GLU OE1  O  N N 115 
GLU OE2  O  N N 116 
GLU OXT  O  N N 117 
GLU H    H  N N 118 
GLU H2   H  N N 119 
GLU HA   H  N N 120 
GLU HB2  H  N N 121 
GLU HB3  H  N N 122 
GLU HG2  H  N N 123 
GLU HG3  H  N N 124 
GLU HE2  H  N N 125 
GLU HXT  H  N N 126 
GLY N    N  N N 127 
GLY CA   C  N N 128 
GLY C    C  N N 129 
GLY O    O  N N 130 
GLY OXT  O  N N 131 
GLY H    H  N N 132 
GLY H2   H  N N 133 
GLY HA2  H  N N 134 
GLY HA3  H  N N 135 
GLY HXT  H  N N 136 
HIS N    N  N N 137 
HIS CA   C  N S 138 
HIS C    C  N N 139 
HIS O    O  N N 140 
HIS CB   C  N N 141 
HIS CG   C  Y N 142 
HIS ND1  N  Y N 143 
HIS CD2  C  Y N 144 
HIS CE1  C  Y N 145 
HIS NE2  N  Y N 146 
HIS OXT  O  N N 147 
HIS H    H  N N 148 
HIS H2   H  N N 149 
HIS HA   H  N N 150 
HIS HB2  H  N N 151 
HIS HB3  H  N N 152 
HIS HD1  H  N N 153 
HIS HD2  H  N N 154 
HIS HE1  H  N N 155 
HIS HE2  H  N N 156 
HIS HXT  H  N N 157 
HOH O    O  N N 158 
HOH H1   H  N N 159 
HOH H2   H  N N 160 
ILE N    N  N N 161 
ILE CA   C  N S 162 
ILE C    C  N N 163 
ILE O    O  N N 164 
ILE CB   C  N S 165 
ILE CG1  C  N N 166 
ILE CG2  C  N N 167 
ILE CD1  C  N N 168 
ILE OXT  O  N N 169 
ILE H    H  N N 170 
ILE H2   H  N N 171 
ILE HA   H  N N 172 
ILE HB   H  N N 173 
ILE HG12 H  N N 174 
ILE HG13 H  N N 175 
ILE HG21 H  N N 176 
ILE HG22 H  N N 177 
ILE HG23 H  N N 178 
ILE HD11 H  N N 179 
ILE HD12 H  N N 180 
ILE HD13 H  N N 181 
ILE HXT  H  N N 182 
LEU N    N  N N 183 
LEU CA   C  N S 184 
LEU C    C  N N 185 
LEU O    O  N N 186 
LEU CB   C  N N 187 
LEU CG   C  N N 188 
LEU CD1  C  N N 189 
LEU CD2  C  N N 190 
LEU OXT  O  N N 191 
LEU H    H  N N 192 
LEU H2   H  N N 193 
LEU HA   H  N N 194 
LEU HB2  H  N N 195 
LEU HB3  H  N N 196 
LEU HG   H  N N 197 
LEU HD11 H  N N 198 
LEU HD12 H  N N 199 
LEU HD13 H  N N 200 
LEU HD21 H  N N 201 
LEU HD22 H  N N 202 
LEU HD23 H  N N 203 
LEU HXT  H  N N 204 
LYS N    N  N N 205 
LYS CA   C  N S 206 
LYS C    C  N N 207 
LYS O    O  N N 208 
LYS CB   C  N N 209 
LYS CG   C  N N 210 
LYS CD   C  N N 211 
LYS CE   C  N N 212 
LYS NZ   N  N N 213 
LYS OXT  O  N N 214 
LYS H    H  N N 215 
LYS H2   H  N N 216 
LYS HA   H  N N 217 
LYS HB2  H  N N 218 
LYS HB3  H  N N 219 
LYS HG2  H  N N 220 
LYS HG3  H  N N 221 
LYS HD2  H  N N 222 
LYS HD3  H  N N 223 
LYS HE2  H  N N 224 
LYS HE3  H  N N 225 
LYS HZ1  H  N N 226 
LYS HZ2  H  N N 227 
LYS HZ3  H  N N 228 
LYS HXT  H  N N 229 
MET N    N  N N 230 
MET CA   C  N S 231 
MET C    C  N N 232 
MET O    O  N N 233 
MET CB   C  N N 234 
MET CG   C  N N 235 
MET SD   S  N N 236 
MET CE   C  N N 237 
MET OXT  O  N N 238 
MET H    H  N N 239 
MET H2   H  N N 240 
MET HA   H  N N 241 
MET HB2  H  N N 242 
MET HB3  H  N N 243 
MET HG2  H  N N 244 
MET HG3  H  N N 245 
MET HE1  H  N N 246 
MET HE2  H  N N 247 
MET HE3  H  N N 248 
MET HXT  H  N N 249 
MSE N    N  N N 250 
MSE CA   C  N S 251 
MSE C    C  N N 252 
MSE O    O  N N 253 
MSE OXT  O  N N 254 
MSE CB   C  N N 255 
MSE CG   C  N N 256 
MSE SE   SE N N 257 
MSE CE   C  N N 258 
MSE H    H  N N 259 
MSE H2   H  N N 260 
MSE HA   H  N N 261 
MSE HXT  H  N N 262 
MSE HB2  H  N N 263 
MSE HB3  H  N N 264 
MSE HG2  H  N N 265 
MSE HG3  H  N N 266 
MSE HE1  H  N N 267 
MSE HE2  H  N N 268 
MSE HE3  H  N N 269 
PHE N    N  N N 270 
PHE CA   C  N S 271 
PHE C    C  N N 272 
PHE O    O  N N 273 
PHE CB   C  N N 274 
PHE CG   C  Y N 275 
PHE CD1  C  Y N 276 
PHE CD2  C  Y N 277 
PHE CE1  C  Y N 278 
PHE CE2  C  Y N 279 
PHE CZ   C  Y N 280 
PHE OXT  O  N N 281 
PHE H    H  N N 282 
PHE H2   H  N N 283 
PHE HA   H  N N 284 
PHE HB2  H  N N 285 
PHE HB3  H  N N 286 
PHE HD1  H  N N 287 
PHE HD2  H  N N 288 
PHE HE1  H  N N 289 
PHE HE2  H  N N 290 
PHE HZ   H  N N 291 
PHE HXT  H  N N 292 
PRO N    N  N N 293 
PRO CA   C  N S 294 
PRO C    C  N N 295 
PRO O    O  N N 296 
PRO CB   C  N N 297 
PRO CG   C  N N 298 
PRO CD   C  N N 299 
PRO OXT  O  N N 300 
PRO H    H  N N 301 
PRO HA   H  N N 302 
PRO HB2  H  N N 303 
PRO HB3  H  N N 304 
PRO HG2  H  N N 305 
PRO HG3  H  N N 306 
PRO HD2  H  N N 307 
PRO HD3  H  N N 308 
PRO HXT  H  N N 309 
SER N    N  N N 310 
SER CA   C  N S 311 
SER C    C  N N 312 
SER O    O  N N 313 
SER CB   C  N N 314 
SER OG   O  N N 315 
SER OXT  O  N N 316 
SER H    H  N N 317 
SER H2   H  N N 318 
SER HA   H  N N 319 
SER HB2  H  N N 320 
SER HB3  H  N N 321 
SER HG   H  N N 322 
SER HXT  H  N N 323 
THR N    N  N N 324 
THR CA   C  N S 325 
THR C    C  N N 326 
THR O    O  N N 327 
THR CB   C  N R 328 
THR OG1  O  N N 329 
THR CG2  C  N N 330 
THR OXT  O  N N 331 
THR H    H  N N 332 
THR H2   H  N N 333 
THR HA   H  N N 334 
THR HB   H  N N 335 
THR HG1  H  N N 336 
THR HG21 H  N N 337 
THR HG22 H  N N 338 
THR HG23 H  N N 339 
THR HXT  H  N N 340 
TRP N    N  N N 341 
TRP CA   C  N S 342 
TRP C    C  N N 343 
TRP O    O  N N 344 
TRP CB   C  N N 345 
TRP CG   C  Y N 346 
TRP CD1  C  Y N 347 
TRP CD2  C  Y N 348 
TRP NE1  N  Y N 349 
TRP CE2  C  Y N 350 
TRP CE3  C  Y N 351 
TRP CZ2  C  Y N 352 
TRP CZ3  C  Y N 353 
TRP CH2  C  Y N 354 
TRP OXT  O  N N 355 
TRP H    H  N N 356 
TRP H2   H  N N 357 
TRP HA   H  N N 358 
TRP HB2  H  N N 359 
TRP HB3  H  N N 360 
TRP HD1  H  N N 361 
TRP HE1  H  N N 362 
TRP HE3  H  N N 363 
TRP HZ2  H  N N 364 
TRP HZ3  H  N N 365 
TRP HH2  H  N N 366 
TRP HXT  H  N N 367 
TYR N    N  N N 368 
TYR CA   C  N S 369 
TYR C    C  N N 370 
TYR O    O  N N 371 
TYR CB   C  N N 372 
TYR CG   C  Y N 373 
TYR CD1  C  Y N 374 
TYR CD2  C  Y N 375 
TYR CE1  C  Y N 376 
TYR CE2  C  Y N 377 
TYR CZ   C  Y N 378 
TYR OH   O  N N 379 
TYR OXT  O  N N 380 
TYR H    H  N N 381 
TYR H2   H  N N 382 
TYR HA   H  N N 383 
TYR HB2  H  N N 384 
TYR HB3  H  N N 385 
TYR HD1  H  N N 386 
TYR HD2  H  N N 387 
TYR HE1  H  N N 388 
TYR HE2  H  N N 389 
TYR HH   H  N N 390 
TYR HXT  H  N N 391 
VAL N    N  N N 392 
VAL CA   C  N S 393 
VAL C    C  N N 394 
VAL O    O  N N 395 
VAL CB   C  N N 396 
VAL CG1  C  N N 397 
VAL CG2  C  N N 398 
VAL OXT  O  N N 399 
VAL H    H  N N 400 
VAL H2   H  N N 401 
VAL HA   H  N N 402 
VAL HB   H  N N 403 
VAL HG11 H  N N 404 
VAL HG12 H  N N 405 
VAL HG13 H  N N 406 
VAL HG21 H  N N 407 
VAL HG22 H  N N 408 
VAL HG23 H  N N 409 
VAL HXT  H  N N 410 
# 
loop_
_chem_comp_bond.comp_id 
_chem_comp_bond.atom_id_1 
_chem_comp_bond.atom_id_2 
_chem_comp_bond.value_order 
_chem_comp_bond.pdbx_aromatic_flag 
_chem_comp_bond.pdbx_stereo_config 
_chem_comp_bond.pdbx_ordinal 
ALA N   CA   sing N N 1   
ALA N   H    sing N N 2   
ALA N   H2   sing N N 3   
ALA CA  C    sing N N 4   
ALA CA  CB   sing N N 5   
ALA CA  HA   sing N N 6   
ALA C   O    doub N N 7   
ALA C   OXT  sing N N 8   
ALA CB  HB1  sing N N 9   
ALA CB  HB2  sing N N 10  
ALA CB  HB3  sing N N 11  
ALA OXT HXT  sing N N 12  
ARG N   CA   sing N N 13  
ARG N   H    sing N N 14  
ARG N   H2   sing N N 15  
ARG CA  C    sing N N 16  
ARG CA  CB   sing N N 17  
ARG CA  HA   sing N N 18  
ARG C   O    doub N N 19  
ARG C   OXT  sing N N 20  
ARG CB  CG   sing N N 21  
ARG CB  HB2  sing N N 22  
ARG CB  HB3  sing N N 23  
ARG CG  CD   sing N N 24  
ARG CG  HG2  sing N N 25  
ARG CG  HG3  sing N N 26  
ARG CD  NE   sing N N 27  
ARG CD  HD2  sing N N 28  
ARG CD  HD3  sing N N 29  
ARG NE  CZ   sing N N 30  
ARG NE  HE   sing N N 31  
ARG CZ  NH1  sing N N 32  
ARG CZ  NH2  doub N N 33  
ARG NH1 HH11 sing N N 34  
ARG NH1 HH12 sing N N 35  
ARG NH2 HH21 sing N N 36  
ARG NH2 HH22 sing N N 37  
ARG OXT HXT  sing N N 38  
ASN N   CA   sing N N 39  
ASN N   H    sing N N 40  
ASN N   H2   sing N N 41  
ASN CA  C    sing N N 42  
ASN CA  CB   sing N N 43  
ASN CA  HA   sing N N 44  
ASN C   O    doub N N 45  
ASN C   OXT  sing N N 46  
ASN CB  CG   sing N N 47  
ASN CB  HB2  sing N N 48  
ASN CB  HB3  sing N N 49  
ASN CG  OD1  doub N N 50  
ASN CG  ND2  sing N N 51  
ASN ND2 HD21 sing N N 52  
ASN ND2 HD22 sing N N 53  
ASN OXT HXT  sing N N 54  
ASP N   CA   sing N N 55  
ASP N   H    sing N N 56  
ASP N   H2   sing N N 57  
ASP CA  C    sing N N 58  
ASP CA  CB   sing N N 59  
ASP CA  HA   sing N N 60  
ASP C   O    doub N N 61  
ASP C   OXT  sing N N 62  
ASP CB  CG   sing N N 63  
ASP CB  HB2  sing N N 64  
ASP CB  HB3  sing N N 65  
ASP CG  OD1  doub N N 66  
ASP CG  OD2  sing N N 67  
ASP OD2 HD2  sing N N 68  
ASP OXT HXT  sing N N 69  
CYS N   CA   sing N N 70  
CYS N   H    sing N N 71  
CYS N   H2   sing N N 72  
CYS CA  C    sing N N 73  
CYS CA  CB   sing N N 74  
CYS CA  HA   sing N N 75  
CYS C   O    doub N N 76  
CYS C   OXT  sing N N 77  
CYS CB  SG   sing N N 78  
CYS CB  HB2  sing N N 79  
CYS CB  HB3  sing N N 80  
CYS SG  HG   sing N N 81  
CYS OXT HXT  sing N N 82  
GLN N   CA   sing N N 83  
GLN N   H    sing N N 84  
GLN N   H2   sing N N 85  
GLN CA  C    sing N N 86  
GLN CA  CB   sing N N 87  
GLN CA  HA   sing N N 88  
GLN C   O    doub N N 89  
GLN C   OXT  sing N N 90  
GLN CB  CG   sing N N 91  
GLN CB  HB2  sing N N 92  
GLN CB  HB3  sing N N 93  
GLN CG  CD   sing N N 94  
GLN CG  HG2  sing N N 95  
GLN CG  HG3  sing N N 96  
GLN CD  OE1  doub N N 97  
GLN CD  NE2  sing N N 98  
GLN NE2 HE21 sing N N 99  
GLN NE2 HE22 sing N N 100 
GLN OXT HXT  sing N N 101 
GLU N   CA   sing N N 102 
GLU N   H    sing N N 103 
GLU N   H2   sing N N 104 
GLU CA  C    sing N N 105 
GLU CA  CB   sing N N 106 
GLU CA  HA   sing N N 107 
GLU C   O    doub N N 108 
GLU C   OXT  sing N N 109 
GLU CB  CG   sing N N 110 
GLU CB  HB2  sing N N 111 
GLU CB  HB3  sing N N 112 
GLU CG  CD   sing N N 113 
GLU CG  HG2  sing N N 114 
GLU CG  HG3  sing N N 115 
GLU CD  OE1  doub N N 116 
GLU CD  OE2  sing N N 117 
GLU OE2 HE2  sing N N 118 
GLU OXT HXT  sing N N 119 
GLY N   CA   sing N N 120 
GLY N   H    sing N N 121 
GLY N   H2   sing N N 122 
GLY CA  C    sing N N 123 
GLY CA  HA2  sing N N 124 
GLY CA  HA3  sing N N 125 
GLY C   O    doub N N 126 
GLY C   OXT  sing N N 127 
GLY OXT HXT  sing N N 128 
HIS N   CA   sing N N 129 
HIS N   H    sing N N 130 
HIS N   H2   sing N N 131 
HIS CA  C    sing N N 132 
HIS CA  CB   sing N N 133 
HIS CA  HA   sing N N 134 
HIS C   O    doub N N 135 
HIS C   OXT  sing N N 136 
HIS CB  CG   sing N N 137 
HIS CB  HB2  sing N N 138 
HIS CB  HB3  sing N N 139 
HIS CG  ND1  sing Y N 140 
HIS CG  CD2  doub Y N 141 
HIS ND1 CE1  doub Y N 142 
HIS ND1 HD1  sing N N 143 
HIS CD2 NE2  sing Y N 144 
HIS CD2 HD2  sing N N 145 
HIS CE1 NE2  sing Y N 146 
HIS CE1 HE1  sing N N 147 
HIS NE2 HE2  sing N N 148 
HIS OXT HXT  sing N N 149 
HOH O   H1   sing N N 150 
HOH O   H2   sing N N 151 
ILE N   CA   sing N N 152 
ILE N   H    sing N N 153 
ILE N   H2   sing N N 154 
ILE CA  C    sing N N 155 
ILE CA  CB   sing N N 156 
ILE CA  HA   sing N N 157 
ILE C   O    doub N N 158 
ILE C   OXT  sing N N 159 
ILE CB  CG1  sing N N 160 
ILE CB  CG2  sing N N 161 
ILE CB  HB   sing N N 162 
ILE CG1 CD1  sing N N 163 
ILE CG1 HG12 sing N N 164 
ILE CG1 HG13 sing N N 165 
ILE CG2 HG21 sing N N 166 
ILE CG2 HG22 sing N N 167 
ILE CG2 HG23 sing N N 168 
ILE CD1 HD11 sing N N 169 
ILE CD1 HD12 sing N N 170 
ILE CD1 HD13 sing N N 171 
ILE OXT HXT  sing N N 172 
LEU N   CA   sing N N 173 
LEU N   H    sing N N 174 
LEU N   H2   sing N N 175 
LEU CA  C    sing N N 176 
LEU CA  CB   sing N N 177 
LEU CA  HA   sing N N 178 
LEU C   O    doub N N 179 
LEU C   OXT  sing N N 180 
LEU CB  CG   sing N N 181 
LEU CB  HB2  sing N N 182 
LEU CB  HB3  sing N N 183 
LEU CG  CD1  sing N N 184 
LEU CG  CD2  sing N N 185 
LEU CG  HG   sing N N 186 
LEU CD1 HD11 sing N N 187 
LEU CD1 HD12 sing N N 188 
LEU CD1 HD13 sing N N 189 
LEU CD2 HD21 sing N N 190 
LEU CD2 HD22 sing N N 191 
LEU CD2 HD23 sing N N 192 
LEU OXT HXT  sing N N 193 
LYS N   CA   sing N N 194 
LYS N   H    sing N N 195 
LYS N   H2   sing N N 196 
LYS CA  C    sing N N 197 
LYS CA  CB   sing N N 198 
LYS CA  HA   sing N N 199 
LYS C   O    doub N N 200 
LYS C   OXT  sing N N 201 
LYS CB  CG   sing N N 202 
LYS CB  HB2  sing N N 203 
LYS CB  HB3  sing N N 204 
LYS CG  CD   sing N N 205 
LYS CG  HG2  sing N N 206 
LYS CG  HG3  sing N N 207 
LYS CD  CE   sing N N 208 
LYS CD  HD2  sing N N 209 
LYS CD  HD3  sing N N 210 
LYS CE  NZ   sing N N 211 
LYS CE  HE2  sing N N 212 
LYS CE  HE3  sing N N 213 
LYS NZ  HZ1  sing N N 214 
LYS NZ  HZ2  sing N N 215 
LYS NZ  HZ3  sing N N 216 
LYS OXT HXT  sing N N 217 
MET N   CA   sing N N 218 
MET N   H    sing N N 219 
MET N   H2   sing N N 220 
MET CA  C    sing N N 221 
MET CA  CB   sing N N 222 
MET CA  HA   sing N N 223 
MET C   O    doub N N 224 
MET C   OXT  sing N N 225 
MET CB  CG   sing N N 226 
MET CB  HB2  sing N N 227 
MET CB  HB3  sing N N 228 
MET CG  SD   sing N N 229 
MET CG  HG2  sing N N 230 
MET CG  HG3  sing N N 231 
MET SD  CE   sing N N 232 
MET CE  HE1  sing N N 233 
MET CE  HE2  sing N N 234 
MET CE  HE3  sing N N 235 
MET OXT HXT  sing N N 236 
MSE N   CA   sing N N 237 
MSE N   H    sing N N 238 
MSE N   H2   sing N N 239 
MSE CA  C    sing N N 240 
MSE CA  CB   sing N N 241 
MSE CA  HA   sing N N 242 
MSE C   O    doub N N 243 
MSE C   OXT  sing N N 244 
MSE OXT HXT  sing N N 245 
MSE CB  CG   sing N N 246 
MSE CB  HB2  sing N N 247 
MSE CB  HB3  sing N N 248 
MSE CG  SE   sing N N 249 
MSE CG  HG2  sing N N 250 
MSE CG  HG3  sing N N 251 
MSE SE  CE   sing N N 252 
MSE CE  HE1  sing N N 253 
MSE CE  HE2  sing N N 254 
MSE CE  HE3  sing N N 255 
PHE N   CA   sing N N 256 
PHE N   H    sing N N 257 
PHE N   H2   sing N N 258 
PHE CA  C    sing N N 259 
PHE CA  CB   sing N N 260 
PHE CA  HA   sing N N 261 
PHE C   O    doub N N 262 
PHE C   OXT  sing N N 263 
PHE CB  CG   sing N N 264 
PHE CB  HB2  sing N N 265 
PHE CB  HB3  sing N N 266 
PHE CG  CD1  doub Y N 267 
PHE CG  CD2  sing Y N 268 
PHE CD1 CE1  sing Y N 269 
PHE CD1 HD1  sing N N 270 
PHE CD2 CE2  doub Y N 271 
PHE CD2 HD2  sing N N 272 
PHE CE1 CZ   doub Y N 273 
PHE CE1 HE1  sing N N 274 
PHE CE2 CZ   sing Y N 275 
PHE CE2 HE2  sing N N 276 
PHE CZ  HZ   sing N N 277 
PHE OXT HXT  sing N N 278 
PRO N   CA   sing N N 279 
PRO N   CD   sing N N 280 
PRO N   H    sing N N 281 
PRO CA  C    sing N N 282 
PRO CA  CB   sing N N 283 
PRO CA  HA   sing N N 284 
PRO C   O    doub N N 285 
PRO C   OXT  sing N N 286 
PRO CB  CG   sing N N 287 
PRO CB  HB2  sing N N 288 
PRO CB  HB3  sing N N 289 
PRO CG  CD   sing N N 290 
PRO CG  HG2  sing N N 291 
PRO CG  HG3  sing N N 292 
PRO CD  HD2  sing N N 293 
PRO CD  HD3  sing N N 294 
PRO OXT HXT  sing N N 295 
SER N   CA   sing N N 296 
SER N   H    sing N N 297 
SER N   H2   sing N N 298 
SER CA  C    sing N N 299 
SER CA  CB   sing N N 300 
SER CA  HA   sing N N 301 
SER C   O    doub N N 302 
SER C   OXT  sing N N 303 
SER CB  OG   sing N N 304 
SER CB  HB2  sing N N 305 
SER CB  HB3  sing N N 306 
SER OG  HG   sing N N 307 
SER OXT HXT  sing N N 308 
THR N   CA   sing N N 309 
THR N   H    sing N N 310 
THR N   H2   sing N N 311 
THR CA  C    sing N N 312 
THR CA  CB   sing N N 313 
THR CA  HA   sing N N 314 
THR C   O    doub N N 315 
THR C   OXT  sing N N 316 
THR CB  OG1  sing N N 317 
THR CB  CG2  sing N N 318 
THR CB  HB   sing N N 319 
THR OG1 HG1  sing N N 320 
THR CG2 HG21 sing N N 321 
THR CG2 HG22 sing N N 322 
THR CG2 HG23 sing N N 323 
THR OXT HXT  sing N N 324 
TRP N   CA   sing N N 325 
TRP N   H    sing N N 326 
TRP N   H2   sing N N 327 
TRP CA  C    sing N N 328 
TRP CA  CB   sing N N 329 
TRP CA  HA   sing N N 330 
TRP C   O    doub N N 331 
TRP C   OXT  sing N N 332 
TRP CB  CG   sing N N 333 
TRP CB  HB2  sing N N 334 
TRP CB  HB3  sing N N 335 
TRP CG  CD1  doub Y N 336 
TRP CG  CD2  sing Y N 337 
TRP CD1 NE1  sing Y N 338 
TRP CD1 HD1  sing N N 339 
TRP CD2 CE2  doub Y N 340 
TRP CD2 CE3  sing Y N 341 
TRP NE1 CE2  sing Y N 342 
TRP NE1 HE1  sing N N 343 
TRP CE2 CZ2  sing Y N 344 
TRP CE3 CZ3  doub Y N 345 
TRP CE3 HE3  sing N N 346 
TRP CZ2 CH2  doub Y N 347 
TRP CZ2 HZ2  sing N N 348 
TRP CZ3 CH2  sing Y N 349 
TRP CZ3 HZ3  sing N N 350 
TRP CH2 HH2  sing N N 351 
TRP OXT HXT  sing N N 352 
TYR N   CA   sing N N 353 
TYR N   H    sing N N 354 
TYR N   H2   sing N N 355 
TYR CA  C    sing N N 356 
TYR CA  CB   sing N N 357 
TYR CA  HA   sing N N 358 
TYR C   O    doub N N 359 
TYR C   OXT  sing N N 360 
TYR CB  CG   sing N N 361 
TYR CB  HB2  sing N N 362 
TYR CB  HB3  sing N N 363 
TYR CG  CD1  doub Y N 364 
TYR CG  CD2  sing Y N 365 
TYR CD1 CE1  sing Y N 366 
TYR CD1 HD1  sing N N 367 
TYR CD2 CE2  doub Y N 368 
TYR CD2 HD2  sing N N 369 
TYR CE1 CZ   doub Y N 370 
TYR CE1 HE1  sing N N 371 
TYR CE2 CZ   sing Y N 372 
TYR CE2 HE2  sing N N 373 
TYR CZ  OH   sing N N 374 
TYR OH  HH   sing N N 375 
TYR OXT HXT  sing N N 376 
VAL N   CA   sing N N 377 
VAL N   H    sing N N 378 
VAL N   H2   sing N N 379 
VAL CA  C    sing N N 380 
VAL CA  CB   sing N N 381 
VAL CA  HA   sing N N 382 
VAL C   O    doub N N 383 
VAL C   OXT  sing N N 384 
VAL CB  CG1  sing N N 385 
VAL CB  CG2  sing N N 386 
VAL CB  HB   sing N N 387 
VAL CG1 HG11 sing N N 388 
VAL CG1 HG12 sing N N 389 
VAL CG1 HG13 sing N N 390 
VAL CG2 HG21 sing N N 391 
VAL CG2 HG22 sing N N 392 
VAL CG2 HG23 sing N N 393 
VAL OXT HXT  sing N N 394 
# 
_atom_sites.entry_id                    1O3U 
_atom_sites.fract_transf_matrix[1][1]   -0.01570792 
_atom_sites.fract_transf_matrix[1][2]   0.00571785 
_atom_sites.fract_transf_matrix[1][3]   -0.00431830 
_atom_sites.fract_transf_matrix[2][1]   -0.00023211 
_atom_sites.fract_transf_matrix[2][2]   0.00999356 
_atom_sites.fract_transf_matrix[2][3]   0.01407676 
_atom_sites.fract_transf_matrix[3][1]   0.00650823 
_atom_sites.fract_transf_matrix[3][2]   0.01169163 
_atom_sites.fract_transf_matrix[3][3]   -0.00819297 
_atom_sites.fract_transf_vector[1]      0.113766 
_atom_sites.fract_transf_vector[2]      0.155710 
_atom_sites.fract_transf_vector[3]      0.293942 
# 
loop_
_atom_type.symbol 
C  
N  
O  
S  
SE 
# 
loop_
_atom_site.group_PDB 
_atom_site.id 
_atom_site.type_symbol 
_atom_site.label_atom_id 
_atom_site.label_alt_id 
_atom_site.label_comp_id 
_atom_site.label_asym_id 
_atom_site.label_entity_id 
_atom_site.label_seq_id 
_atom_site.pdbx_PDB_ins_code 
_atom_site.Cartn_x 
_atom_site.Cartn_y 
_atom_site.Cartn_z 
_atom_site.occupancy 
_atom_site.B_iso_or_equiv 
_atom_site.pdbx_formal_charge 
_atom_site.auth_seq_id 
_atom_site.auth_comp_id 
_atom_site.auth_asym_id 
_atom_site.auth_atom_id 
_atom_site.pdbx_PDB_model_num 
ATOM   1    N  N   . HIS A 1 10  ? 17.682  2.839   -4.178  1.00 37.43 ? -2  HIS A N   1 
ATOM   2    C  CA  . HIS A 1 10  ? 16.582  2.408   -3.266  1.00 36.61 ? -2  HIS A CA  1 
ATOM   3    C  C   . HIS A 1 10  ? 15.943  1.150   -3.838  1.00 35.49 ? -2  HIS A C   1 
ATOM   4    O  O   . HIS A 1 10  ? 14.926  1.201   -4.549  1.00 35.79 ? -2  HIS A O   1 
ATOM   5    C  CB  . HIS A 1 10  ? 15.562  3.541   -3.074  1.00 37.15 ? -2  HIS A CB  1 
ATOM   6    C  CG  . HIS A 1 10  ? 16.173  4.828   -2.599  1.00 39.29 ? -2  HIS A CG  1 
ATOM   7    N  ND1 . HIS A 1 10  ? 16.147  5.227   -1.281  1.00 40.07 ? -2  HIS A ND1 1 
ATOM   8    C  CD2 . HIS A 1 10  ? 16.832  5.804   -3.270  1.00 41.74 ? -2  HIS A CD2 1 
ATOM   9    C  CE1 . HIS A 1 10  ? 16.758  6.391   -1.159  1.00 40.40 ? -2  HIS A CE1 1 
ATOM   10   N  NE2 . HIS A 1 10  ? 17.181  6.766   -2.352  1.00 42.21 ? -2  HIS A NE2 1 
ATOM   11   N  N   . HIS A 1 11  ? 16.563  0.007   -3.553  1.00 33.15 ? -1  HIS A N   1 
ATOM   12   C  CA  . HIS A 1 11  ? 16.049  -1.255  -4.053  1.00 31.33 ? -1  HIS A CA  1 
ATOM   13   C  C   . HIS A 1 11  ? 14.610  -1.449  -3.587  1.00 28.42 ? -1  HIS A C   1 
ATOM   14   O  O   . HIS A 1 11  ? 13.784  -1.854  -4.381  1.00 27.15 ? -1  HIS A O   1 
ATOM   15   C  CB  . HIS A 1 11  ? 16.920  -2.437  -3.616  1.00 31.68 ? -1  HIS A CB  1 
ATOM   16   C  CG  . HIS A 1 11  ? 18.224  -2.524  -4.349  1.00 34.69 ? -1  HIS A CG  1 
ATOM   17   N  ND1 . HIS A 1 11  ? 18.364  -3.198  -5.545  1.00 36.87 ? -1  HIS A ND1 1 
ATOM   18   C  CD2 . HIS A 1 11  ? 19.445  -2.014  -4.058  1.00 36.77 ? -1  HIS A CD2 1 
ATOM   19   C  CE1 . HIS A 1 11  ? 19.617  -3.102  -5.957  1.00 37.64 ? -1  HIS A CE1 1 
ATOM   20   N  NE2 . HIS A 1 11  ? 20.294  -2.390  -5.072  1.00 37.20 ? -1  HIS A NE2 1 
ATOM   21   N  N   . HIS A 1 12  ? 14.319  -1.179  -2.313  1.00 25.49 ? 0   HIS A N   1 
ATOM   22   C  CA  . HIS A 1 12  ? 12.959  -1.368  -1.798  1.00 24.44 ? 0   HIS A CA  1 
ATOM   23   C  C   . HIS A 1 12  ? 11.935  -0.505  -2.548  1.00 22.40 ? 0   HIS A C   1 
ATOM   24   O  O   . HIS A 1 12  ? 10.819  -0.932  -2.773  1.00 21.40 ? 0   HIS A O   1 
ATOM   25   C  CB  . HIS A 1 12  ? 12.860  -1.084  -0.283  1.00 24.70 ? 0   HIS A CB  1 
ATOM   26   C  CG  . HIS A 1 12  ? 13.553  -2.091  0.587   1.00 25.42 ? 0   HIS A CG  1 
ATOM   27   N  ND1 . HIS A 1 12  ? 14.699  -1.794  1.298   1.00 28.76 ? 0   HIS A ND1 1 
ATOM   28   C  CD2 . HIS A 1 12  ? 13.254  -3.379  0.882   1.00 27.34 ? 0   HIS A CD2 1 
ATOM   29   C  CE1 . HIS A 1 12  ? 15.075  -2.856  1.994   1.00 26.60 ? 0   HIS A CE1 1 
ATOM   30   N  NE2 . HIS A 1 12  ? 14.217  -3.834  1.758   1.00 29.21 ? 0   HIS A NE2 1 
ATOM   31   N  N   . MET A 1 13  ? 12.327  0.695   -2.958  1.00 21.29 ? 1   MET A N   1 
ATOM   32   C  CA  . MET A 1 13  ? 11.419  1.582   -3.667  1.00 21.78 ? 1   MET A CA  1 
ATOM   33   C  C   . MET A 1 13  ? 11.097  1.074   -5.072  1.00 20.96 ? 1   MET A C   1 
ATOM   34   O  O   . MET A 1 13  ? 9.950   1.137   -5.518  1.00 19.38 ? 1   MET A O   1 
ATOM   35   C  CB  . MET A 1 13  ? 12.047  2.958   -3.792  1.00 22.72 ? 1   MET A CB  1 
ATOM   36   C  CG  A MET A 1 13  ? 11.155  3.991   -4.431  0.60 25.36 ? 1   MET A CG  1 
ATOM   37   C  CG  B MET A 1 13  ? 11.212  3.915   -4.585  0.40 23.57 ? 1   MET A CG  1 
ATOM   38   S  SD  A MET A 1 13  ? 9.638   4.138   -3.494  0.60 30.56 ? 1   MET A SD  1 
ATOM   39   S  SD  B MET A 1 13  ? 11.786  5.551   -4.334  0.40 25.00 ? 1   MET A SD  1 
ATOM   40   C  CE  A MET A 1 13  ? 10.187  4.798   -2.053  0.60 30.87 ? 1   MET A CE  1 
ATOM   41   C  CE  B MET A 1 13  ? 10.818  5.935   -2.910  0.40 25.90 ? 1   MET A CE  1 
ATOM   42   N  N   . ASP A 1 14  ? 12.124  0.605   -5.767  1.00 19.76 ? 2   ASP A N   1 
ATOM   43   C  CA  . ASP A 1 14  ? 11.955  0.045   -7.117  1.00 19.27 ? 2   ASP A CA  1 
ATOM   44   C  C   . ASP A 1 14  ? 11.022  -1.142  -7.032  1.00 17.57 ? 2   ASP A C   1 
ATOM   45   O  O   . ASP A 1 14  ? 10.063  -1.246  -7.811  1.00 16.42 ? 2   ASP A O   1 
ATOM   46   C  CB  . ASP A 1 14  ? 13.302  -0.401  -7.717  1.00 20.86 ? 2   ASP A CB  1 
ATOM   47   C  CG  . ASP A 1 14  ? 14.166  0.772   -8.177  1.00 25.44 ? 2   ASP A CG  1 
ATOM   48   O  OD1 . ASP A 1 14  ? 13.655  1.906   -8.295  1.00 31.55 ? 2   ASP A OD1 1 
ATOM   49   O  OD2 . ASP A 1 14  ? 15.383  0.650   -8.454  1.00 31.95 ? 2   ASP A OD2 1 
ATOM   50   N  N   . ALA A 1 15  ? 11.271  -2.010  -6.048  1.00 15.44 ? 3   ALA A N   1 
ATOM   51   C  CA  . ALA A 1 15  ? 10.424  -3.176  -5.841  1.00 14.43 ? 3   ALA A CA  1 
ATOM   52   C  C   . ALA A 1 15  ? 9.003   -2.769  -5.467  1.00 12.53 ? 3   ALA A C   1 
ATOM   53   O  O   . ALA A 1 15  ? 8.068   -3.408  -5.904  1.00 11.05 ? 3   ALA A O   1 
ATOM   54   C  CB  . ALA A 1 15  ? 11.014  -4.101  -4.815  1.00 15.27 ? 3   ALA A CB  1 
ATOM   55   N  N   . ALA A 1 16  ? 8.827   -1.708  -4.676  1.00 12.36 ? 4   ALA A N   1 
ATOM   56   C  CA  . ALA A 1 16  ? 7.476   -1.196  -4.372  1.00 11.02 ? 4   ALA A CA  1 
ATOM   57   C  C   . ALA A 1 16  ? 6.745   -0.812  -5.661  1.00 10.81 ? 4   ALA A C   1 
ATOM   58   O  O   . ALA A 1 16  ? 5.565   -1.128  -5.823  1.00 10.54 ? 4   ALA A O   1 
ATOM   59   C  CB  . ALA A 1 16  ? 7.518   -0.011  -3.438  1.00 11.51 ? 4   ALA A CB  1 
ATOM   60   N  N   . LYS A 1 17  ? 7.431   -0.099  -6.546  1.00 10.09 ? 5   LYS A N   1 
ATOM   61   C  CA  . LYS A 1 17  ? 6.828   0.380   -7.791  1.00 10.51 ? 5   LYS A CA  1 
ATOM   62   C  C   . LYS A 1 17  ? 6.461   -0.763  -8.717  1.00 10.96 ? 5   LYS A C   1 
ATOM   63   O  O   . LYS A 1 17  ? 5.425   -0.712  -9.386  1.00 11.41 ? 5   LYS A O   1 
ATOM   64   C  CB  . LYS A 1 17  ? 7.739   1.409   -8.469  1.00 11.95 ? 5   LYS A CB  1 
ATOM   65   C  CG  . LYS A 1 17  ? 7.783   2.733   -7.695  1.00 11.84 ? 5   LYS A CG  1 
ATOM   66   C  CD  . LYS A 1 17  ? 8.952   3.632   -8.124  1.00 15.82 ? 5   LYS A CD  1 
ATOM   67   N  N   . ASP A 1 18  ? 7.276   -1.820  -8.722  1.00 12.63 ? 6   ASP A N   1 
ATOM   68   C  CA  . ASP A 1 18  ? 6.962   -3.030  -9.476  1.00 12.88 ? 6   ASP A CA  1 
ATOM   69   C  C   . ASP A 1 18  ? 5.740   -3.739  -8.912  1.00 12.58 ? 6   ASP A C   1 
ATOM   70   O  O   . ASP A 1 18  ? 4.895   -4.169  -9.692  1.00 11.66 ? 6   ASP A O   1 
ATOM   71   C  CB  . ASP A 1 18  ? 8.123   -4.012  -9.504  1.00 13.71 ? 6   ASP A CB  1 
ATOM   72   C  CG  . ASP A 1 18  ? 9.293   -3.517  -10.310 1.00 18.60 ? 6   ASP A CG  1 
ATOM   73   O  OD1 . ASP A 1 18  ? 9.159   -2.495  -11.027 1.00 24.32 ? 6   ASP A OD1 1 
ATOM   74   O  OD2 . ASP A 1 18  ? 10.401  -4.103  -10.277 1.00 24.09 ? 6   ASP A OD2 1 
ATOM   75   N  N   . ASP A 1 19  ? 5.666   -3.906  -7.580  1.00 11.94 ? 7   ASP A N   1 
ATOM   76   C  CA  . ASP A 1 19  ? 4.451   -4.432  -6.942  1.00 12.05 ? 7   ASP A CA  1 
ATOM   77   C  C   . ASP A 1 19  ? 3.184   -3.612  -7.314  1.00 10.62 ? 7   ASP A C   1 
ATOM   78   O  O   . ASP A 1 19  ? 2.109   -4.162  -7.544  1.00 9.13  ? 7   ASP A O   1 
ATOM   79   C  CB  . ASP A 1 19  ? 4.567   -4.434  -5.410  1.00 12.29 ? 7   ASP A CB  1 
ATOM   80   C  CG  . ASP A 1 19  ? 5.488   -5.526  -4.874  1.00 15.99 ? 7   ASP A CG  1 
ATOM   81   O  OD1 . ASP A 1 19  ? 5.804   -6.521  -5.588  1.00 19.14 ? 7   ASP A OD1 1 
ATOM   82   O  OD2 . ASP A 1 19  ? 5.884   -5.480  -3.694  1.00 18.92 ? 7   ASP A OD2 1 
ATOM   83   N  N   . LEU A 1 20  ? 3.316   -2.292  -7.330  1.00 11.00 ? 8   LEU A N   1 
ATOM   84   C  CA  . LEU A 1 20  ? 2.202   -1.421  -7.714  1.00 10.28 ? 8   LEU A CA  1 
ATOM   85   C  C   . LEU A 1 20  ? 1.780   -1.723  -9.164  1.00 10.58 ? 8   LEU A C   1 
ATOM   86   O  O   . LEU A 1 20  ? 0.601   -1.848  -9.452  1.00 9.91  ? 8   LEU A O   1 
ATOM   87   C  CB  . LEU A 1 20  ? 2.556   0.061   -7.559  1.00 11.22 ? 8   LEU A CB  1 
ATOM   88   C  CG  . LEU A 1 20  ? 1.387   1.045   -7.743  1.00 11.04 ? 8   LEU A CG  1 
ATOM   89   C  CD1 . LEU A 1 20  ? 0.334   0.828   -6.720  1.00 16.09 ? 8   LEU A CD1 1 
ATOM   90   C  CD2 . LEU A 1 20  ? 1.852   2.498   -7.767  1.00 13.67 ? 8   LEU A CD2 1 
ATOM   91   N  N   . GLU A 1 21  ? 2.752   -1.855  -10.065 1.00 11.31 ? 9   GLU A N   1 
ATOM   92   C  CA  . GLU A 1 21  ? 2.444   -2.160  -11.454 1.00 11.22 ? 9   GLU A CA  1 
ATOM   93   C  C   . GLU A 1 21  ? 1.767   -3.512  -11.553 1.00 10.16 ? 9   GLU A C   1 
ATOM   94   O  O   . GLU A 1 21  ? 0.806   -3.670  -12.310 1.00 8.96  ? 9   GLU A O   1 
ATOM   95   C  CB  . GLU A 1 21  ? 3.680   -2.114  -12.311 1.00 12.88 ? 9   GLU A CB  1 
ATOM   96   C  CG  . GLU A 1 21  ? 3.369   -2.141  -13.790 1.00 19.25 ? 9   GLU A CG  1 
ATOM   97   C  CD  . GLU A 1 21  ? 2.796   -0.830  -14.344 1.00 25.08 ? 9   GLU A CD  1 
ATOM   98   O  OE1 . GLU A 1 21  ? 2.719   0.230   -13.644 1.00 28.30 ? 9   GLU A OE1 1 
ATOM   99   O  OE2 . GLU A 1 21  ? 2.384   -0.879  -15.523 1.00 33.88 ? 9   GLU A OE2 1 
ATOM   100  N  N   . HIS A 1 22  ? 2.250   -4.473  -10.769 1.00 10.16 ? 10  HIS A N   1 
ATOM   101  C  CA  . HIS A 1 22  ? 1.614   -5.793  -10.663 1.00 10.30 ? 10  HIS A CA  1 
ATOM   102  C  C   . HIS A 1 22  ? 0.152   -5.647  -10.249 1.00 9.55  ? 10  HIS A C   1 
ATOM   103  O  O   . HIS A 1 22  ? -0.739  -6.248  -10.855 1.00 8.87  ? 10  HIS A O   1 
ATOM   104  C  CB  . HIS A 1 22  ? 2.325   -6.712  -9.673  1.00 9.26  ? 10  HIS A CB  1 
ATOM   105  C  CG  . HIS A 1 22  ? 2.122   -8.188  -9.938  1.00 12.53 ? 10  HIS A CG  1 
ATOM   106  N  ND1 . HIS A 1 22  ? 2.778   -9.168  -9.221  1.00 13.50 ? 10  HIS A ND1 1 
ATOM   107  C  CD2 . HIS A 1 22  ? 1.382   -8.841  -10.870 1.00 12.78 ? 10  HIS A CD2 1 
ATOM   108  C  CE1 . HIS A 1 22  ? 2.434   -10.356 -9.691  1.00 13.97 ? 10  HIS A CE1 1 
ATOM   109  N  NE2 . HIS A 1 22  ? 1.602   -10.184 -10.695 1.00 12.82 ? 10  HIS A NE2 1 
ATOM   110  N  N   . ALA A 1 23  ? -0.101  -4.869  -9.194  1.00 9.32  ? 11  ALA A N   1 
ATOM   111  C  CA  . ALA A 1 23  ? -1.453  -4.641  -8.714  1.00 9.72  ? 11  ALA A CA  1 
ATOM   112  C  C   . ALA A 1 23  ? -2.373  -4.064  -9.816  1.00 10.25 ? 11  ALA A C   1 
ATOM   113  O  O   . ALA A 1 23  ? -3.531  -4.470  -9.945  1.00 11.07 ? 11  ALA A O   1 
ATOM   114  C  CB  . ALA A 1 23  ? -1.432  -3.731  -7.563  1.00 9.07  ? 11  ALA A CB  1 
ATOM   115  N  N   . LYS A 1 24  ? -1.852  -3.080  -10.542 1.00 9.28  ? 12  LYS A N   1 
ATOM   116  C  CA  . LYS A 1 24  ? -2.585  -2.426  -11.586 1.00 10.36 ? 12  LYS A CA  1 
ATOM   117  C  C   . LYS A 1 24  ? -2.905  -3.396  -12.759 1.00 10.95 ? 12  LYS A C   1 
ATOM   118  O  O   . LYS A 1 24  ? -3.979  -3.323  -13.353 1.00 11.33 ? 12  LYS A O   1 
ATOM   119  C  CB  . LYS A 1 24  ? -1.803  -1.215  -12.059 1.00 11.65 ? 12  LYS A CB  1 
ATOM   120  C  CG  . LYS A 1 24  ? -1.856  -0.047  -11.068 1.00 11.15 ? 12  LYS A CG  1 
ATOM   121  C  CD  . LYS A 1 24  ? -1.186  1.149   -11.633 1.00 14.69 ? 12  LYS A CD  1 
ATOM   122  C  CE  . LYS A 1 24  ? -1.151  2.233   -10.593 1.00 18.67 ? 12  LYS A CE  1 
ATOM   123  N  NZ  . LYS A 1 24  ? -0.589  3.456   -11.123 1.00 21.85 ? 12  LYS A NZ  1 
ATOM   124  N  N   . HIS A 1 25  ? -1.983  -4.293  -13.043 1.00 11.99 ? 13  HIS A N   1 
ATOM   125  C  CA  . HIS A 1 25  ? -2.178  -5.330  -14.053 1.00 12.80 ? 13  HIS A CA  1 
ATOM   126  C  C   . HIS A 1 25  ? -3.261  -6.291  -13.626 1.00 13.32 ? 13  HIS A C   1 
ATOM   127  O  O   . HIS A 1 25  ? -4.159  -6.622  -14.419 1.00 12.97 ? 13  HIS A O   1 
ATOM   128  C  CB  . HIS A 1 25  ? -0.878  -6.084  -14.269 1.00 13.59 ? 13  HIS A CB  1 
ATOM   129  C  CG  . HIS A 1 25  ? -0.929  -7.042  -15.419 1.00 14.29 ? 13  HIS A CG  1 
ATOM   130  N  ND1 . HIS A 1 25  ? -1.098  -8.395  -15.242 1.00 15.63 ? 13  HIS A ND1 1 
ATOM   131  C  CD2 . HIS A 1 25  ? -0.842  -6.839  -16.755 1.00 16.55 ? 13  HIS A CD2 1 
ATOM   132  C  CE1 . HIS A 1 25  ? -1.099  -8.990  -16.423 1.00 16.79 ? 13  HIS A CE1 1 
ATOM   133  N  NE2 . HIS A 1 25  ? -0.957  -8.067  -17.360 1.00 18.29 ? 13  HIS A NE2 1 
ATOM   134  N  N   . ASP A 1 26  ? -3.187  -6.748  -12.375 1.00 12.81 ? 14  ASP A N   1 
ATOM   135  C  CA  . ASP A 1 26  ? -4.225  -7.631  -11.825 1.00 13.58 ? 14  ASP A CA  1 
ATOM   136  C  C   . ASP A 1 26  ? -5.588  -6.920  -11.824 1.00 14.12 ? 14  ASP A C   1 
ATOM   137  O  O   . ASP A 1 26  ? -6.605  -7.527  -12.194 1.00 13.90 ? 14  ASP A O   1 
ATOM   138  C  CB  . ASP A 1 26  ? -3.901  -8.088  -10.408 1.00 13.67 ? 14  ASP A CB  1 
ATOM   139  C  CG  . ASP A 1 26  ? -2.847  -9.212  -10.367 1.00 15.28 ? 14  ASP A CG  1 
ATOM   140  O  OD1 . ASP A 1 26  ? -2.805  -10.078 -11.278 1.00 24.06 ? 14  ASP A OD1 1 
ATOM   141  O  OD2 . ASP A 1 26  ? -2.044  -9.277  -9.458  1.00 21.43 ? 14  ASP A OD2 1 
ATOM   142  N  N   . LEU A 1 27  ? -5.614  -5.636  -11.443 1.00 13.42 ? 15  LEU A N   1 
ATOM   143  C  CA  . LEU A 1 27  ? -6.843  -4.880  -11.469 1.00 14.45 ? 15  LEU A CA  1 
ATOM   144  C  C   . LEU A 1 27  ? -7.479  -4.860  -12.865 1.00 15.52 ? 15  LEU A C   1 
ATOM   145  O  O   . LEU A 1 27  ? -8.693  -5.061  -13.001 1.00 13.73 ? 15  LEU A O   1 
ATOM   146  C  CB  . LEU A 1 27  ? -6.610  -3.466  -10.989 1.00 14.47 ? 15  LEU A CB  1 
ATOM   147  C  CG  . LEU A 1 27  ? -7.806  -2.528  -10.920 1.00 16.55 ? 15  LEU A CG  1 
ATOM   148  C  CD1 . LEU A 1 27  ? -8.911  -3.104  -10.028 1.00 19.22 ? 15  LEU A CD1 1 
ATOM   149  C  CD2 . LEU A 1 27  ? -7.311  -1.201  -10.401 1.00 17.85 ? 15  LEU A CD2 1 
ATOM   150  N  N   . GLU A 1 28  ? -6.650  -4.617  -13.882 1.00 17.38 ? 16  GLU A N   1 
ATOM   151  C  CA  . GLU A 1 28  ? -7.111  -4.438  -15.273 1.00 18.68 ? 16  GLU A CA  1 
ATOM   152  C  C   . GLU A 1 28  ? -7.788  -5.717  -15.741 1.00 18.58 ? 16  GLU A C   1 
ATOM   153  O  O   . GLU A 1 28  ? -8.766  -5.675  -16.507 1.00 18.40 ? 16  GLU A O   1 
ATOM   154  C  CB  . GLU A 1 28  ? -5.925  -4.047  -16.175 1.00 20.26 ? 16  GLU A CB  1 
ATOM   155  C  CG  . GLU A 1 28  ? -6.111  -4.226  -17.692 1.00 25.13 ? 16  GLU A CG  1 
ATOM   156  C  CD  . GLU A 1 28  ? -4.830  -4.053  -18.506 1.00 30.72 ? 16  GLU A CD  1 
ATOM   157  O  OE1 . GLU A 1 28  ? -3.749  -3.721  -17.933 1.00 34.69 ? 16  GLU A OE1 1 
ATOM   158  O  OE2 . GLU A 1 28  ? -4.891  -4.267  -19.749 1.00 34.31 ? 16  GLU A OE2 1 
ATOM   159  N  N   . HIS A 1 29  ? -7.310  -6.850  -15.237 1.00 17.61 ? 17  HIS A N   1 
ATOM   160  C  CA  . HIS A 1 29  ? -7.798  -8.153  -15.652 1.00 17.55 ? 17  HIS A CA  1 
ATOM   161  C  C   . HIS A 1 29  ? -8.871  -8.746  -14.728 1.00 17.19 ? 17  HIS A C   1 
ATOM   162  O  O   . HIS A 1 29  ? -9.309  -9.882  -14.943 1.00 17.26 ? 17  HIS A O   1 
ATOM   163  C  CB  . HIS A 1 29  ? -6.625  -9.102  -15.849 1.00 17.70 ? 17  HIS A CB  1 
ATOM   164  C  CG  . HIS A 1 29  ? -5.750  -8.724  -16.999 1.00 19.49 ? 17  HIS A CG  1 
ATOM   165  N  ND1 . HIS A 1 29  ? -6.020  -9.112  -18.296 1.00 23.59 ? 17  HIS A ND1 1 
ATOM   166  C  CD2 . HIS A 1 29  ? -4.622  -7.981  -17.055 1.00 21.76 ? 17  HIS A CD2 1 
ATOM   167  C  CE1 . HIS A 1 29  ? -5.091  -8.625  -19.096 1.00 23.21 ? 17  HIS A CE1 1 
ATOM   168  N  NE2 . HIS A 1 29  ? -4.228  -7.941  -18.367 1.00 24.31 ? 17  HIS A NE2 1 
ATOM   169  N  N   . GLY A 1 30  ? -9.323  -7.955  -13.747 1.00 14.91 ? 18  GLY A N   1 
ATOM   170  C  CA  . GLY A 1 30  ? -10.433 -8.321  -12.891 1.00 14.20 ? 18  GLY A CA  1 
ATOM   171  C  C   . GLY A 1 30  ? -10.032 -9.195  -11.725 1.00 13.86 ? 18  GLY A C   1 
ATOM   172  O  O   . GLY A 1 30  ? -10.896 -9.782  -11.080 1.00 14.02 ? 18  GLY A O   1 
ATOM   173  N  N   . PHE A 1 31  ? -8.724  -9.295  -11.459 1.00 11.98 ? 19  PHE A N   1 
ATOM   174  C  CA  . PHE A 1 31  ? -8.241  -10.140 -10.378 1.00 11.66 ? 19  PHE A CA  1 
ATOM   175  C  C   . PHE A 1 31  ? -8.152  -9.284  -9.128  1.00 11.58 ? 19  PHE A C   1 
ATOM   176  O  O   . PHE A 1 31  ? -7.057  -8.888  -8.697  1.00 11.79 ? 19  PHE A O   1 
ATOM   177  C  CB  . PHE A 1 31  ? -6.909  -10.757 -10.754 1.00 12.00 ? 19  PHE A CB  1 
ATOM   178  C  CG  . PHE A 1 31  ? -6.920  -11.481 -12.074 1.00 15.50 ? 19  PHE A CG  1 
ATOM   179  C  CD1 . PHE A 1 31  ? -5.853  -11.353 -12.956 1.00 20.93 ? 19  PHE A CD1 1 
ATOM   180  C  CD2 . PHE A 1 31  ? -7.958  -12.351 -12.408 1.00 19.82 ? 19  PHE A CD2 1 
ATOM   181  C  CE1 . PHE A 1 31  ? -5.842  -12.065 -14.169 1.00 22.02 ? 19  PHE A CE1 1 
ATOM   182  C  CE2 . PHE A 1 31  ? -7.940  -13.063 -13.629 1.00 21.23 ? 19  PHE A CE2 1 
ATOM   183  C  CZ  . PHE A 1 31  ? -6.890  -12.892 -14.502 1.00 21.71 ? 19  PHE A CZ  1 
ATOM   184  N  N   . TYR A 1 32  ? -9.318  -8.979  -8.553  1.00 12.22 ? 20  TYR A N   1 
ATOM   185  C  CA  . TYR A 1 32  ? -9.405  -7.939  -7.500  1.00 12.26 ? 20  TYR A CA  1 
ATOM   186  C  C   . TYR A 1 32  ? -8.684  -8.330  -6.205  1.00 12.21 ? 20  TYR A C   1 
ATOM   187  O  O   . TYR A 1 32  ? -7.985  -7.512  -5.611  1.00 12.37 ? 20  TYR A O   1 
ATOM   188  C  CB  . TYR A 1 32  ? -10.866 -7.596  -7.236  1.00 13.91 ? 20  TYR A CB  1 
ATOM   189  C  CG  . TYR A 1 32  ? -11.584 -7.136  -8.486  1.00 13.05 ? 20  TYR A CG  1 
ATOM   190  C  CD1 . TYR A 1 32  ? -12.846 -7.664  -8.812  1.00 15.27 ? 20  TYR A CD1 1 
ATOM   191  C  CD2 . TYR A 1 32  ? -11.006 -6.218  -9.368  1.00 12.29 ? 20  TYR A CD2 1 
ATOM   192  C  CE1 . TYR A 1 32  ? -13.526 -7.228  -9.941  1.00 16.86 ? 20  TYR A CE1 1 
ATOM   193  C  CE2 . TYR A 1 32  ? -11.687 -5.780  -10.509 1.00 15.69 ? 20  TYR A CE2 1 
ATOM   194  C  CZ  . TYR A 1 32  ? -12.955 -6.307  -10.792 1.00 15.76 ? 20  TYR A CZ  1 
ATOM   195  O  OH  . TYR A 1 32  ? -13.660 -5.951  -11.936 1.00 20.69 ? 20  TYR A OH  1 
ATOM   196  N  N   . ASN A 1 33  ? -8.801  -9.602  -5.844  1.00 11.52 ? 21  ASN A N   1 
ATOM   197  C  CA  . ASN A 1 33  ? -8.105  -10.195 -4.730  1.00 12.54 ? 21  ASN A CA  1 
ATOM   198  C  C   . ASN A 1 33  ? -6.603  -10.046 -4.835  1.00 11.45 ? 21  ASN A C   1 
ATOM   199  O  O   . ASN A 1 33  ? -5.940  -9.647  -3.876  1.00 9.91  ? 21  ASN A O   1 
ATOM   200  C  CB  . ASN A 1 33  ? -8.463  -11.695 -4.550  1.00 12.60 ? 21  ASN A CB  1 
ATOM   201  C  CG  . ASN A 1 33  ? -8.156  -12.587 -5.805  1.00 16.45 ? 21  ASN A CG  1 
ATOM   202  O  OD1 . ASN A 1 33  ? -8.131  -12.138 -6.995  1.00 19.66 ? 21  ASN A OD1 1 
ATOM   203  N  ND2 . ASN A 1 33  ? -7.941  -13.881 -5.529  1.00 23.15 ? 21  ASN A ND2 1 
ATOM   204  N  N   . TRP A 1 34  ? -6.071  -10.337 -6.004  1.00 11.36 ? 22  TRP A N   1 
ATOM   205  C  CA  . TRP A 1 34  ? -4.631  -10.261 -6.190  1.00 11.88 ? 22  TRP A CA  1 
ATOM   206  C  C   . TRP A 1 34  ? -4.163  -8.808  -6.221  1.00 12.60 ? 22  TRP A C   1 
ATOM   207  O  O   . TRP A 1 34  ? -3.083  -8.494  -5.710  1.00 11.73 ? 22  TRP A O   1 
ATOM   208  C  CB  . TRP A 1 34  ? -4.228  -11.027 -7.451  1.00 12.31 ? 22  TRP A CB  1 
ATOM   209  C  CG  . TRP A 1 34  ? -4.231  -12.511 -7.231  1.00 10.41 ? 22  TRP A CG  1 
ATOM   210  C  CD1 . TRP A 1 34  ? -4.976  -13.434 -7.901  1.00 13.04 ? 22  TRP A CD1 1 
ATOM   211  C  CD2 . TRP A 1 34  ? -3.457  -13.242 -6.269  1.00 8.69  ? 22  TRP A CD2 1 
ATOM   212  N  NE1 . TRP A 1 34  ? -4.710  -14.696 -7.422  1.00 12.67 ? 22  TRP A NE1 1 
ATOM   213  C  CE2 . TRP A 1 34  ? -3.768  -14.610 -6.426  1.00 12.16 ? 22  TRP A CE2 1 
ATOM   214  C  CE3 . TRP A 1 34  ? -2.509  -12.881 -5.297  1.00 10.56 ? 22  TRP A CE3 1 
ATOM   215  C  CZ2 . TRP A 1 34  ? -3.183  -15.606 -5.641  1.00 12.49 ? 22  TRP A CZ2 1 
ATOM   216  C  CZ3 . TRP A 1 34  ? -1.919  -13.863 -4.534  1.00 10.56 ? 22  TRP A CZ3 1 
ATOM   217  C  CH2 . TRP A 1 34  ? -2.267  -15.218 -4.697  1.00 12.71 ? 22  TRP A CH2 1 
ATOM   218  N  N   . ALA A 1 35  ? -4.992  -7.913  -6.760  1.00 12.05 ? 23  ALA A N   1 
ATOM   219  C  CA  . ALA A 1 35  ? -4.661  -6.498  -6.784  1.00 13.17 ? 23  ALA A CA  1 
ATOM   220  C  C   . ALA A 1 35  ? -4.505  -5.975  -5.348  1.00 13.52 ? 23  ALA A C   1 
ATOM   221  O  O   . ALA A 1 35  ? -3.603  -5.215  -5.065  1.00 12.22 ? 23  ALA A O   1 
ATOM   222  C  CB  . ALA A 1 35  ? -5.702  -5.699  -7.542  1.00 14.09 ? 23  ALA A CB  1 
ATOM   223  N  N   . CYS A 1 36  ? -5.403  -6.389  -4.477  1.00 14.47 ? 24  CYS A N   1 
ATOM   224  C  CA  . CYS A 1 36  ? -5.340  -6.084  -3.058  1.00 15.84 ? 24  CYS A CA  1 
ATOM   225  C  C   . CYS A 1 36  ? -4.030  -6.575  -2.457  1.00 14.27 ? 24  CYS A C   1 
ATOM   226  O  O   . CYS A 1 36  ? -3.309  -5.832  -1.824  1.00 13.05 ? 24  CYS A O   1 
ATOM   227  C  CB  A CYS A 1 36  ? -6.515  -6.737  -2.358  0.80 16.54 ? 24  CYS A CB  1 
ATOM   228  C  CB  B CYS A 1 36  ? -6.532  -6.712  -2.336  0.20 16.15 ? 24  CYS A CB  1 
ATOM   229  S  SG  A CYS A 1 36  ? -6.446  -6.606  -0.586  0.80 23.08 ? 24  CYS A SG  1 
ATOM   230  S  SG  B CYS A 1 36  ? -6.463  -6.612  -0.541  0.20 20.39 ? 24  CYS A SG  1 
ATOM   231  N  N   . PHE A 1 37  ? -3.695  -7.829  -2.726  1.00 13.32 ? 25  PHE A N   1 
ATOM   232  C  CA  . PHE A 1 37  ? -2.459  -8.428  -2.206  1.00 12.39 ? 25  PHE A CA  1 
ATOM   233  C  C   . PHE A 1 37  ? -1.191  -7.652  -2.628  1.00 10.96 ? 25  PHE A C   1 
ATOM   234  O  O   . PHE A 1 37  ? -0.345  -7.310  -1.800  1.00 9.75  ? 25  PHE A O   1 
ATOM   235  C  CB  . PHE A 1 37  ? -2.398  -9.882  -2.685  1.00 12.58 ? 25  PHE A CB  1 
ATOM   236  C  CG  . PHE A 1 37  ? -1.148  -10.591 -2.293  1.00 14.94 ? 25  PHE A CG  1 
ATOM   237  C  CD1 . PHE A 1 37  ? -0.962  -11.022 -0.997  1.00 17.39 ? 25  PHE A CD1 1 
ATOM   238  C  CD2 . PHE A 1 37  ? -0.168  -10.860 -3.229  1.00 16.71 ? 25  PHE A CD2 1 
ATOM   239  C  CE1 . PHE A 1 37  ? 0.198   -11.700 -0.629  1.00 16.89 ? 25  PHE A CE1 1 
ATOM   240  C  CE2 . PHE A 1 37  ? 0.999   -11.510 -2.860  1.00 16.10 ? 25  PHE A CE2 1 
ATOM   241  C  CZ  . PHE A 1 37  ? 1.166   -11.954 -1.577  1.00 16.27 ? 25  PHE A CZ  1 
ATOM   242  N  N   . SER A 1 38  ? -1.071  -7.382  -3.923  1.00 10.42 ? 26  SER A N   1 
ATOM   243  C  CA  . SER A 1 38  ? 0.067   -6.658  -4.482  1.00 10.28 ? 26  SER A CA  1 
ATOM   244  C  C   . SER A 1 38  ? 0.169   -5.238  -3.891  1.00 10.50 ? 26  SER A C   1 
ATOM   245  O  O   . SER A 1 38  ? 1.259   -4.715  -3.692  1.00 9.74  ? 26  SER A O   1 
ATOM   246  C  CB  . SER A 1 38  ? -0.082  -6.542  -5.985  1.00 12.68 ? 26  SER A CB  1 
ATOM   247  O  OG  . SER A 1 38  ? 0.103   -7.796  -6.603  1.00 15.05 ? 26  SER A OG  1 
ATOM   248  N  N   . SER A 1 39  ? -0.979  -4.598  -3.681  1.00 9.16  ? 27  SER A N   1 
ATOM   249  C  CA  . SER A 1 39  ? -1.039  -3.243  -3.112  1.00 9.38  ? 27  SER A CA  1 
ATOM   250  C  C   . SER A 1 39  ? -0.452  -3.213  -1.672  1.00 9.28  ? 27  SER A C   1 
ATOM   251  O  O   . SER A 1 39  ? 0.305   -2.284  -1.305  1.00 7.92  ? 27  SER A O   1 
ATOM   252  C  CB  . SER A 1 39  ? -2.501  -2.750  -3.105  1.00 9.38  ? 27  SER A CB  1 
ATOM   253  O  OG  . SER A 1 39  ? -2.943  -2.560  -4.436  1.00 11.50 ? 27  SER A OG  1 
ATOM   254  N  N   . GLN A 1 40  ? -0.814  -4.216  -0.876  1.00 9.01  ? 28  GLN A N   1 
ATOM   255  C  CA  . GLN A 1 40  ? -0.266  -4.361  0.476   1.00 10.25 ? 28  GLN A CA  1 
ATOM   256  C  C   . GLN A 1 40  ? 1.263   -4.448  0.415   1.00 9.95  ? 28  GLN A C   1 
ATOM   257  O  O   . GLN A 1 40  ? 1.950   -3.730  1.125   1.00 9.51  ? 28  GLN A O   1 
ATOM   258  C  CB  . GLN A 1 40  ? -0.795  -5.636  1.159   1.00 11.36 ? 28  GLN A CB  1 
ATOM   259  C  CG  . GLN A 1 40  ? -2.199  -5.625  1.562   1.00 15.40 ? 28  GLN A CG  1 
ATOM   260  C  CD  . GLN A 1 40  ? -2.621  -6.983  2.151   1.00 18.89 ? 28  GLN A CD  1 
ATOM   261  O  OE1 . GLN A 1 40  ? -2.206  -8.048  1.659   1.00 21.67 ? 28  GLN A OE1 1 
ATOM   262  N  NE2 . GLN A 1 40  ? -3.411  -6.945  3.203   1.00 21.85 ? 28  GLN A NE2 1 
ATOM   263  N  N   . GLN A 1 41  ? 1.779   -5.329  -0.449  1.00 9.51  ? 29  GLN A N   1 
ATOM   264  C  CA  . GLN A 1 41  ? 3.222   -5.501  -0.628  1.00 10.16 ? 29  GLN A CA  1 
ATOM   265  C  C   . GLN A 1 41  ? 3.941   -4.221  -1.096  1.00 10.72 ? 29  GLN A C   1 
ATOM   266  O  O   . GLN A 1 41  ? 5.012   -3.865  -0.567  1.00 10.32 ? 29  GLN A O   1 
ATOM   267  C  CB  . GLN A 1 41  ? 3.491   -6.669  -1.569  1.00 10.93 ? 29  GLN A CB  1 
ATOM   268  C  CG  . GLN A 1 41  ? 2.927   -8.005  -1.073  1.00 13.86 ? 29  GLN A CG  1 
ATOM   269  C  CD  . GLN A 1 41  ? 3.715   -8.528  0.096   1.00 21.72 ? 29  GLN A CD  1 
ATOM   270  O  OE1 . GLN A 1 41  ? 4.964   -8.458  0.092   1.00 23.68 ? 29  GLN A OE1 1 
ATOM   271  N  NE2 . GLN A 1 41  ? 3.015   -9.019  1.118   1.00 23.73 ? 29  GLN A NE2 1 
ATOM   272  N  N   . ALA A 1 42  ? 3.331   -3.513  -2.041  1.00 9.56  ? 30  ALA A N   1 
ATOM   273  C  CA  . ALA A 1 42  ? 3.893   -2.270  -2.576  1.00 10.01 ? 30  ALA A CA  1 
ATOM   274  C  C   . ALA A 1 42  ? 4.025   -1.249  -1.448  1.00 10.46 ? 30  ALA A C   1 
ATOM   275  O  O   . ALA A 1 42  ? 5.054   -0.592  -1.330  1.00 10.42 ? 30  ALA A O   1 
ATOM   276  C  CB  . ALA A 1 42  ? 3.035   -1.734  -3.643  1.00 9.83  ? 30  ALA A CB  1 
ATOM   277  N  N   . ALA A 1 43  ? 2.983   -1.127  -0.620  1.00 9.82  ? 31  ALA A N   1 
ATOM   278  C  CA  . ALA A 1 43  ? 2.986   -0.112  0.459   1.00 10.41 ? 31  ALA A CA  1 
ATOM   279  C  C   . ALA A 1 43  ? 4.054   -0.476  1.515   1.00 11.33 ? 31  ALA A C   1 
ATOM   280  O  O   . ALA A 1 43  ? 4.812   0.368   1.988   1.00 10.21 ? 31  ALA A O   1 
ATOM   281  C  CB  . ALA A 1 43  ? 1.630   -0.021  1.088   1.00 11.07 ? 31  ALA A CB  1 
ATOM   282  N  N   . GLU A 1 44  ? 4.097   -1.739  1.884   1.00 10.91 ? 32  GLU A N   1 
ATOM   283  C  CA  . GLU A 1 44  ? 5.143   -2.254  2.781   1.00 12.01 ? 32  GLU A CA  1 
ATOM   284  C  C   . GLU A 1 44  ? 6.563   -1.933  2.322   1.00 11.61 ? 32  GLU A C   1 
ATOM   285  O  O   . GLU A 1 44  ? 7.412   -1.427  3.088   1.00 11.52 ? 32  GLU A O   1 
ATOM   286  C  CB  . GLU A 1 44  ? 4.972   -3.776  2.937   1.00 13.75 ? 32  GLU A CB  1 
ATOM   287  C  CG  . GLU A 1 44  ? 3.761   -4.160  3.724   1.00 17.05 ? 32  GLU A CG  1 
ATOM   288  C  CD  . GLU A 1 44  ? 3.648   -5.653  3.982   1.00 26.78 ? 32  GLU A CD  1 
ATOM   289  O  OE1 . GLU A 1 44  ? 4.715   -6.366  4.037   1.00 27.27 ? 32  GLU A OE1 1 
ATOM   290  O  OE2 . GLU A 1 44  ? 2.472   -6.077  4.186   1.00 28.64 ? 32  GLU A OE2 1 
ATOM   291  N  N   . LYS A 1 45  ? 6.846   -2.236  1.065   1.00 10.55 ? 33  LYS A N   1 
ATOM   292  C  CA  . LYS A 1 45  ? 8.164   -2.028  0.519   1.00 11.24 ? 33  LYS A CA  1 
ATOM   293  C  C   . LYS A 1 45  ? 8.512   -0.523  0.484   1.00 11.04 ? 33  LYS A C   1 
ATOM   294  O  O   . LYS A 1 45  ? 9.649   -0.157  0.749   1.00 10.82 ? 33  LYS A O   1 
ATOM   295  C  CB  . LYS A 1 45  ? 8.297   -2.693  -0.852  1.00 11.45 ? 33  LYS A CB  1 
ATOM   296  C  CG  . LYS A 1 45  ? 8.297   -4.238  -0.797  1.00 14.14 ? 33  LYS A CG  1 
ATOM   297  C  CD  . LYS A 1 45  ? 8.632   -4.857  -2.127  1.00 17.63 ? 33  LYS A CD  1 
ATOM   298  C  CE  . LYS A 1 45  ? 8.638   -6.394  -2.101  1.00 18.76 ? 33  LYS A CE  1 
ATOM   299  N  NZ  . LYS A 1 45  ? 7.392   -7.044  -2.576  1.00 20.59 ? 33  LYS A NZ  1 
ATOM   300  N  N   . ALA A 1 46  ? 7.531   0.331   0.182   1.00 11.08 ? 34  ALA A N   1 
ATOM   301  C  CA  . ALA A 1 46  ? 7.753   1.776   0.056   1.00 11.62 ? 34  ALA A CA  1 
ATOM   302  C  C   . ALA A 1 46  ? 8.198   2.307   1.435   1.00 10.74 ? 34  ALA A C   1 
ATOM   303  O  O   . ALA A 1 46  ? 9.181   3.031   1.555   1.00 10.48 ? 34  ALA A O   1 
ATOM   304  C  CB  . ALA A 1 46  ? 6.491   2.478   -0.378  1.00 11.90 ? 34  ALA A CB  1 
ATOM   305  N  N   . VAL A 1 47  ? 7.514   1.900   2.480   1.00 10.04 ? 35  VAL A N   1 
ATOM   306  C  CA  . VAL A 1 47  ? 7.876   2.401   3.821   1.00 10.69 ? 35  VAL A CA  1 
ATOM   307  C  C   . VAL A 1 47  ? 9.247   1.878   4.276   1.00 10.32 ? 35  VAL A C   1 
ATOM   308  O  O   . VAL A 1 47  ? 10.049  2.612   4.877   1.00 10.72 ? 35  VAL A O   1 
ATOM   309  C  CB  . VAL A 1 47  ? 6.791   2.085   4.858   1.00 10.35 ? 35  VAL A CB  1 
ATOM   310  C  CG1 . VAL A 1 47  ? 7.186   2.639   6.226   1.00 12.83 ? 35  VAL A CG1 1 
ATOM   311  C  CG2 . VAL A 1 47  ? 5.437   2.643   4.434   1.00 13.41 ? 35  VAL A CG2 1 
ATOM   312  N  N   . LYS A 1 48  ? 9.539   0.619   3.982   1.00 10.47 ? 36  LYS A N   1 
ATOM   313  C  CA  . LYS A 1 48  ? 10.859  0.055   4.265   1.00 12.52 ? 36  LYS A CA  1 
ATOM   314  C  C   . LYS A 1 48  ? 12.008  0.817   3.576   1.00 12.26 ? 36  LYS A C   1 
ATOM   315  O  O   . LYS A 1 48  ? 13.123  0.899   4.119   1.00 11.31 ? 36  LYS A O   1 
ATOM   316  C  CB  . LYS A 1 48  ? 10.931  -1.409  3.857   1.00 12.51 ? 36  LYS A CB  1 
ATOM   317  C  CG  . LYS A 1 48  ? 10.134  -2.304  4.719   1.00 16.15 ? 36  LYS A CG  1 
ATOM   318  C  CD  . LYS A 1 48  ? 10.324  -3.757  4.259   1.00 19.20 ? 36  LYS A CD  1 
ATOM   319  C  CE  . LYS A 1 48  ? 9.337   -4.682  4.951   1.00 22.14 ? 36  LYS A CE  1 
ATOM   320  N  N   . ALA A 1 49  ? 11.737  1.356   2.385   1.00 11.59 ? 37  ALA A N   1 
ATOM   321  C  CA  . ALA A 1 49  ? 12.732  2.167   1.677   1.00 11.90 ? 37  ALA A CA  1 
ATOM   322  C  C   . ALA A 1 49  ? 13.134  3.388   2.524   1.00 11.67 ? 37  ALA A C   1 
ATOM   323  O  O   . ALA A 1 49  ? 14.298  3.771   2.528   1.00 12.10 ? 37  ALA A O   1 
ATOM   324  C  CB  . ALA A 1 49  ? 12.204  2.611   0.320   1.00 12.52 ? 37  ALA A CB  1 
ATOM   325  N  N   . VAL A 1 50  ? 12.190  3.939   3.298   1.00 10.35 ? 38  VAL A N   1 
ATOM   326  C  CA  . VAL A 1 50  ? 12.499  5.075   4.187   1.00 10.88 ? 38  VAL A CA  1 
ATOM   327  C  C   . VAL A 1 50  ? 13.402  4.645   5.350   1.00 10.49 ? 38  VAL A C   1 
ATOM   328  O  O   . VAL A 1 50  ? 14.376  5.343   5.701   1.00 10.20 ? 38  VAL A O   1 
ATOM   329  C  CB  . VAL A 1 50  ? 11.242  5.755   4.755   1.00 9.95  ? 38  VAL A CB  1 
ATOM   330  C  CG1 . VAL A 1 50  ? 11.629  6.980   5.581   1.00 12.60 ? 38  VAL A CG1 1 
ATOM   331  C  CG2 . VAL A 1 50  ? 10.265  6.162   3.622   1.00 12.71 ? 38  VAL A CG2 1 
ATOM   332  N  N   . PHE A 1 51  ? 13.034  3.546   6.000   1.00 9.13  ? 39  PHE A N   1 
ATOM   333  C  CA  . PHE A 1 51  ? 13.909  2.941   7.002   1.00 9.30  ? 39  PHE A CA  1 
ATOM   334  C  C   . PHE A 1 51  ? 15.307  2.671   6.463   1.00 10.13 ? 39  PHE A C   1 
ATOM   335  O  O   . PHE A 1 51  ? 16.262  3.004   7.145   1.00 10.81 ? 39  PHE A O   1 
ATOM   336  C  CB  . PHE A 1 51  ? 13.317  1.668   7.621   1.00 9.49  ? 39  PHE A CB  1 
ATOM   337  C  CG  . PHE A 1 51  ? 12.176  1.935   8.545   1.00 10.87 ? 39  PHE A CG  1 
ATOM   338  C  CD1 . PHE A 1 51  ? 10.884  2.062   8.058   1.00 11.78 ? 39  PHE A CD1 1 
ATOM   339  C  CD2 . PHE A 1 51  ? 12.393  2.083   9.910   1.00 15.06 ? 39  PHE A CD2 1 
ATOM   340  C  CE1 . PHE A 1 51  ? 9.802   2.308   8.915   1.00 14.61 ? 39  PHE A CE1 1 
ATOM   341  C  CE2 . PHE A 1 51  ? 11.322  2.346   10.773  1.00 15.70 ? 39  PHE A CE2 1 
ATOM   342  C  CZ  . PHE A 1 51  ? 10.021  2.472   10.254  1.00 15.53 ? 39  PHE A CZ  1 
ATOM   343  N  N   . GLN A 1 52  ? 15.440  2.115   5.254   1.00 10.62 ? 40  GLN A N   1 
ATOM   344  C  CA  . GLN A 1 52  ? 16.755  1.762   4.706   1.00 12.82 ? 40  GLN A CA  1 
ATOM   345  C  C   . GLN A 1 52  ? 17.605  3.027   4.513   1.00 12.03 ? 40  GLN A C   1 
ATOM   346  O  O   . GLN A 1 52  ? 18.760  3.043   4.855   1.00 10.99 ? 40  GLN A O   1 
ATOM   347  C  CB  . GLN A 1 52  ? 16.677  1.013   3.373   1.00 13.16 ? 40  GLN A CB  1 
ATOM   348  C  CG  . GLN A 1 52  ? 18.018  0.317   3.042   1.00 19.51 ? 40  GLN A CG  1 
ATOM   349  C  CD  . GLN A 1 52  ? 18.196  -0.081  1.563   1.00 26.09 ? 40  GLN A CD  1 
ATOM   350  O  OE1 . GLN A 1 52  ? 17.230  -0.303  0.849   1.00 32.05 ? 40  GLN A OE1 1 
ATOM   351  N  NE2 . GLN A 1 52  ? 19.457  -0.187  1.124   1.00 30.75 ? 40  GLN A NE2 1 
ATOM   352  N  N   . ARG A 1 53  ? 17.011  4.075   3.963   1.00 12.68 ? 41  ARG A N   1 
ATOM   353  C  CA  . ARG A 1 53  ? 17.717  5.353   3.783   1.00 12.63 ? 41  ARG A CA  1 
ATOM   354  C  C   . ARG A 1 53  ? 18.154  5.954   5.127   1.00 12.52 ? 41  ARG A C   1 
ATOM   355  O  O   . ARG A 1 53  ? 19.244  6.508   5.236   1.00 11.90 ? 41  ARG A O   1 
ATOM   356  C  CB  . ARG A 1 53  ? 16.846  6.345   3.033   1.00 13.66 ? 41  ARG A CB  1 
ATOM   357  C  CG  . ARG A 1 53  ? 17.441  7.750   2.877   1.00 13.54 ? 41  ARG A CG  1 
ATOM   358  C  CD  . ARG A 1 53  ? 18.576  7.863   1.909   1.00 18.25 ? 41  ARG A CD  1 
ATOM   359  N  NE  . ARG A 1 53  ? 19.163  9.216   1.962   1.00 20.77 ? 41  ARG A NE  1 
ATOM   360  C  CZ  . ARG A 1 53  ? 20.406  9.513   1.656   1.00 22.45 ? 41  ARG A CZ  1 
ATOM   361  N  NH1 . ARG A 1 53  ? 21.253  8.567   1.260   1.00 27.84 ? 41  ARG A NH1 1 
ATOM   362  N  NH2 . ARG A 1 53  ? 20.817  10.769  1.742   1.00 23.42 ? 41  ARG A NH2 1 
HETATM 363  N  N   . MSE A 1 54  ? 17.315  5.827   6.147   1.00 10.73 ? 42  MSE A N   1 
HETATM 364  C  CA  . MSE A 1 54  ? 17.641  6.335   7.463   1.00 11.22 ? 42  MSE A CA  1 
HETATM 365  C  C   . MSE A 1 54  ? 18.631  5.427   8.184   1.00 10.74 ? 42  MSE A C   1 
HETATM 366  O  O   . MSE A 1 54  ? 19.158  5.821   9.190   1.00 11.78 ? 42  MSE A O   1 
HETATM 367  C  CB  . MSE A 1 54  ? 16.388  6.479   8.337   1.00 12.03 ? 42  MSE A CB  1 
HETATM 368  C  CG  . MSE A 1 54  ? 15.524  7.640   7.955   1.00 13.87 ? 42  MSE A CG  1 
HETATM 369  SE SE  . MSE A 1 54  ? 16.488  9.392   7.958   1.00 22.56 ? 42  MSE A SE  1 
HETATM 370  C  CE  . MSE A 1 54  ? 17.203  9.312   9.774   1.00 19.92 ? 42  MSE A CE  1 
ATOM   371  N  N   . GLY A 1 55  ? 18.888  4.224   7.679   1.00 10.49 ? 43  GLY A N   1 
ATOM   372  C  CA  . GLY A 1 55  ? 19.754  3.279   8.356   1.00 11.25 ? 43  GLY A CA  1 
ATOM   373  C  C   . GLY A 1 55  ? 19.122  2.664   9.601   1.00 11.93 ? 43  GLY A C   1 
ATOM   374  O  O   . GLY A 1 55  ? 19.811  2.203   10.503  1.00 10.41 ? 43  GLY A O   1 
ATOM   375  N  N   . ALA A 1 56  ? 17.790  2.692   9.682   1.00 12.51 ? 44  ALA A N   1 
ATOM   376  C  CA  . ALA A 1 56  ? 17.098  2.201   10.856  1.00 13.34 ? 44  ALA A CA  1 
ATOM   377  C  C   . ALA A 1 56  ? 16.429  0.855   10.595  1.00 14.14 ? 44  ALA A C   1 
ATOM   378  O  O   . ALA A 1 56  ? 16.012  0.588   9.487   1.00 11.61 ? 44  ALA A O   1 
ATOM   379  C  CB  . ALA A 1 56  ? 16.076  3.220   11.309  1.00 14.39 ? 44  ALA A CB  1 
ATOM   380  N  N   . GLN A 1 57  ? 16.336  0.023   11.641  1.00 16.20 ? 45  GLN A N   1 
ATOM   381  C  CA  . GLN A 1 57  ? 15.652  -1.257  11.597  1.00 17.58 ? 45  GLN A CA  1 
ATOM   382  C  C   . GLN A 1 57  ? 14.147  -1.051  11.581  1.00 18.27 ? 45  GLN A C   1 
ATOM   383  O  O   . GLN A 1 57  ? 13.607  -0.290  12.416  1.00 18.27 ? 45  GLN A O   1 
ATOM   384  C  CB  . GLN A 1 57  ? 16.022  -2.050  12.869  1.00 18.96 ? 45  GLN A CB  1 
ATOM   385  C  CG  . GLN A 1 57  ? 15.553  -3.485  12.944  1.00 23.25 ? 45  GLN A CG  1 
ATOM   386  C  CD  . GLN A 1 57  ? 16.000  -4.298  11.724  1.00 28.33 ? 45  GLN A CD  1 
ATOM   387  O  OE1 . GLN A 1 57  ? 17.191  -4.395  11.443  1.00 30.42 ? 45  GLN A OE1 1 
ATOM   388  N  NE2 . GLN A 1 57  ? 15.045  -4.871  11.008  1.00 31.63 ? 45  GLN A NE2 1 
ATOM   389  N  N   . ALA A 1 58  ? 13.466  -1.765  10.688  1.00 18.48 ? 46  ALA A N   1 
ATOM   390  C  CA  . ALA A 1 58  ? 12.014  -1.741  10.574  1.00 20.38 ? 46  ALA A CA  1 
ATOM   391  C  C   . ALA A 1 58  ? 11.422  -3.005  11.164  1.00 22.34 ? 46  ALA A C   1 
ATOM   392  O  O   . ALA A 1 58  ? 11.621  -4.081  10.631  1.00 23.10 ? 46  ALA A O   1 
ATOM   393  C  CB  . ALA A 1 58  ? 11.618  -1.627  9.116   1.00 20.97 ? 46  ALA A CB  1 
ATOM   394  N  N   . TRP A 1 59  ? 10.737  -2.880  12.296  1.00 24.09 ? 47  TRP A N   1 
ATOM   395  C  CA  . TRP A 1 59  ? 10.030  -4.018  12.907  1.00 24.69 ? 47  TRP A CA  1 
ATOM   396  C  C   . TRP A 1 59  ? 8.572   -4.196  12.465  1.00 26.19 ? 47  TRP A C   1 
ATOM   397  O  O   . TRP A 1 59  ? 7.770   -3.265  12.481  1.00 27.51 ? 47  TRP A O   1 
ATOM   398  C  CB  . TRP A 1 59  ? 10.071  -3.882  14.406  1.00 24.61 ? 47  TRP A CB  1 
ATOM   399  C  CG  . TRP A 1 59  ? 11.444  -3.835  14.921  1.00 21.92 ? 47  TRP A CG  1 
ATOM   400  C  CD1 . TRP A 1 59  ? 12.167  -2.732  15.197  1.00 18.94 ? 47  TRP A CD1 1 
ATOM   401  C  CD2 . TRP A 1 59  ? 12.280  -4.957  15.216  1.00 20.60 ? 47  TRP A CD2 1 
ATOM   402  N  NE1 . TRP A 1 59  ? 13.411  -3.083  15.649  1.00 20.03 ? 47  TRP A NE1 1 
ATOM   403  C  CE2 . TRP A 1 59  ? 13.501  -4.447  15.696  1.00 18.18 ? 47  TRP A CE2 1 
ATOM   404  C  CE3 . TRP A 1 59  ? 12.115  -6.344  15.141  1.00 20.19 ? 47  TRP A CE3 1 
ATOM   405  C  CZ2 . TRP A 1 59  ? 14.559  -5.259  16.080  1.00 20.39 ? 47  TRP A CZ2 1 
ATOM   406  C  CZ3 . TRP A 1 59  ? 13.175  -7.161  15.532  1.00 20.46 ? 47  TRP A CZ3 1 
ATOM   407  C  CH2 . TRP A 1 59  ? 14.380  -6.605  16.008  1.00 18.90 ? 47  TRP A CH2 1 
ATOM   408  N  N   . GLY A 1 60  ? 8.241   -5.406  12.054  1.00 27.23 ? 48  GLY A N   1 
ATOM   409  C  CA  . GLY A 1 60  ? 6.868   -5.788  11.882  1.00 28.05 ? 48  GLY A CA  1 
ATOM   410  C  C   . GLY A 1 60  ? 6.621   -6.260  10.486  1.00 28.68 ? 48  GLY A C   1 
ATOM   411  O  O   . GLY A 1 60  ? 7.518   -6.405  9.660   1.00 29.88 ? 48  GLY A O   1 
ATOM   412  N  N   . TYR A 1 61  ? 5.367   -6.512  10.223  1.00 29.29 ? 49  TYR A N   1 
ATOM   413  C  CA  . TYR A 1 61  ? 4.972   -7.035  8.940   1.00 29.41 ? 49  TYR A CA  1 
ATOM   414  C  C   . TYR A 1 61  ? 4.143   -5.998  8.249   1.00 28.40 ? 49  TYR A C   1 
ATOM   415  O  O   . TYR A 1 61  ? 4.316   -5.749  7.062   1.00 30.33 ? 49  TYR A O   1 
ATOM   416  C  CB  . TYR A 1 61  ? 4.219   -8.339  9.178   1.00 29.88 ? 49  TYR A CB  1 
ATOM   417  C  CG  . TYR A 1 61  ? 5.036   -9.270  10.049  1.00 31.92 ? 49  TYR A CG  1 
ATOM   418  C  CD1 . TYR A 1 61  ? 6.205   -9.870  9.557   1.00 33.35 ? 49  TYR A CD1 1 
ATOM   419  C  CD2 . TYR A 1 61  ? 4.687   -9.503  11.373  1.00 33.58 ? 49  TYR A CD2 1 
ATOM   420  C  CE1 . TYR A 1 61  ? 6.981   -10.715 10.360  1.00 34.96 ? 49  TYR A CE1 1 
ATOM   421  C  CE2 . TYR A 1 61  ? 5.448   -10.349 12.179  1.00 34.96 ? 49  TYR A CE2 1 
ATOM   422  C  CZ  . TYR A 1 61  ? 6.596   -10.947 11.669  1.00 35.40 ? 49  TYR A CZ  1 
ATOM   423  O  OH  . TYR A 1 61  ? 7.336   -11.782 12.472  1.00 37.24 ? 49  TYR A OH  1 
ATOM   424  N  N   . SER A 1 62  ? 3.273   -5.344  9.009   1.00 26.14 ? 50  SER A N   1 
ATOM   425  C  CA  . SER A 1 62  ? 2.194   -4.616  8.419   1.00 23.96 ? 50  SER A CA  1 
ATOM   426  C  C   . SER A 1 62  ? 2.628   -3.182  8.083   1.00 21.49 ? 50  SER A C   1 
ATOM   427  O  O   . SER A 1 62  ? 3.560   -2.647  8.655   1.00 20.13 ? 50  SER A O   1 
ATOM   428  C  CB  . SER A 1 62  ? 0.990   -4.632  9.356   1.00 23.94 ? 50  SER A CB  1 
ATOM   429  O  OG  . SER A 1 62  ? 1.191   -3.796  10.466  1.00 23.81 ? 50  SER A OG  1 
ATOM   430  N  N   . VAL A 1 63  ? 1.917   -2.584  7.153   1.00 20.65 ? 51  VAL A N   1 
ATOM   431  C  CA  . VAL A 1 63  ? 2.105   -1.159  6.842   1.00 19.95 ? 51  VAL A CA  1 
ATOM   432  C  C   . VAL A 1 63  ? 1.764   -0.295  8.038   1.00 18.20 ? 51  VAL A C   1 
ATOM   433  O  O   . VAL A 1 63  ? 2.513   0.616   8.326   1.00 18.70 ? 51  VAL A O   1 
ATOM   434  C  CB  . VAL A 1 63  ? 1.298   -0.731  5.598   1.00 20.11 ? 51  VAL A CB  1 
ATOM   435  C  CG1 . VAL A 1 63  ? 1.565   0.728   5.247   1.00 20.21 ? 51  VAL A CG1 1 
ATOM   436  C  CG2 . VAL A 1 63  ? 1.670   -1.631  4.457   1.00 21.86 ? 51  VAL A CG2 1 
ATOM   437  N  N   . PRO A 1 64  ? 0.677   -0.563  8.777   1.00 17.95 ? 52  PRO A N   1 
ATOM   438  C  CA  . PRO A 1 64  ? 0.466   0.150   10.033  1.00 16.88 ? 52  PRO A CA  1 
ATOM   439  C  C   . PRO A 1 64  ? 1.637   0.020   10.997  1.00 16.28 ? 52  PRO A C   1 
ATOM   440  O  O   . PRO A 1 64  ? 1.943   1.033   11.609  1.00 16.06 ? 52  PRO A O   1 
ATOM   441  C  CB  . PRO A 1 64  ? -0.793  -0.503  10.614  1.00 17.40 ? 52  PRO A CB  1 
ATOM   442  C  CG  . PRO A 1 64  ? -1.496  -1.007  9.493   1.00 17.66 ? 52  PRO A CG  1 
ATOM   443  C  CD  . PRO A 1 64  ? -0.441  -1.485  8.516   1.00 17.50 ? 52  PRO A CD  1 
ATOM   444  N  N   . ASP A 1 65  ? 2.297   -1.144  11.070  1.00 16.04 ? 53  ASP A N   1 
ATOM   445  C  CA  . ASP A 1 65  ? 3.456   -1.338  11.945  1.00 17.14 ? 53  ASP A CA  1 
ATOM   446  C  C   . ASP A 1 65  ? 4.540   -0.337  11.558  1.00 16.82 ? 53  ASP A C   1 
ATOM   447  O  O   . ASP A 1 65  ? 5.008   0.433   12.380  1.00 17.15 ? 53  ASP A O   1 
ATOM   448  C  CB  . ASP A 1 65  ? 4.052   -2.763  11.855  1.00 17.04 ? 53  ASP A CB  1 
ATOM   449  C  CG  . ASP A 1 65  ? 3.239   -3.808  12.583  1.00 20.31 ? 53  ASP A CG  1 
ATOM   450  O  OD1 . ASP A 1 65  ? 2.417   -3.461  13.462  1.00 20.85 ? 53  ASP A OD1 1 
ATOM   451  O  OD2 . ASP A 1 65  ? 3.372   -5.028  12.325  1.00 22.56 ? 53  ASP A OD2 1 
ATOM   452  N  N   . PHE A 1 66  ? 4.920   -0.333  10.288  1.00 17.48 ? 54  PHE A N   1 
ATOM   453  C  CA  . PHE A 1 66  ? 6.041   0.490   9.851   1.00 16.76 ? 54  PHE A CA  1 
ATOM   454  C  C   . PHE A 1 66  ? 5.710   1.988   9.926   1.00 15.97 ? 54  PHE A C   1 
ATOM   455  O  O   . PHE A 1 66  ? 6.531   2.784   10.350  1.00 15.51 ? 54  PHE A O   1 
ATOM   456  C  CB  . PHE A 1 66  ? 6.471   0.128   8.436   1.00 17.41 ? 54  PHE A CB  1 
ATOM   457  C  CG  . PHE A 1 66  ? 6.831   -1.328  8.237   1.00 18.86 ? 54  PHE A CG  1 
ATOM   458  C  CD1 . PHE A 1 66  ? 7.692   -1.983  9.089   1.00 21.37 ? 54  PHE A CD1 1 
ATOM   459  C  CD2 . PHE A 1 66  ? 6.364   -2.008  7.123   1.00 22.09 ? 54  PHE A CD2 1 
ATOM   460  C  CE1 . PHE A 1 66  ? 8.038   -3.302  8.868   1.00 21.35 ? 54  PHE A CE1 1 
ATOM   461  C  CE2 . PHE A 1 66  ? 6.703   -3.345  6.917   1.00 24.86 ? 54  PHE A CE2 1 
ATOM   462  C  CZ  . PHE A 1 66  ? 7.548   -3.977  7.790   1.00 21.97 ? 54  PHE A CZ  1 
ATOM   463  N  N   . LEU A 1 67  ? 4.519   2.389   9.513   1.00 16.70 ? 55  LEU A N   1 
ATOM   464  C  CA  . LEU A 1 67  ? 4.133   3.821   9.640   1.00 16.66 ? 55  LEU A CA  1 
ATOM   465  C  C   . LEU A 1 67  ? 4.067   4.301   11.072  1.00 17.29 ? 55  LEU A C   1 
ATOM   466  O  O   . LEU A 1 67  ? 4.408   5.442   11.365  1.00 17.99 ? 55  LEU A O   1 
ATOM   467  C  CB  . LEU A 1 67  ? 2.784   4.082   8.973   1.00 17.18 ? 55  LEU A CB  1 
ATOM   468  C  CG  . LEU A 1 67  ? 2.722   4.117   7.474   1.00 16.30 ? 55  LEU A CG  1 
ATOM   469  C  CD1 . LEU A 1 67  ? 1.321   4.584   7.093   1.00 16.64 ? 55  LEU A CD1 1 
ATOM   470  C  CD2 . LEU A 1 67  ? 3.802   5.091   6.873   1.00 15.29 ? 55  LEU A CD2 1 
ATOM   471  N  N   . GLY A 1 68  ? 3.644   3.435   11.985  1.00 17.69 ? 56  GLY A N   1 
ATOM   472  C  CA  . GLY A 1 68  ? 3.637   3.777   13.389  1.00 17.97 ? 56  GLY A CA  1 
ATOM   473  C  C   . GLY A 1 68  ? 5.040   4.060   13.880  1.00 18.20 ? 56  GLY A C   1 
ATOM   474  O  O   . GLY A 1 68  ? 5.248   5.036   14.568  1.00 19.96 ? 56  GLY A O   1 
ATOM   475  N  N   . GLU A 1 69  ? 6.011   3.210   13.535  1.00 18.58 ? 57  GLU A N   1 
ATOM   476  C  CA  . GLU A 1 69  ? 7.408   3.408   13.945  1.00 19.23 ? 57  GLU A CA  1 
ATOM   477  C  C   . GLU A 1 69  ? 7.941   4.707   13.326  1.00 19.03 ? 57  GLU A C   1 
ATOM   478  O  O   . GLU A 1 69  ? 8.640   5.490   13.971  1.00 18.55 ? 57  GLU A O   1 
ATOM   479  C  CB  . GLU A 1 69  ? 8.316   2.225   13.501  1.00 20.07 ? 57  GLU A CB  1 
ATOM   480  C  CG  . GLU A 1 69  ? 8.310   0.969   14.365  1.00 24.17 ? 57  GLU A CG  1 
ATOM   481  C  CD  . GLU A 1 69  ? 9.193   -0.148  13.778  1.00 28.84 ? 57  GLU A CD  1 
ATOM   482  O  OE1 . GLU A 1 69  ? 10.445  0.026   13.672  1.00 28.55 ? 57  GLU A OE1 1 
ATOM   483  O  OE2 . GLU A 1 69  ? 8.623   -1.205  13.412  1.00 31.70 ? 57  GLU A OE2 1 
ATOM   484  N  N   . LEU A 1 70  ? 7.599   4.914   12.065  1.00 17.95 ? 58  LEU A N   1 
ATOM   485  C  CA  . LEU A 1 70  ? 8.056   6.097   11.334  1.00 18.66 ? 58  LEU A CA  1 
ATOM   486  C  C   . LEU A 1 70  ? 7.569   7.414   11.981  1.00 18.18 ? 58  LEU A C   1 
ATOM   487  O  O   . LEU A 1 70  ? 8.259   8.434   11.909  1.00 17.81 ? 58  LEU A O   1 
ATOM   488  C  CB  . LEU A 1 70  ? 7.624   5.976   9.879   1.00 18.20 ? 58  LEU A CB  1 
ATOM   489  C  CG  . LEU A 1 70  ? 8.471   6.721   8.857   1.00 20.34 ? 58  LEU A CG  1 
ATOM   490  C  CD1 . LEU A 1 70  ? 9.955   6.353   9.007   1.00 21.63 ? 58  LEU A CD1 1 
ATOM   491  C  CD2 . LEU A 1 70  ? 7.962   6.451   7.404   1.00 18.59 ? 58  LEU A CD2 1 
ATOM   492  N  N   . SER A 1 71  ? 6.405   7.369   12.644  1.00 18.66 ? 59  SER A N   1 
ATOM   493  C  CA  . SER A 1 71  ? 5.789   8.534   13.340  1.00 19.02 ? 59  SER A CA  1 
ATOM   494  C  C   . SER A 1 71  ? 6.624   9.175   14.453  1.00 19.00 ? 59  SER A C   1 
ATOM   495  O  O   . SER A 1 71  ? 6.399   10.340  14.833  1.00 18.37 ? 59  SER A O   1 
ATOM   496  C  CB  . SER A 1 71  ? 4.430   8.134   13.929  1.00 19.59 ? 59  SER A CB  1 
ATOM   497  O  OG  . SER A 1 71  ? 3.518   7.848   12.885  1.00 23.44 ? 59  SER A OG  1 
ATOM   498  N  N   . SER A 1 72  ? 7.573   8.416   15.002  1.00 19.85 ? 60  SER A N   1 
ATOM   499  C  CA  . SER A 1 72  ? 8.471   8.919   16.047  1.00 19.73 ? 60  SER A CA  1 
ATOM   500  C  C   . SER A 1 72  ? 9.486   9.903   15.468  1.00 19.38 ? 60  SER A C   1 
ATOM   501  O  O   . SER A 1 72  ? 10.103  10.682  16.196  1.00 18.73 ? 60  SER A O   1 
ATOM   502  C  CB  . SER A 1 72  ? 9.217   7.755   16.732  1.00 21.26 ? 60  SER A CB  1 
ATOM   503  O  OG  . SER A 1 72  ? 10.216  7.217   15.858  1.00 20.87 ? 60  SER A OG  1 
ATOM   504  N  N   . ARG A 1 73  ? 9.635   9.879   14.148  1.00 17.96 ? 61  ARG A N   1 
ATOM   505  C  CA  . ARG A 1 73  ? 10.662  10.655  13.472  1.00 18.31 ? 61  ARG A CA  1 
ATOM   506  C  C   . ARG A 1 73  ? 10.101  11.665  12.455  1.00 16.23 ? 61  ARG A C   1 
ATOM   507  O  O   . ARG A 1 73  ? 10.608  12.795  12.328  1.00 15.47 ? 61  ARG A O   1 
ATOM   508  C  CB  . ARG A 1 73  ? 11.592  9.669   12.761  1.00 19.72 ? 61  ARG A CB  1 
ATOM   509  C  CG  . ARG A 1 73  ? 12.842  10.308  12.223  1.00 24.75 ? 61  ARG A CG  1 
ATOM   510  C  CD  . ARG A 1 73  ? 13.777  10.774  13.313  1.00 30.10 ? 61  ARG A CD  1 
ATOM   511  N  NE  . ARG A 1 73  ? 14.676  11.810  12.828  1.00 34.87 ? 61  ARG A NE  1 
ATOM   512  C  CZ  . ARG A 1 73  ? 14.427  13.122  12.858  1.00 39.03 ? 61  ARG A CZ  1 
ATOM   513  N  NH1 . ARG A 1 73  ? 13.288  13.606  13.350  1.00 41.29 ? 61  ARG A NH1 1 
ATOM   514  N  NH2 . ARG A 1 73  ? 15.338  13.958  12.379  1.00 39.68 ? 61  ARG A NH2 1 
ATOM   515  N  N   . PHE A 1 74  ? 9.081   11.234  11.715  1.00 14.56 ? 62  PHE A N   1 
ATOM   516  C  CA  . PHE A 1 74  ? 8.407   12.067  10.721  1.00 15.32 ? 62  PHE A CA  1 
ATOM   517  C  C   . PHE A 1 74  ? 6.925   12.173  10.978  1.00 14.69 ? 62  PHE A C   1 
ATOM   518  O  O   . PHE A 1 74  ? 6.309   11.228  11.406  1.00 15.16 ? 62  PHE A O   1 
ATOM   519  C  CB  . PHE A 1 74  ? 8.622   11.511  9.302   1.00 14.83 ? 62  PHE A CB  1 
ATOM   520  C  CG  . PHE A 1 74  ? 10.072  11.305  8.974   1.00 14.57 ? 62  PHE A CG  1 
ATOM   521  C  CD1 . PHE A 1 74  ? 10.907  12.400  8.792   1.00 19.76 ? 62  PHE A CD1 1 
ATOM   522  C  CD2 . PHE A 1 74  ? 10.609  10.044  8.900   1.00 17.37 ? 62  PHE A CD2 1 
ATOM   523  C  CE1 . PHE A 1 74  ? 12.262  12.241  8.537   1.00 19.02 ? 62  PHE A CE1 1 
ATOM   524  C  CE2 . PHE A 1 74  ? 11.980  9.864   8.640   1.00 17.87 ? 62  PHE A CE2 1 
ATOM   525  C  CZ  . PHE A 1 74  ? 12.799  10.965  8.465   1.00 18.43 ? 62  PHE A CZ  1 
ATOM   526  N  N   . GLU A 1 75  ? 6.354   13.315  10.645  1.00 12.81 ? 63  GLU A N   1 
ATOM   527  C  CA  . GLU A 1 75  ? 4.928   13.465  10.716  1.00 13.95 ? 63  GLU A CA  1 
ATOM   528  C  C   . GLU A 1 75  ? 4.255   12.665  9.593   1.00 13.69 ? 63  GLU A C   1 
ATOM   529  O  O   . GLU A 1 75  ? 4.544   12.868  8.401   1.00 13.56 ? 63  GLU A O   1 
ATOM   530  C  CB  . GLU A 1 75  ? 4.545   14.945  10.630  1.00 14.09 ? 63  GLU A CB  1 
ATOM   531  C  CG  . GLU A 1 75  ? 3.060   15.229  10.502  1.00 16.65 ? 63  GLU A CG  1 
ATOM   532  C  CD  . GLU A 1 75  ? 2.249   14.776  11.698  1.00 20.76 ? 63  GLU A CD  1 
ATOM   533  O  OE1 . GLU A 1 75  ? 2.848   14.360  12.697  1.00 20.58 ? 63  GLU A OE1 1 
ATOM   534  O  OE2 . GLU A 1 75  ? 0.998   14.811  11.626  1.00 25.85 ? 63  GLU A OE2 1 
ATOM   535  N  N   . ILE A 1 76  ? 3.384   11.751  9.982   1.00 13.39 ? 64  ILE A N   1 
ATOM   536  C  CA  . ILE A 1 76  ? 2.620   10.934  9.035   1.00 14.22 ? 64  ILE A CA  1 
ATOM   537  C  C   . ILE A 1 76  ? 1.168   11.389  9.047   1.00 14.64 ? 64  ILE A C   1 
ATOM   538  O  O   . ILE A 1 76  ? 0.482   11.278  10.089  1.00 13.83 ? 64  ILE A O   1 
ATOM   539  C  CB  . ILE A 1 76  ? 2.634   9.450   9.420   1.00 14.73 ? 64  ILE A CB  1 
ATOM   540  C  CG1 . ILE A 1 76  ? 4.069   8.911   9.569   1.00 14.14 ? 64  ILE A CG1 1 
ATOM   541  C  CG2 . ILE A 1 76  ? 1.773   8.651   8.421   1.00 16.06 ? 64  ILE A CG2 1 
ATOM   542  C  CD1 . ILE A 1 76  ? 4.983   9.120   8.377   1.00 17.16 ? 64  ILE A CD1 1 
ATOM   543  N  N   . PRO A 1 77  ? 0.678   11.853  7.908   1.00 15.46 ? 65  PRO A N   1 
ATOM   544  C  CA  . PRO A 1 77  ? -0.703  12.312  7.841   1.00 16.32 ? 65  PRO A CA  1 
ATOM   545  C  C   . PRO A 1 77  ? -1.672  11.204  8.263   1.00 16.36 ? 65  PRO A C   1 
ATOM   546  O  O   . PRO A 1 77  ? -1.453  10.002  7.993   1.00 14.96 ? 65  PRO A O   1 
ATOM   547  C  CB  . PRO A 1 77  ? -0.887  12.695  6.378   1.00 17.04 ? 65  PRO A CB  1 
ATOM   548  C  CG  . PRO A 1 77  ? 0.487   12.843  5.821   1.00 18.07 ? 65  PRO A CG  1 
ATOM   549  C  CD  . PRO A 1 77  ? 1.364   11.941  6.600   1.00 16.81 ? 65  PRO A CD  1 
ATOM   550  N  N   . GLU A 1 78  ? -2.716  11.624  8.961   1.00 16.79 ? 66  GLU A N   1 
ATOM   551  C  CA  . GLU A 1 78  ? -3.722  10.726  9.474   1.00 17.98 ? 66  GLU A CA  1 
ATOM   552  C  C   . GLU A 1 78  ? -4.336  9.905   8.372   1.00 16.81 ? 66  GLU A C   1 
ATOM   553  O  O   . GLU A 1 78  ? -4.575  8.715   8.560   1.00 17.06 ? 66  GLU A O   1 
ATOM   554  C  CB  . GLU A 1 78  ? -4.823  11.533  10.193  1.00 19.35 ? 66  GLU A CB  1 
ATOM   555  C  CG  . GLU A 1 78  ? -5.889  10.671  10.835  1.00 23.09 ? 66  GLU A CG  1 
ATOM   556  C  CD  . GLU A 1 78  ? -7.124  11.469  11.199  1.00 28.85 ? 66  GLU A CD  1 
ATOM   557  O  OE1 . GLU A 1 78  ? -7.255  11.807  12.398  1.00 31.53 ? 66  GLU A OE1 1 
ATOM   558  O  OE2 . GLU A 1 78  ? -7.947  11.767  10.286  1.00 31.74 ? 66  GLU A OE2 1 
ATOM   559  N  N   . GLU A 1 79  ? -4.617  10.528  7.232   1.00 16.68 ? 67  GLU A N   1 
ATOM   560  C  CA  . GLU A 1 79  ? -5.249  9.811   6.128   1.00 16.90 ? 67  GLU A CA  1 
ATOM   561  C  C   . GLU A 1 79  ? -4.392  8.686   5.581   1.00 15.98 ? 67  GLU A C   1 
ATOM   562  O  O   . GLU A 1 79  ? -4.926  7.707   5.108   1.00 15.64 ? 67  GLU A O   1 
ATOM   563  C  CB  . GLU A 1 79  ? -5.660  10.749  5.005   1.00 17.76 ? 67  GLU A CB  1 
ATOM   564  C  CG  . GLU A 1 79  ? -4.586  11.155  4.020   1.00 20.14 ? 67  GLU A CG  1 
ATOM   565  C  CD  . GLU A 1 79  ? -5.052  12.297  3.149   1.00 25.01 ? 67  GLU A CD  1 
ATOM   566  O  OE1 . GLU A 1 79  ? -5.174  13.404  3.720   1.00 29.80 ? 67  GLU A OE1 1 
ATOM   567  O  OE2 . GLU A 1 79  ? -5.320  12.092  1.934   1.00 23.85 ? 67  GLU A OE2 1 
ATOM   568  N  N   . LEU A 1 80  ? -3.069  8.836   5.624   1.00 14.46 ? 68  LEU A N   1 
ATOM   569  C  CA  . LEU A 1 80  ? -2.170  7.727   5.223   1.00 14.81 ? 68  LEU A CA  1 
ATOM   570  C  C   . LEU A 1 80  ? -2.219  6.584   6.225   1.00 14.31 ? 68  LEU A C   1 
ATOM   571  O  O   . LEU A 1 80  ? -2.131  5.452   5.847   1.00 12.76 ? 68  LEU A O   1 
ATOM   572  C  CB  . LEU A 1 80  ? -0.740  8.206   5.033   1.00 14.02 ? 68  LEU A CB  1 
ATOM   573  C  CG  . LEU A 1 80  ? -0.502  9.103   3.819   1.00 16.86 ? 68  LEU A CG  1 
ATOM   574  C  CD1 . LEU A 1 80  ? 1.020   9.384   3.611   1.00 18.29 ? 68  LEU A CD1 1 
ATOM   575  C  CD2 . LEU A 1 80  ? -1.133  8.548   2.544   1.00 16.01 ? 68  LEU A CD2 1 
ATOM   576  N  N   . MET A 1 81  ? -2.291  6.883   7.520   1.00 14.84 ? 69  MET A N   1 
ATOM   577  C  CA  . MET A 1 81  ? -2.455  5.808   8.511   1.00 15.34 ? 69  MET A CA  1 
ATOM   578  C  C   . MET A 1 81  ? -3.776  5.106   8.281   1.00 14.73 ? 69  MET A C   1 
ATOM   579  O  O   . MET A 1 81  ? -3.822  3.885   8.351   1.00 14.96 ? 69  MET A O   1 
ATOM   580  C  CB  . MET A 1 81  ? -2.405  6.321   9.956   1.00 15.48 ? 69  MET A CB  1 
ATOM   581  C  CG  . MET A 1 81  ? -2.466  5.198   11.022  1.00 17.29 ? 69  MET A CG  1 
ATOM   582  S  SD  . MET A 1 81  ? -1.202  3.810   10.874  1.00 21.11 ? 69  MET A SD  1 
ATOM   583  C  CE  . MET A 1 81  ? 0.126   4.815   10.740  1.00 21.50 ? 69  MET A CE  1 
ATOM   584  N  N   . ASP A 1 82  ? -4.840  5.880   8.021   1.00 14.50 ? 70  ASP A N   1 
ATOM   585  C  CA  . ASP A 1 82  ? -6.156  5.336   7.664   1.00 14.42 ? 70  ASP A CA  1 
ATOM   586  C  C   . ASP A 1 82  ? -6.055  4.387   6.462   1.00 13.74 ? 70  ASP A C   1 
ATOM   587  O  O   . ASP A 1 82  ? -6.573  3.284   6.496   1.00 13.26 ? 70  ASP A O   1 
ATOM   588  C  CB  . ASP A 1 82  ? -7.168  6.447   7.327   1.00 14.99 ? 70  ASP A CB  1 
ATOM   589  C  CG  . ASP A 1 82  ? -7.769  7.112   8.559   1.00 19.32 ? 70  ASP A CG  1 
ATOM   590  O  OD1 . ASP A 1 82  ? -8.604  8.057   8.396   1.00 25.11 ? 70  ASP A OD1 1 
ATOM   591  O  OD2 . ASP A 1 82  ? -7.477  6.749   9.725   1.00 21.74 ? 70  ASP A OD2 1 
ATOM   592  N  N   . HIS A 1 83  ? -5.393  4.827   5.406   1.00 12.38 ? 71  HIS A N   1 
ATOM   593  C  CA  . HIS A 1 83  ? -5.218  3.967   4.225   1.00 12.98 ? 71  HIS A CA  1 
ATOM   594  C  C   . HIS A 1 83  ? -4.450  2.694   4.563   1.00 12.33 ? 71  HIS A C   1 
ATOM   595  O  O   . HIS A 1 83  ? -4.765  1.608   4.064   1.00 11.65 ? 71  HIS A O   1 
ATOM   596  C  CB  . HIS A 1 83  ? -4.463  4.690   3.111   1.00 12.80 ? 71  HIS A CB  1 
ATOM   597  C  CG  . HIS A 1 83  ? -5.143  5.915   2.582   1.00 13.15 ? 71  HIS A CG  1 
ATOM   598  N  ND1 . HIS A 1 83  ? -6.464  6.210   2.828   1.00 14.15 ? 71  HIS A ND1 1 
ATOM   599  C  CD2 . HIS A 1 83  ? -4.674  6.912   1.791   1.00 13.03 ? 71  HIS A CD2 1 
ATOM   600  C  CE1 . HIS A 1 83  ? -6.776  7.352   2.241   1.00 15.63 ? 71  HIS A CE1 1 
ATOM   601  N  NE2 . HIS A 1 83  ? -5.718  7.778   1.567   1.00 15.52 ? 71  HIS A NE2 1 
ATOM   602  N  N   . ALA A 1 84  ? -3.425  2.845   5.401   1.00 11.94 ? 72  ALA A N   1 
ATOM   603  C  CA  . ALA A 1 84  ? -2.580  1.730   5.783   1.00 12.15 ? 72  ALA A CA  1 
ATOM   604  C  C   . ALA A 1 84  ? -3.413  0.684   6.490   1.00 12.14 ? 72  ALA A C   1 
ATOM   605  O  O   . ALA A 1 84  ? -3.236  -0.494  6.281   1.00 11.76 ? 72  ALA A O   1 
ATOM   606  C  CB  . ALA A 1 84  ? -1.469  2.178   6.673   1.00 12.48 ? 72  ALA A CB  1 
ATOM   607  N  N   . LEU A 1 85  ? -4.339  1.127   7.309   1.00 12.74 ? 73  LEU A N   1 
ATOM   608  C  CA  . LEU A 1 85  ? -5.147  0.196   8.079   1.00 14.33 ? 73  LEU A CA  1 
ATOM   609  C  C   . LEU A 1 85  ? -6.082  -0.558  7.156   1.00 14.74 ? 73  LEU A C   1 
ATOM   610  O  O   . LEU A 1 85  ? -6.281  -1.738  7.360   1.00 15.02 ? 73  LEU A O   1 
ATOM   611  C  CB  . LEU A 1 85  ? -5.898  0.914   9.177   1.00 14.09 ? 73  LEU A CB  1 
ATOM   612  C  CG  . LEU A 1 85  ? -4.886  1.333   10.251  1.00 15.31 ? 73  LEU A CG  1 
ATOM   613  C  CD1 . LEU A 1 85  ? -5.405  2.534   11.047  1.00 18.96 ? 73  LEU A CD1 1 
ATOM   614  C  CD2 . LEU A 1 85  ? -4.563  0.152   11.157  1.00 17.23 ? 73  LEU A CD2 1 
ATOM   615  N  N   . GLU A 1 86  ? -6.583  0.105   6.113   1.00 14.93 ? 74  GLU A N   1 
ATOM   616  C  CA  . GLU A 1 86  ? -7.404  -0.559  5.115   1.00 16.49 ? 74  GLU A CA  1 
ATOM   617  C  C   . GLU A 1 86  ? -6.597  -1.589  4.325   1.00 16.35 ? 74  GLU A C   1 
ATOM   618  O  O   . GLU A 1 86  ? -7.093  -2.669  3.998   1.00 16.28 ? 74  GLU A O   1 
ATOM   619  C  CB  . GLU A 1 86  ? -8.016  0.445   4.150   1.00 17.91 ? 74  GLU A CB  1 
ATOM   620  C  CG  . GLU A 1 86  ? -8.984  1.398   4.798   1.00 21.34 ? 74  GLU A CG  1 
ATOM   621  C  CD  . GLU A 1 86  ? -10.347 0.787   5.001   1.00 26.46 ? 74  GLU A CD  1 
ATOM   622  O  OE1 . GLU A 1 86  ? -10.948 0.327   4.009   1.00 30.16 ? 74  GLU A OE1 1 
ATOM   623  O  OE2 . GLU A 1 86  ? -10.812 0.776   6.157   1.00 32.61 ? 74  GLU A OE2 1 
ATOM   624  N  N   . LEU A 1 87  ? -5.349  -1.260  4.032   1.00 16.12 ? 75  LEU A N   1 
ATOM   625  C  CA  . LEU A 1 87  ? -4.479  -2.145  3.278   1.00 17.08 ? 75  LEU A CA  1 
ATOM   626  C  C   . LEU A 1 87  ? -4.078  -3.354  4.095   1.00 19.59 ? 75  LEU A C   1 
ATOM   627  O  O   . LEU A 1 87  ? -3.809  -4.419  3.543   1.00 19.84 ? 75  LEU A O   1 
ATOM   628  C  CB  . LEU A 1 87  ? -3.211  -1.411  2.890   1.00 17.03 ? 75  LEU A CB  1 
ATOM   629  C  CG  . LEU A 1 87  ? -3.313  -0.546  1.665   1.00 14.94 ? 75  LEU A CG  1 
ATOM   630  C  CD1 . LEU A 1 87  ? -2.162  0.491   1.701   1.00 16.00 ? 75  LEU A CD1 1 
ATOM   631  C  CD2 . LEU A 1 87  ? -3.255  -1.468  0.421   1.00 16.54 ? 75  LEU A CD2 1 
ATOM   632  N  N   . ASP A 1 88  ? -4.042  -3.181  5.404   1.00 21.26 ? 76  ASP A N   1 
ATOM   633  C  CA  . ASP A 1 88  ? -3.650  -4.246  6.307   1.00 24.12 ? 76  ASP A CA  1 
ATOM   634  C  C   . ASP A 1 88  ? -4.669  -5.384  6.374   1.00 25.51 ? 76  ASP A C   1 
ATOM   635  O  O   . ASP A 1 88  ? -4.308  -6.499  6.756   1.00 26.38 ? 76  ASP A O   1 
ATOM   636  C  CB  . ASP A 1 88  ? -3.426  -3.690  7.703   1.00 24.11 ? 76  ASP A CB  1 
ATOM   637  C  CG  . ASP A 1 88  ? -2.729  -4.678  8.609   1.00 26.14 ? 76  ASP A CG  1 
ATOM   638  O  OD1 . ASP A 1 88  ? -1.757  -5.311  8.151   1.00 29.28 ? 76  ASP A OD1 1 
ATOM   639  O  OD2 . ASP A 1 88  ? -3.083  -4.881  9.779   1.00 28.65 ? 76  ASP A OD2 1 
ATOM   640  N  N   . LYS A 1 89  ? -5.920  -5.105  6.029   1.00 27.20 ? 77  LYS A N   1 
ATOM   641  C  CA  . LYS A 1 89  ? -6.996  -6.111  6.106   1.00 28.79 ? 77  LYS A CA  1 
ATOM   642  C  C   . LYS A 1 89  ? -6.878  -7.242  5.074   1.00 29.83 ? 77  LYS A C   1 
ATOM   643  O  O   . LYS A 1 89  ? -6.267  -7.078  4.023   1.00 30.34 ? 77  LYS A O   1 
ATOM   644  C  CB  . LYS A 1 89  ? -8.355  -5.424  5.957   1.00 29.34 ? 77  LYS A CB  1 
ATOM   645  C  CG  . LYS A 1 89  ? -8.724  -4.495  7.114   1.00 30.02 ? 77  LYS A CG  1 
ATOM   646  C  CD  . LYS A 1 89  ? -9.689  -3.407  6.650   1.00 32.43 ? 77  LYS A CD  1 
ATOM   647  C  CE  . LYS A 1 89  ? -9.998  -2.393  7.746   1.00 33.67 ? 77  LYS A CE  1 
ATOM   648  N  NZ  . LYS A 1 89  ? -11.335 -2.643  8.361   1.00 34.74 ? 77  LYS A NZ  1 
ATOM   649  N  N   . ALA A 1 90  ? -7.512  -8.380  5.362   1.00 31.00 ? 78  ALA A N   1 
ATOM   650  C  CA  . ALA A 1 90  ? -7.364  -9.593  4.549   1.00 31.54 ? 78  ALA A CA  1 
ATOM   651  C  C   . ALA A 1 90  ? -7.808  -9.403  3.094   1.00 31.95 ? 78  ALA A C   1 
ATOM   652  O  O   . ALA A 1 90  ? -8.851  -8.772  2.830   1.00 32.82 ? 78  ALA A O   1 
ATOM   653  C  CB  . ALA A 1 90  ? -8.155  -10.747 5.187   1.00 31.75 ? 78  ALA A CB  1 
ATOM   654  N  N   . CYS A 1 91  ? -7.005  -9.932  2.165   1.00 32.07 ? 79  CYS A N   1 
ATOM   655  C  CA  . CYS A 1 91  ? -7.357  -9.994  0.742   1.00 31.45 ? 79  CYS A CA  1 
ATOM   656  C  C   . CYS A 1 91  ? -7.913  -11.372 0.388   1.00 32.36 ? 79  CYS A C   1 
ATOM   657  O  O   . CYS A 1 91  ? -9.028  -11.492 -0.117  1.00 33.15 ? 79  CYS A O   1 
ATOM   658  C  CB  . CYS A 1 91  ? -6.134  -9.738  -0.135  1.00 30.78 ? 79  CYS A CB  1 
ATOM   659  S  SG  . CYS A 1 91  ? -5.324  -8.147  0.150   1.00 27.58 ? 79  CYS A SG  1 
ATOM   660  N  N   . ASP A 1 98  ? -20.445 -10.511 1.107   1.00 28.63 ? 86  ASP A N   1 
ATOM   661  C  CA  . ASP A 1 98  ? -20.997 -11.799 0.665   1.00 28.63 ? 86  ASP A CA  1 
ATOM   662  C  C   . ASP A 1 98  ? -22.510 -11.750 0.560   1.00 27.90 ? 86  ASP A C   1 
ATOM   663  O  O   . ASP A 1 98  ? -23.114 -12.533 -0.185  1.00 28.32 ? 86  ASP A O   1 
ATOM   664  C  CB  . ASP A 1 98  ? -20.543 -12.950 1.587   1.00 29.13 ? 86  ASP A CB  1 
ATOM   665  C  CG  . ASP A 1 98  ? -21.570 -13.318 2.660   1.00 30.68 ? 86  ASP A CG  1 
ATOM   666  O  OD1 . ASP A 1 98  ? -21.793 -12.509 3.596   1.00 32.72 ? 86  ASP A OD1 1 
ATOM   667  O  OD2 . ASP A 1 98  ? -22.184 -14.413 2.671   1.00 31.44 ? 86  ASP A OD2 1 
ATOM   668  N  N   . ALA A 1 99  ? -23.120 -10.833 1.315   1.00 26.57 ? 87  ALA A N   1 
ATOM   669  C  CA  . ALA A 1 99  ? -24.572 -10.647 1.292   1.00 25.50 ? 87  ALA A CA  1 
ATOM   670  C  C   . ALA A 1 99  ? -25.058 -9.815  0.085   1.00 24.41 ? 87  ALA A C   1 
ATOM   671  O  O   . ALA A 1 99  ? -26.261 -9.683  -0.112  1.00 23.68 ? 87  ALA A O   1 
ATOM   672  C  CB  . ALA A 1 99  ? -25.042 -10.010 2.601   1.00 25.52 ? 87  ALA A CB  1 
ATOM   673  N  N   . LEU A 1 100 ? -24.127 -9.234  -0.686  1.00 23.56 ? 88  LEU A N   1 
ATOM   674  C  CA  . LEU A 1 100 ? -24.442 -8.652  -2.001  1.00 22.27 ? 88  LEU A CA  1 
ATOM   675  C  C   . LEU A 1 100 ? -24.603 -9.762  -3.064  1.00 21.16 ? 88  LEU A C   1 
ATOM   676  O  O   . LEU A 1 100 ? -23.767 -10.652 -3.136  1.00 20.25 ? 88  LEU A O   1 
ATOM   677  C  CB  . LEU A 1 100 ? -23.312 -7.748  -2.476  1.00 22.00 ? 88  LEU A CB  1 
ATOM   678  C  CG  . LEU A 1 100 ? -23.024 -6.479  -1.670  1.00 22.65 ? 88  LEU A CG  1 
ATOM   679  C  CD1 . LEU A 1 100 ? -21.895 -5.750  -2.334  1.00 23.34 ? 88  LEU A CD1 1 
ATOM   680  C  CD2 . LEU A 1 100 ? -24.272 -5.590  -1.561  1.00 22.70 ? 88  LEU A CD2 1 
ATOM   681  N  N   . PRO A 1 101 ? -25.623 -9.671  -3.922  1.00 19.92 ? 89  PRO A N   1 
ATOM   682  C  CA  . PRO A 1 101 ? -25.793 -10.634 -5.021  1.00 18.98 ? 89  PRO A CA  1 
ATOM   683  C  C   . PRO A 1 101 ? -24.604 -10.726 -5.983  1.00 18.75 ? 89  PRO A C   1 
ATOM   684  O  O   . PRO A 1 101 ? -23.946 -9.729  -6.326  1.00 16.43 ? 89  PRO A O   1 
ATOM   685  C  CB  . PRO A 1 101 ? -27.017 -10.096 -5.777  1.00 19.12 ? 89  PRO A CB  1 
ATOM   686  C  CG  . PRO A 1 101 ? -27.719 -9.224  -4.847  1.00 18.62 ? 89  PRO A CG  1 
ATOM   687  C  CD  . PRO A 1 101 ? -26.692 -8.653  -3.916  1.00 20.04 ? 89  PRO A CD  1 
ATOM   688  N  N   . SER A 1 102 ? -24.330 -11.957 -6.396  1.00 18.87 ? 90  SER A N   1 
ATOM   689  C  CA  . SER A 1 102 ? -23.491 -12.261 -7.551  1.00 19.75 ? 90  SER A CA  1 
ATOM   690  C  C   . SER A 1 102 ? -23.871 -11.450 -8.773  1.00 19.13 ? 90  SER A C   1 
ATOM   691  O  O   . SER A 1 102 ? -25.036 -11.091 -8.964  1.00 19.44 ? 90  SER A O   1 
ATOM   692  C  CB  . SER A 1 102 ? -23.602 -13.758 -7.917  1.00 20.30 ? 90  SER A CB  1 
ATOM   693  O  OG  . SER A 1 102 ? -22.563 -14.488 -7.292  1.00 23.17 ? 90  SER A OG  1 
ATOM   694  N  N   . GLY A 1 103 ? -22.876 -11.218 -9.618  1.00 19.23 ? 91  GLY A N   1 
ATOM   695  C  CA  . GLY A 1 103 ? -23.025 -10.374 -10.785 1.00 19.37 ? 91  GLY A CA  1 
ATOM   696  C  C   . GLY A 1 103 ? -22.587 -8.966  -10.519 1.00 18.67 ? 91  GLY A C   1 
ATOM   697  O  O   . GLY A 1 103 ? -21.641 -8.753  -9.748  1.00 18.95 ? 91  GLY A O   1 
ATOM   698  N  N   . SER A 1 104 ? -23.242 -8.004  -11.161 1.00 18.76 ? 92  SER A N   1 
ATOM   699  C  CA  . SER A 1 104 ? -22.868 -6.587  -11.033 1.00 18.68 ? 92  SER A CA  1 
ATOM   700  C  C   . SER A 1 104 ? -22.738 -6.022  -9.610  1.00 17.93 ? 92  SER A C   1 
ATOM   701  O  O   . SER A 1 104 ? -21.793 -5.281  -9.369  1.00 18.42 ? 92  SER A O   1 
ATOM   702  C  CB  . SER A 1 104 ? -23.782 -5.662  -11.885 1.00 18.95 ? 92  SER A CB  1 
ATOM   703  O  OG  . SER A 1 104 ? -25.107 -5.528  -11.366 1.00 19.60 ? 92  SER A OG  1 
ATOM   704  N  N   . PRO A 1 105 ? -23.641 -6.302  -8.666  1.00 15.92 ? 93  PRO A N   1 
ATOM   705  C  CA  . PRO A 1 105 ? -23.474 -5.718  -7.321  1.00 15.72 ? 93  PRO A CA  1 
ATOM   706  C  C   . PRO A 1 105 ? -22.147 -6.103  -6.651  1.00 16.18 ? 93  PRO A C   1 
ATOM   707  O  O   . PRO A 1 105 ? -21.394 -5.237  -6.168  1.00 14.88 ? 93  PRO A O   1 
ATOM   708  C  CB  . PRO A 1 105 ? -24.648 -6.299  -6.535  1.00 15.89 ? 93  PRO A CB  1 
ATOM   709  C  CG  . PRO A 1 105 ? -25.667 -6.654  -7.604  1.00 15.74 ? 93  PRO A CG  1 
ATOM   710  C  CD  . PRO A 1 105 ? -24.832 -7.171  -8.735  1.00 16.40 ? 93  PRO A CD  1 
ATOM   711  N  N   . ARG A 1 106 ? -21.830 -7.390  -6.684  1.00 16.29 ? 94  ARG A N   1 
ATOM   712  C  CA  . ARG A 1 106 ? -20.598 -7.873  -6.058  1.00 17.95 ? 94  ARG A CA  1 
ATOM   713  C  C   . ARG A 1 106 ? -19.356 -7.423  -6.793  1.00 18.11 ? 94  ARG A C   1 
ATOM   714  O  O   . ARG A 1 106 ? -18.367 -7.026  -6.168  1.00 18.78 ? 94  ARG A O   1 
ATOM   715  C  CB  . ARG A 1 106 ? -20.619 -9.391  -5.983  1.00 18.12 ? 94  ARG A CB  1 
ATOM   716  C  CG  . ARG A 1 106 ? -19.427 -10.000 -5.276  1.00 21.20 ? 94  ARG A CG  1 
ATOM   717  C  CD  . ARG A 1 106 ? -19.630 -11.496 -4.977  1.00 24.65 ? 94  ARG A CD  1 
ATOM   718  N  NE  . ARG A 1 106 ? -20.831 -11.761 -4.163  1.00 27.13 ? 94  ARG A NE  1 
ATOM   719  C  CZ  . ARG A 1 106 ? -21.339 -12.978 -3.949  1.00 29.40 ? 94  ARG A CZ  1 
ATOM   720  N  NH1 . ARG A 1 106 ? -20.753 -14.055 -4.463  1.00 31.02 ? 94  ARG A NH1 1 
ATOM   721  N  NH2 . ARG A 1 106 ? -22.429 -13.135 -3.213  1.00 29.50 ? 94  ARG A NH2 1 
ATOM   722  N  N   . ASN A 1 107 ? -19.385 -7.525  -8.116  1.00 17.99 ? 95  ASN A N   1 
ATOM   723  C  CA  . ASN A 1 107 ? -18.249 -7.142  -8.932  1.00 18.55 ? 95  ASN A CA  1 
ATOM   724  C  C   . ASN A 1 107 ? -17.969 -5.659  -8.871  1.00 18.53 ? 95  ASN A C   1 
ATOM   725  O  O   . ASN A 1 107 ? -16.809 -5.259  -8.889  1.00 17.86 ? 95  ASN A O   1 
ATOM   726  C  CB  . ASN A 1 107 ? -18.444 -7.543  -10.386 1.00 18.93 ? 95  ASN A CB  1 
ATOM   727  C  CG  . ASN A 1 107 ? -18.645 -9.055  -10.563 1.00 21.27 ? 95  ASN A CG  1 
ATOM   728  O  OD1 . ASN A 1 107 ? -18.239 -9.863  -9.707  1.00 22.89 ? 95  ASN A OD1 1 
ATOM   729  N  ND2 . ASN A 1 107 ? -19.288 -9.438  -11.674 1.00 24.30 ? 95  ASN A ND2 1 
ATOM   730  N  N   . ARG A 1 108 ? -19.022 -4.849  -8.811  1.00 17.84 ? 96  ARG A N   1 
ATOM   731  C  CA  . ARG A 1 108 ? -18.856 -3.422  -8.671  1.00 18.40 ? 96  ARG A CA  1 
ATOM   732  C  C   . ARG A 1 108 ? -18.210 -3.087  -7.350  1.00 17.49 ? 96  ARG A C   1 
ATOM   733  O  O   . ARG A 1 108 ? -17.255 -2.313  -7.324  1.00 17.73 ? 96  ARG A O   1 
ATOM   734  C  CB  . ARG A 1 108 ? -20.173 -2.673  -8.910  1.00 19.07 ? 96  ARG A CB  1 
ATOM   735  C  CG  . ARG A 1 108 ? -20.429 -2.508  -10.419 1.00 22.73 ? 96  ARG A CG  1 
ATOM   736  C  CD  . ARG A 1 108 ? -21.742 -1.832  -10.816 1.00 27.45 ? 96  ARG A CD  1 
ATOM   737  N  NE  . ARG A 1 108 ? -21.941 -0.504  -10.225 1.00 29.18 ? 96  ARG A NE  1 
ATOM   738  C  CZ  . ARG A 1 108 ? -22.822 0.389   -10.683 1.00 30.43 ? 96  ARG A CZ  1 
ATOM   739  N  NH1 . ARG A 1 108 ? -23.551 0.133   -11.764 1.00 31.90 ? 96  ARG A NH1 1 
ATOM   740  N  NH2 . ARG A 1 108 ? -22.963 1.552   -10.076 1.00 32.54 ? 96  ARG A NH2 1 
ATOM   741  N  N   . TYR A 1 109 ? -18.676 -3.695  -6.268  1.00 16.88 ? 97  TYR A N   1 
ATOM   742  C  CA  . TYR A 1 109 ? -18.125 -3.474  -4.938  1.00 17.25 ? 97  TYR A CA  1 
ATOM   743  C  C   . TYR A 1 109 ? -16.650 -3.875  -4.948  1.00 16.68 ? 97  TYR A C   1 
ATOM   744  O  O   . TYR A 1 109 ? -15.811 -3.134  -4.460  1.00 15.23 ? 97  TYR A O   1 
ATOM   745  C  CB  . TYR A 1 109 ? -18.881 -4.294  -3.876  1.00 18.22 ? 97  TYR A CB  1 
ATOM   746  C  CG  . TYR A 1 109 ? -18.326 -4.185  -2.448  1.00 23.46 ? 97  TYR A CG  1 
ATOM   747  C  CD1 . TYR A 1 109 ? -19.083 -3.620  -1.417  1.00 28.60 ? 97  TYR A CD1 1 
ATOM   748  C  CD2 . TYR A 1 109 ? -17.055 -4.668  -2.126  1.00 27.94 ? 97  TYR A CD2 1 
ATOM   749  C  CE1 . TYR A 1 109 ? -18.577 -3.531  -0.097  1.00 31.54 ? 97  TYR A CE1 1 
ATOM   750  C  CE2 . TYR A 1 109 ? -16.545 -4.581  -0.824  1.00 31.25 ? 97  TYR A CE2 1 
ATOM   751  C  CZ  . TYR A 1 109 ? -17.304 -4.021  0.182   1.00 33.02 ? 97  TYR A CZ  1 
ATOM   752  O  OH  . TYR A 1 109 ? -16.780 -3.942  1.457   1.00 36.52 ? 97  TYR A OH  1 
ATOM   753  N  N   . SER A 1 110 ? -16.335 -5.028  -5.534  1.00 16.10 ? 98  SER A N   1 
ATOM   754  C  CA  . SER A 1 110 ? -14.943 -5.533  -5.524  1.00 16.35 ? 98  SER A CA  1 
ATOM   755  C  C   . SER A 1 110 ? -13.996 -4.689  -6.360  1.00 15.87 ? 98  SER A C   1 
ATOM   756  O  O   . SER A 1 110 ? -12.852 -4.461  -5.992  1.00 14.19 ? 98  SER A O   1 
ATOM   757  C  CB  . SER A 1 110 ? -14.885 -6.977  -6.015  1.00 16.89 ? 98  SER A CB  1 
ATOM   758  O  OG  . SER A 1 110 ? -15.648 -7.780  -5.176  1.00 18.27 ? 98  SER A OG  1 
ATOM   759  N  N   . ARG A 1 111 ? -14.469 -4.269  -7.522  1.00 15.87 ? 99  ARG A N   1 
ATOM   760  C  CA  . ARG A 1 111 ? -13.700 -3.419  -8.417  1.00 16.39 ? 99  ARG A CA  1 
ATOM   761  C  C   . ARG A 1 111 ? -13.367 -2.085  -7.745  1.00 15.72 ? 99  ARG A C   1 
ATOM   762  O  O   . ARG A 1 111 ? -12.246 -1.632  -7.805  1.00 14.59 ? 99  ARG A O   1 
ATOM   763  C  CB  . ARG A 1 111 ? -14.492 -3.213  -9.714  1.00 17.75 ? 99  ARG A CB  1 
ATOM   764  C  CG  . ARG A 1 111 ? -13.929 -2.178  -10.683 1.00 20.80 ? 99  ARG A CG  1 
ATOM   765  C  CD  . ARG A 1 111 ? -12.578 -2.477  -11.145 1.00 26.32 ? 99  ARG A CD  1 
ATOM   766  N  NE  . ARG A 1 111 ? -11.971 -1.360  -11.863 1.00 32.46 ? 99  ARG A NE  1 
ATOM   767  C  CZ  . ARG A 1 111 ? -11.109 -1.494  -12.866 1.00 32.44 ? 99  ARG A CZ  1 
ATOM   768  N  NH1 . ARG A 1 111 ? -10.788 -2.691  -13.331 1.00 33.26 ? 99  ARG A NH1 1 
ATOM   769  N  NH2 . ARG A 1 111 ? -10.627 -0.411  -13.450 1.00 36.11 ? 99  ARG A NH2 1 
ATOM   770  N  N   . ILE A 1 112 ? -14.352 -1.447  -7.118  1.00 14.97 ? 100 ILE A N   1 
ATOM   771  C  CA  . ILE A 1 112 ? -14.134 -0.182  -6.429  1.00 14.80 ? 100 ILE A CA  1 
ATOM   772  C  C   . ILE A 1 112 ? -13.162 -0.342  -5.255  1.00 13.88 ? 100 ILE A C   1 
ATOM   773  O  O   . ILE A 1 112 ? -12.239 0.465   -5.061  1.00 13.01 ? 100 ILE A O   1 
ATOM   774  C  CB  . ILE A 1 112 ? -15.500 0.399   -5.934  1.00 14.89 ? 100 ILE A CB  1 
ATOM   775  C  CG1 . ILE A 1 112 ? -16.355 0.771   -7.148  1.00 16.53 ? 100 ILE A CG1 1 
ATOM   776  C  CG2 . ILE A 1 112 ? -15.246 1.598   -5.059  1.00 16.06 ? 100 ILE A CG2 1 
ATOM   777  C  CD1 . ILE A 1 112 ? -17.788 1.063   -6.869  1.00 18.29 ? 100 ILE A CD1 1 
ATOM   778  N  N   . GLU A 1 113 ? -13.356 -1.403  -4.498  1.00 12.95 ? 101 GLU A N   1 
ATOM   779  C  CA  . GLU A 1 113 ? -12.531 -1.696  -3.343  1.00 14.22 ? 101 GLU A CA  1 
ATOM   780  C  C   . GLU A 1 113 ? -11.066 -1.897  -3.767  1.00 13.44 ? 101 GLU A C   1 
ATOM   781  O  O   . GLU A 1 113 ? -10.147 -1.335  -3.132  1.00 12.21 ? 101 GLU A O   1 
ATOM   782  C  CB  . GLU A 1 113 ? -13.094 -2.905  -2.602  1.00 14.89 ? 101 GLU A CB  1 
ATOM   783  C  CG  . GLU A 1 113 ? -12.328 -3.285  -1.349  1.00 19.22 ? 101 GLU A CG  1 
ATOM   784  C  CD  . GLU A 1 113 ? -12.835 -4.589  -0.748  1.00 23.03 ? 101 GLU A CD  1 
ATOM   785  O  OE1 . GLU A 1 113 ? -12.866 -5.612  -1.476  1.00 27.01 ? 101 GLU A OE1 1 
ATOM   786  O  OE2 . GLU A 1 113 ? -13.213 -4.588  0.436   1.00 25.34 ? 101 GLU A OE2 1 
ATOM   787  N  N   . ALA A 1 114 ? -10.857 -2.664  -4.848  1.00 13.56 ? 102 ALA A N   1 
ATOM   788  C  CA  . ALA A 1 114 ? -9.512  -2.928  -5.373  1.00 13.06 ? 102 ALA A CA  1 
ATOM   789  C  C   . ALA A 1 114 ? -8.889  -1.634  -5.912  1.00 12.91 ? 102 ALA A C   1 
ATOM   790  O  O   . ALA A 1 114 ? -7.712  -1.385  -5.651  1.00 12.79 ? 102 ALA A O   1 
ATOM   791  C  CB  . ALA A 1 114 ? -9.536  -3.984  -6.428  1.00 13.16 ? 102 ALA A CB  1 
ATOM   792  N  N   . GLU A 1 115 ? -9.651  -0.818  -6.640  1.00 12.24 ? 103 GLU A N   1 
ATOM   793  C  CA  . GLU A 1 115 ? -9.136  0.482   -7.117  1.00 13.08 ? 103 GLU A CA  1 
ATOM   794  C  C   . GLU A 1 115 ? -8.690  1.362   -5.966  1.00 11.34 ? 103 GLU A C   1 
ATOM   795  O  O   . GLU A 1 115 ? -7.656  1.991   -6.048  1.00 10.27 ? 103 GLU A O   1 
ATOM   796  C  CB  . GLU A 1 115 ? -10.157 1.275   -7.916  1.00 13.71 ? 103 GLU A CB  1 
ATOM   797  C  CG  . GLU A 1 115 ? -10.116 1.067   -9.395  1.00 19.68 ? 103 GLU A CG  1 
ATOM   798  C  CD  . GLU A 1 115 ? -11.177 1.876   -10.121 1.00 26.65 ? 103 GLU A CD  1 
ATOM   799  O  OE1 . GLU A 1 115 ? -11.199 3.129   -9.974  1.00 29.76 ? 103 GLU A OE1 1 
ATOM   800  O  OE2 . GLU A 1 115 ? -11.985 1.249   -10.834 1.00 31.48 ? 103 GLU A OE2 1 
ATOM   801  N  N   . ARG A 1 116 ? -9.499  1.407   -4.919  1.00 9.95  ? 104 ARG A N   1 
ATOM   802  C  CA  . ARG A 1 116 ? -9.215  2.156   -3.706  1.00 10.94 ? 104 ARG A CA  1 
ATOM   803  C  C   . ARG A 1 116 ? -7.869  1.725   -3.096  1.00 10.18 ? 104 ARG A C   1 
ATOM   804  O  O   . ARG A 1 116 ? -7.009  2.573   -2.750  1.00 8.07  ? 104 ARG A O   1 
ATOM   805  C  CB  . ARG A 1 116 ? -10.379 1.933   -2.718  1.00 12.07 ? 104 ARG A CB  1 
ATOM   806  C  CG  . ARG A 1 116 ? -10.509 2.882   -1.655  1.00 15.58 ? 104 ARG A CG  1 
ATOM   807  C  CD  . ARG A 1 116 ? -11.951 3.057   -1.168  1.00 15.83 ? 104 ARG A CD  1 
ATOM   808  N  NE  . ARG A 1 116 ? -12.565 1.803   -0.728  1.00 17.78 ? 104 ARG A NE  1 
ATOM   809  C  CZ  . ARG A 1 116 ? -12.208 1.154   0.368   1.00 22.01 ? 104 ARG A CZ  1 
ATOM   810  N  NH1 . ARG A 1 116 ? -11.251 1.627   1.139   1.00 23.16 ? 104 ARG A NH1 1 
ATOM   811  N  NH2 . ARG A 1 116 ? -12.801 0.005   0.698   1.00 24.68 ? 104 ARG A NH2 1 
ATOM   812  N  N   . LEU A 1 117 ? -7.708  0.427   -2.935  1.00 9.14  ? 105 LEU A N   1 
ATOM   813  C  CA  . LEU A 1 117 ? -6.498  -0.094  -2.304  1.00 9.74  ? 105 LEU A CA  1 
ATOM   814  C  C   . LEU A 1 117 ? -5.257  0.174   -3.171  1.00 9.25  ? 105 LEU A C   1 
ATOM   815  O  O   . LEU A 1 117 ? -4.166  0.438   -2.664  1.00 8.67  ? 105 LEU A O   1 
ATOM   816  C  CB  . LEU A 1 117 ? -6.648  -1.578  -1.974  1.00 10.57 ? 105 LEU A CB  1 
ATOM   817  C  CG  . LEU A 1 117 ? -7.786  -1.886  -0.999  1.00 14.29 ? 105 LEU A CG  1 
ATOM   818  C  CD1 . LEU A 1 117 ? -7.889  -3.369  -0.768  1.00 18.75 ? 105 LEU A CD1 1 
ATOM   819  C  CD2 . LEU A 1 117 ? -7.557  -1.146  0.288   1.00 13.53 ? 105 LEU A CD2 1 
ATOM   820  N  N   . VAL A 1 118 ? -5.407  0.075   -4.480  1.00 8.75  ? 106 VAL A N   1 
ATOM   821  C  CA  . VAL A 1 118 ? -4.301  0.368   -5.384  1.00 9.95  ? 106 VAL A CA  1 
ATOM   822  C  C   . VAL A 1 118 ? -3.942  1.859   -5.242  1.00 10.24 ? 106 VAL A C   1 
ATOM   823  O  O   . VAL A 1 118 ? -2.745  2.245   -5.150  1.00 8.26  ? 106 VAL A O   1 
ATOM   824  C  CB  . VAL A 1 118 ? -4.660  -0.020  -6.838  1.00 10.58 ? 106 VAL A CB  1 
ATOM   825  C  CG1 . VAL A 1 118 ? -3.732  0.640   -7.833  1.00 13.73 ? 106 VAL A CG1 1 
ATOM   826  C  CG2 . VAL A 1 118 ? -4.700  -1.580  -7.030  1.00 11.22 ? 106 VAL A CG2 1 
ATOM   827  N  N   . ASN A 1 119 ? -4.967  2.719   -5.243  1.00 8.83  ? 107 ASN A N   1 
ATOM   828  C  CA  . ASN A 1 119 ? -4.715  4.130   -5.052  1.00 8.73  ? 107 ASN A CA  1 
ATOM   829  C  C   . ASN A 1 119 ? -4.025  4.427   -3.727  1.00 7.79  ? 107 ASN A C   1 
ATOM   830  O  O   . ASN A 1 119 ? -3.149  5.272   -3.659  1.00 7.30  ? 107 ASN A O   1 
ATOM   831  C  CB  . ASN A 1 119 ? -5.985  4.959   -5.162  1.00 8.00  ? 107 ASN A CB  1 
ATOM   832  C  CG  . ASN A 1 119 ? -6.562  4.945   -6.555  1.00 12.14 ? 107 ASN A CG  1 
ATOM   833  O  OD1 . ASN A 1 119 ? -5.883  4.577   -7.538  1.00 13.47 ? 107 ASN A OD1 1 
ATOM   834  N  ND2 . ASN A 1 119 ? -7.857  5.346   -6.660  1.00 12.82 ? 107 ASN A ND2 1 
ATOM   835  N  N   . TYR A 1 120 ? -4.451  3.752   -2.676  1.00 7.62  ? 108 TYR A N   1 
ATOM   836  C  CA  . TYR A 1 120 ? -3.850  3.945   -1.353  1.00 7.53  ? 108 TYR A CA  1 
ATOM   837  C  C   . TYR A 1 120 ? -2.380  3.585   -1.397  1.00 7.85  ? 108 TYR A C   1 
ATOM   838  O  O   . TYR A 1 120 ? -1.580  4.297   -0.818  1.00 7.10  ? 108 TYR A O   1 
ATOM   839  C  CB  . TYR A 1 120 ? -4.516  3.104   -0.283  1.00 7.72  ? 108 TYR A CB  1 
ATOM   840  C  CG  . TYR A 1 120 ? -5.936  3.484   0.064   1.00 8.28  ? 108 TYR A CG  1 
ATOM   841  C  CD1 . TYR A 1 120 ? -6.502  4.653   -0.405  1.00 7.33  ? 108 TYR A CD1 1 
ATOM   842  C  CD2 . TYR A 1 120 ? -6.686  2.693   0.948   1.00 9.81  ? 108 TYR A CD2 1 
ATOM   843  C  CE1 . TYR A 1 120 ? -7.804  4.995   -0.082  1.00 10.76 ? 108 TYR A CE1 1 
ATOM   844  C  CE2 . TYR A 1 120 ? -7.949  3.033   1.286   1.00 10.76 ? 108 TYR A CE2 1 
ATOM   845  C  CZ  . TYR A 1 120 ? -8.516  4.186   0.771   1.00 10.91 ? 108 TYR A CZ  1 
ATOM   846  O  OH  . TYR A 1 120 ? -9.800  4.527   1.115   1.00 12.02 ? 108 TYR A OH  1 
ATOM   847  N  N   . ALA A 1 121 ? -2.034  2.478   -2.050  1.00 8.42  ? 109 ALA A N   1 
ATOM   848  C  CA  . ALA A 1 121 ? -0.646  2.050   -2.106  1.00 8.92  ? 109 ALA A CA  1 
ATOM   849  C  C   . ALA A 1 121 ? 0.186   3.082   -2.894  1.00 9.65  ? 109 ALA A C   1 
ATOM   850  O  O   . ALA A 1 121 ? 1.271   3.479   -2.486  1.00 8.16  ? 109 ALA A O   1 
ATOM   851  C  CB  . ALA A 1 121 ? -0.538  0.700   -2.752  1.00 8.67  ? 109 ALA A CB  1 
ATOM   852  N  N   . GLU A 1 122 ? -0.351  3.514   -4.020  1.00 9.19  ? 110 GLU A N   1 
ATOM   853  C  CA  . GLU A 1 122 ? 0.248   4.575   -4.773  1.00 9.59  ? 110 GLU A CA  1 
ATOM   854  C  C   . GLU A 1 122 ? 0.478   5.879   -3.983  1.00 9.02  ? 110 GLU A C   1 
ATOM   855  O  O   . GLU A 1 122 ? 1.547   6.487   -4.087  1.00 7.35  ? 110 GLU A O   1 
ATOM   856  C  CB  . GLU A 1 122 ? -0.573  4.841   -6.021  1.00 10.83 ? 110 GLU A CB  1 
ATOM   857  C  CG  . GLU A 1 122 ? 0.084   5.818   -6.993  1.00 13.98 ? 110 GLU A CG  1 
ATOM   858  C  CD  . GLU A 1 122 ? -0.444  5.603   -8.409  1.00 19.91 ? 110 GLU A CD  1 
ATOM   859  O  OE1 . GLU A 1 122 ? -1.670  5.378   -8.565  1.00 27.62 ? 110 GLU A OE1 1 
ATOM   860  O  OE2 . GLU A 1 122 ? 0.345   5.605   -9.359  1.00 24.22 ? 110 GLU A OE2 1 
ATOM   861  N  N   . LYS A 1 123 ? -0.520  6.289   -3.202  1.00 8.85  ? 111 LYS A N   1 
ATOM   862  C  CA  . LYS A 1 123 ? -0.405  7.416   -2.323  1.00 8.97  ? 111 LYS A CA  1 
ATOM   863  C  C   . LYS A 1 123 ? 0.733   7.267   -1.330  1.00 9.31  ? 111 LYS A C   1 
ATOM   864  O  O   . LYS A 1 123 ? 1.535   8.184   -1.133  1.00 7.94  ? 111 LYS A O   1 
ATOM   865  C  CB  . LYS A 1 123 ? -1.750  7.599   -1.624  1.00 10.24 ? 111 LYS A CB  1 
ATOM   866  C  CG  . LYS A 1 123 ? -2.083  8.916   -1.208  1.00 16.10 ? 111 LYS A CG  1 
ATOM   867  C  CD  . LYS A 1 123 ? -3.632  8.996   -1.103  1.00 18.54 ? 111 LYS A CD  1 
ATOM   868  C  CE  . LYS A 1 123 ? -4.092  10.323  -0.735  1.00 20.34 ? 111 LYS A CE  1 
ATOM   869  N  NZ  . LYS A 1 123 ? -5.386  10.253  -0.021  1.00 20.12 ? 111 LYS A NZ  1 
ATOM   870  N  N   . ILE A 1 124 ? 0.823   6.087   -0.711  1.00 8.52  ? 112 ILE A N   1 
ATOM   871  C  CA  . ILE A 1 124 ? 1.889   5.817   0.223   1.00 8.47  ? 112 ILE A CA  1 
ATOM   872  C  C   . ILE A 1 124 ? 3.256   5.840   -0.463  1.00 8.60  ? 112 ILE A C   1 
ATOM   873  O  O   . ILE A 1 124 ? 4.239   6.441   0.082   1.00 8.70  ? 112 ILE A O   1 
ATOM   874  C  CB  . ILE A 1 124 ? 1.609   4.495   0.977   1.00 8.16  ? 112 ILE A CB  1 
ATOM   875  C  CG1 . ILE A 1 124 ? 0.441   4.693   1.957   1.00 8.57  ? 112 ILE A CG1 1 
ATOM   876  C  CG2 . ILE A 1 124 ? 2.850   4.023   1.740   1.00 8.88  ? 112 ILE A CG2 1 
ATOM   877  C  CD1 . ILE A 1 124 ? -0.118  3.394   2.585   1.00 10.02 ? 112 ILE A CD1 1 
ATOM   878  N  N   . ILE A 1 125 ? 3.353   5.186   -1.623  1.00 7.44  ? 113 ILE A N   1 
ATOM   879  C  CA  . ILE A 1 125 ? 4.579   5.237   -2.415  1.00 8.67  ? 113 ILE A CA  1 
ATOM   880  C  C   . ILE A 1 125 ? 5.030   6.692   -2.702  1.00 8.60  ? 113 ILE A C   1 
ATOM   881  O  O   . ILE A 1 125 ? 6.186   7.023   -2.499  1.00 8.65  ? 113 ILE A O   1 
ATOM   882  C  CB  . ILE A 1 125 ? 4.436   4.453   -3.701  1.00 8.80  ? 113 ILE A CB  1 
ATOM   883  C  CG1 . ILE A 1 125 ? 4.356   2.964   -3.400  1.00 9.13  ? 113 ILE A CG1 1 
ATOM   884  C  CG2 . ILE A 1 125 ? 5.571   4.827   -4.690  1.00 10.64 ? 113 ILE A CG2 1 
ATOM   885  C  CD1 . ILE A 1 125 ? 3.893   2.118   -4.642  1.00 11.83 ? 113 ILE A CD1 1 
ATOM   886  N  N   . ARG A 1 126 ? 4.110   7.547   -3.137  1.00 8.67  ? 114 ARG A N   1 
ATOM   887  C  CA  . ARG A 1 126 ? 4.421   8.925   -3.501  1.00 9.94  ? 114 ARG A CA  1 
ATOM   888  C  C   . ARG A 1 126 ? 4.789   9.754   -2.251  1.00 9.46  ? 114 ARG A C   1 
ATOM   889  O  O   . ARG A 1 126 ? 5.704   10.563  -2.291  1.00 10.77 ? 114 ARG A O   1 
ATOM   890  C  CB  . ARG A 1 126 ? 3.241   9.532   -4.244  1.00 9.45  ? 114 ARG A CB  1 
ATOM   891  C  CG  . ARG A 1 126 ? 3.038   8.907   -5.640  1.00 10.45 ? 114 ARG A CG  1 
ATOM   892  C  CD  . ARG A 1 126 ? 1.844   9.458   -6.388  1.00 11.67 ? 114 ARG A CD  1 
ATOM   893  N  NE  . ARG A 1 126 ? 1.877   9.082   -7.794  1.00 13.47 ? 114 ARG A NE  1 
ATOM   894  C  CZ  . ARG A 1 126 ? 0.896   9.312   -8.648  1.00 11.93 ? 114 ARG A CZ  1 
ATOM   895  N  NH1 . ARG A 1 126 ? -0.204  9.932   -8.266  1.00 15.14 ? 114 ARG A NH1 1 
ATOM   896  N  NH2 . ARG A 1 126 ? 1.030   8.942   -9.896  1.00 10.60 ? 114 ARG A NH2 1 
ATOM   897  N  N   . PHE A 1 127 ? 4.142   9.481   -1.131  1.00 10.05 ? 115 PHE A N   1 
ATOM   898  C  CA  . PHE A 1 127 ? 4.529   10.105  0.151   1.00 9.16  ? 115 PHE A CA  1 
ATOM   899  C  C   . PHE A 1 127 ? 5.966   9.743   0.561   1.00 9.12  ? 115 PHE A C   1 
ATOM   900  O  O   . PHE A 1 127 ? 6.803   10.629  0.956   1.00 9.83  ? 115 PHE A O   1 
ATOM   901  C  CB  . PHE A 1 127 ? 3.592   9.675   1.256   1.00 8.58  ? 115 PHE A CB  1 
ATOM   902  C  CG  . PHE A 1 127 ? 3.963   10.247  2.595   1.00 9.23  ? 115 PHE A CG  1 
ATOM   903  C  CD1 . PHE A 1 127 ? 3.642   11.527  2.923   1.00 12.43 ? 115 PHE A CD1 1 
ATOM   904  C  CD2 . PHE A 1 127 ? 4.642   9.465   3.526   1.00 14.28 ? 115 PHE A CD2 1 
ATOM   905  C  CE1 . PHE A 1 127 ? 3.977   12.038  4.192   1.00 13.94 ? 115 PHE A CE1 1 
ATOM   906  C  CE2 . PHE A 1 127 ? 4.974   9.968   4.758   1.00 14.10 ? 115 PHE A CE2 1 
ATOM   907  C  CZ  . PHE A 1 127 ? 4.647   11.250  5.088   1.00 14.45 ? 115 PHE A CZ  1 
ATOM   908  N  N   . CYS A 1 128 ? 6.268   8.448   0.522   1.00 9.50  ? 116 CYS A N   1 
ATOM   909  C  CA  . CYS A 1 128 ? 7.614   7.966   0.782   1.00 9.51  ? 116 CYS A CA  1 
ATOM   910  C  C   . CYS A 1 128 ? 8.639   8.545   -0.206  1.00 10.29 ? 116 CYS A C   1 
ATOM   911  O  O   . CYS A 1 128 ? 9.744   8.935   0.216   1.00 9.63  ? 116 CYS A O   1 
ATOM   912  C  CB  . CYS A 1 128 ? 7.669   6.446   0.770   1.00 9.54  ? 116 CYS A CB  1 
ATOM   913  S  SG  . CYS A 1 128 ? 6.720   5.692   2.099   1.00 13.21 ? 116 CYS A SG  1 
ATOM   914  N  N   . GLU A 1 129 ? 8.283   8.624   -1.485  1.00 10.22 ? 117 GLU A N   1 
ATOM   915  C  CA  . GLU A 1 129 ? 9.147   9.304   -2.493  1.00 10.96 ? 117 GLU A CA  1 
ATOM   916  C  C   . GLU A 1 129 ? 9.434   10.753  -2.083  1.00 11.20 ? 117 GLU A C   1 
ATOM   917  O  O   . GLU A 1 129 ? 10.587  11.202  -2.093  1.00 11.75 ? 117 GLU A O   1 
ATOM   918  C  CB  . GLU A 1 129 ? 8.520   9.253   -3.892  1.00 11.19 ? 117 GLU A CB  1 
ATOM   919  C  CG  . GLU A 1 129 ? 8.649   7.920   -4.562  1.00 13.07 ? 117 GLU A CG  1 
ATOM   920  C  CD  . GLU A 1 129 ? 7.921   7.789   -5.869  1.00 18.14 ? 117 GLU A CD  1 
ATOM   921  O  OE1 . GLU A 1 129 ? 7.014   8.619   -6.134  1.00 20.73 ? 117 GLU A OE1 1 
ATOM   922  O  OE2 . GLU A 1 129 ? 8.243   6.827   -6.615  1.00 20.49 ? 117 GLU A OE2 1 
ATOM   923  N  N   . ASP A 1 130 ? 8.394   11.474  -1.690  1.00 12.48 ? 118 ASP A N   1 
ATOM   924  C  CA  . ASP A 1 130 ? 8.502   12.858  -1.260  1.00 13.35 ? 118 ASP A CA  1 
ATOM   925  C  C   . ASP A 1 130 ? 9.409   12.997  -0.043  1.00 14.33 ? 118 ASP A C   1 
ATOM   926  O  O   . ASP A 1 130 ? 10.225  13.915  0.015   1.00 14.17 ? 118 ASP A O   1 
ATOM   927  C  CB  . ASP A 1 130 ? 7.121   13.450  -0.964  1.00 13.47 ? 118 ASP A CB  1 
ATOM   928  C  CG  . ASP A 1 130 ? 6.291   13.695  -2.239  1.00 17.41 ? 118 ASP A CG  1 
ATOM   929  O  OD1 . ASP A 1 130 ? 6.783   13.396  -3.369  1.00 14.78 ? 118 ASP A OD1 1 
ATOM   930  O  OD2 . ASP A 1 130 ? 5.141   14.218  -2.191  1.00 19.94 ? 118 ASP A OD2 1 
ATOM   931  N  N   . LEU A 1 131 ? 9.259   12.087  0.914   1.00 14.27 ? 119 LEU A N   1 
ATOM   932  C  CA  . LEU A 1 131 ? 10.134  12.018  2.077   1.00 14.67 ? 119 LEU A CA  1 
ATOM   933  C  C   . LEU A 1 131 ? 11.611  11.741  1.686   1.00 14.96 ? 119 LEU A C   1 
ATOM   934  O  O   . LEU A 1 131 ? 12.527  12.487  2.107   1.00 15.70 ? 119 LEU A O   1 
ATOM   935  C  CB  . LEU A 1 131 ? 9.607   10.950  3.069   1.00 15.03 ? 119 LEU A CB  1 
ATOM   936  C  CG  . LEU A 1 131 ? 8.970   11.396  4.370   1.00 18.51 ? 119 LEU A CG  1 
ATOM   937  C  CD1 . LEU A 1 131 ? 8.726   10.176  5.246   1.00 17.31 ? 119 LEU A CD1 1 
ATOM   938  C  CD2 . LEU A 1 131 ? 9.898   12.463  5.122   1.00 18.15 ? 119 LEU A CD2 1 
ATOM   939  N  N   . LEU A 1 132 ? 11.850  10.709  0.872   1.00 14.26 ? 120 LEU A N   1 
ATOM   940  C  CA  . LEU A 1 132 ? 13.187  10.353  0.420   1.00 15.05 ? 120 LEU A CA  1 
ATOM   941  C  C   . LEU A 1 132 ? 13.881  11.463  -0.386  1.00 16.75 ? 120 LEU A C   1 
ATOM   942  O  O   . LEU A 1 132 ? 15.119  11.579  -0.343  1.00 17.35 ? 120 LEU A O   1 
ATOM   943  C  CB  . LEU A 1 132 ? 13.173  9.076   -0.394  1.00 15.93 ? 120 LEU A CB  1 
ATOM   944  C  CG  . LEU A 1 132 ? 12.906  7.838   0.454   1.00 16.96 ? 120 LEU A CG  1 
ATOM   945  C  CD1 . LEU A 1 132 ? 12.507  6.656   -0.394  1.00 20.51 ? 120 LEU A CD1 1 
ATOM   946  C  CD2 . LEU A 1 132 ? 14.137  7.512   1.263   1.00 17.57 ? 120 LEU A CD2 1 
ATOM   947  N  N   . SER A 1 133 ? 13.087  12.280  -1.067  1.00 16.73 ? 121 SER A N   1 
ATOM   948  C  CA  . SER A 1 133 ? 13.612  13.378  -1.880  1.00 18.72 ? 121 SER A CA  1 
ATOM   949  C  C   . SER A 1 133 ? 14.159  14.472  -0.999  1.00 19.82 ? 121 SER A C   1 
ATOM   950  O  O   . SER A 1 133 ? 14.920  15.312  -1.478  1.00 17.95 ? 121 SER A O   1 
ATOM   951  C  CB  . SER A 1 133 ? 12.519  13.973  -2.774  1.00 17.84 ? 121 SER A CB  1 
ATOM   952  O  OG  . SER A 1 133 ? 12.106  13.010  -3.735  1.00 20.08 ? 121 SER A OG  1 
ATOM   953  N  N   . ARG A 1 134 ? 13.727  14.477  0.265   1.00 21.56 ? 122 ARG A N   1 
ATOM   954  C  CA  . ARG A 1 134 ? 14.035  15.530  1.207   1.00 24.42 ? 122 ARG A CA  1 
ATOM   955  C  C   . ARG A 1 134 ? 15.023  15.137  2.307   1.00 25.91 ? 122 ARG A C   1 
ATOM   956  O  O   . ARG A 1 134 ? 15.497  16.014  3.030   1.00 27.10 ? 122 ARG A O   1 
ATOM   957  C  CB  . ARG A 1 134 ? 12.732  16.060  1.829   1.00 25.18 ? 122 ARG A CB  1 
ATOM   958  C  CG  . ARG A 1 134 ? 12.003  17.074  0.967   1.00 27.59 ? 122 ARG A CG  1 
ATOM   959  C  CD  . ARG A 1 134 ? 10.607  17.409  1.469   1.00 30.07 ? 122 ARG A CD  1 
ATOM   960  N  N   . ILE A 1 135 ? 15.302  13.838  2.463   1.00 27.07 ? 123 ILE A N   1 
ATOM   961  C  CA  . ILE A 1 135 ? 16.265  13.357  3.440   1.00 27.95 ? 123 ILE A CA  1 
ATOM   962  C  C   . ILE A 1 135 ? 17.416  12.748  2.637   1.00 29.29 ? 123 ILE A C   1 
ATOM   963  O  O   . ILE A 1 135 ? 18.580  13.059  2.865   1.00 31.29 ? 123 ILE A O   1 
ATOM   964  C  CB  . ILE A 1 135 ? 15.627  12.366  4.472   1.00 27.52 ? 123 ILE A CB  1 
ATOM   965  C  CG1 . ILE A 1 135 ? 15.240  11.031  3.836   1.00 25.89 ? 123 ILE A CG1 1 
ATOM   966  C  CG2 . ILE A 1 135 ? 14.415  13.009  5.177   1.00 27.56 ? 123 ILE A CG2 1 
ATOM   967  C  CD1 . ILE A 1 135 ? 14.439  10.111  4.728   1.00 22.98 ? 123 ILE A CD1 1 
ATOM   968  O  OXT . ILE A 1 135 ? 17.237  11.997  1.670   1.00 30.72 ? 123 ILE A OXT 1 
HETATM 969  O  O   . HOH B 2 .   ? 8.227   15.268  9.055   1.00 19.30 ? 124 HOH A O   1 
HETATM 970  O  O   . HOH B 2 .   ? 4.649   1.707   -10.189 1.00 20.80 ? 125 HOH A O   1 
HETATM 971  O  O   . HOH B 2 .   ? -0.926  -9.994  -13.003 1.00 18.48 ? 126 HOH A O   1 
HETATM 972  O  O   . HOH B 2 .   ? -5.456  -1.065  -13.586 1.00 23.98 ? 127 HOH A O   1 
HETATM 973  O  O   . HOH B 2 .   ? -6.773  11.426  -2.012  1.00 25.81 ? 128 HOH A O   1 
HETATM 974  O  O   . HOH B 2 .   ? 6.246   9.397   -8.392  1.00 21.85 ? 129 HOH A O   1 
HETATM 975  O  O   . HOH B 2 .   ? 3.534   -8.351  -6.363  1.00 30.02 ? 130 HOH A O   1 
HETATM 976  O  O   . HOH B 2 .   ? 6.379   13.449  2.432   1.00 32.52 ? 131 HOH A O   1 
HETATM 977  O  O   . HOH B 2 .   ? 21.324  1.379   12.958  1.00 26.39 ? 132 HOH A O   1 
HETATM 978  O  O   . HOH B 2 .   ? 15.547  15.506  -4.098  1.00 27.78 ? 133 HOH A O   1 
HETATM 979  O  O   . HOH B 2 .   ? -1.022  6.610   -11.298 1.00 25.22 ? 134 HOH A O   1 
HETATM 980  O  O   . HOH B 2 .   ? 9.480   11.304  18.784  1.00 26.25 ? 135 HOH A O   1 
HETATM 981  O  O   . HOH B 2 .   ? -1.400  9.579   -5.673  1.00 24.36 ? 136 HOH A O   1 
HETATM 982  O  O   . HOH B 2 .   ? 10.476  -0.275  -10.453 1.00 34.54 ? 137 HOH A O   1 
HETATM 983  O  O   . HOH B 2 .   ? 12.678  9.688   -3.989  1.00 36.95 ? 138 HOH A O   1 
HETATM 984  O  O   . HOH B 2 .   ? 19.343  -0.050  12.073  1.00 38.64 ? 139 HOH A O   1 
HETATM 985  O  O   . HOH B 2 .   ? 16.047  3.484   0.396   1.00 22.83 ? 140 HOH A O   1 
HETATM 986  O  O   . HOH B 2 .   ? 4.537   0.176   14.992  1.00 21.06 ? 141 HOH A O   1 
HETATM 987  O  O   . HOH B 2 .   ? -5.196  2.317   -10.913 1.00 29.32 ? 142 HOH A O   1 
HETATM 988  O  O   . HOH B 2 .   ? 15.775  0.904   -0.335  1.00 33.48 ? 143 HOH A O   1 
HETATM 989  O  O   . HOH B 2 .   ? -19.938 -11.747 -8.960  1.00 35.10 ? 144 HOH A O   1 
HETATM 990  O  O   . HOH B 2 .   ? 18.703  0.627   -1.598  1.00 32.67 ? 145 HOH A O   1 
HETATM 991  O  O   . HOH B 2 .   ? -5.666  13.030  18.414  1.00 50.41 ? 146 HOH A O   1 
HETATM 992  O  O   . HOH B 2 .   ? -1.569  -8.000  -20.131 1.00 31.96 ? 147 HOH A O   1 
HETATM 993  O  O   . HOH B 2 .   ? -18.513 -10.481 -0.795  1.00 43.83 ? 148 HOH A O   1 
HETATM 994  O  O   . HOH B 2 .   ? -3.806  3.963   -8.829  1.00 30.48 ? 149 HOH A O   1 
HETATM 995  O  O   . HOH B 2 .   ? 17.259  -6.022  17.209  1.00 26.03 ? 150 HOH A O   1 
HETATM 996  O  O   . HOH B 2 .   ? 12.165  -5.158  -1.325  1.00 31.10 ? 151 HOH A O   1 
HETATM 997  O  O   . HOH B 2 .   ? -6.677  -2.945  9.802   1.00 30.86 ? 152 HOH A O   1 
HETATM 998  O  O   . HOH B 2 .   ? -0.257  15.600  9.423   1.00 28.26 ? 153 HOH A O   1 
HETATM 999  O  O   . HOH B 2 .   ? -14.928 0.225   -1.494  1.00 25.39 ? 154 HOH A O   1 
HETATM 1000 O  O   . HOH B 2 .   ? -22.529 -7.664  2.069   1.00 35.41 ? 155 HOH A O   1 
HETATM 1001 O  O   . HOH B 2 .   ? -15.466 -7.583  -12.469 1.00 33.84 ? 156 HOH A O   1 
HETATM 1002 O  O   . HOH B 2 .   ? 17.010  9.841   -0.235  1.00 30.31 ? 157 HOH A O   1 
HETATM 1003 O  O   . HOH B 2 .   ? -27.250 -12.859 -8.941  1.00 28.78 ? 158 HOH A O   1 
HETATM 1004 O  O   . HOH B 2 .   ? -26.623 -5.652  -13.322 1.00 27.03 ? 159 HOH A O   1 
HETATM 1005 O  O   . HOH B 2 .   ? -21.308 -9.694  4.184   1.00 45.74 ? 160 HOH A O   1 
HETATM 1006 O  O   . HOH B 2 .   ? -1.220  -4.439  11.744  1.00 37.70 ? 161 HOH A O   1 
HETATM 1007 O  O   . HOH B 2 .   ? -4.542  13.641  6.764   1.00 34.12 ? 162 HOH A O   1 
HETATM 1008 O  O   . HOH B 2 .   ? -29.648 -12.068 -8.119  1.00 28.08 ? 163 HOH A O   1 
HETATM 1009 O  O   . HOH B 2 .   ? -11.833 3.692   -13.576 1.00 54.74 ? 164 HOH A O   1 
HETATM 1010 O  O   . HOH B 2 .   ? -8.203  -13.719 -9.022  1.00 42.75 ? 165 HOH A O   1 
HETATM 1011 O  O   . HOH B 2 .   ? 2.312   1.804   -11.621 1.00 27.35 ? 166 HOH A O   1 
HETATM 1012 O  O   . HOH B 2 .   ? 5.008   -6.727  14.776  1.00 31.02 ? 167 HOH A O   1 
HETATM 1013 O  O   . HOH B 2 .   ? 10.835  6.551   -7.300  1.00 30.60 ? 168 HOH A O   1 
HETATM 1014 O  O   . HOH B 2 .   ? -5.328  -17.652 -7.507  1.00 32.08 ? 169 HOH A O   1 
HETATM 1015 O  O   . HOH B 2 .   ? 20.022  2.464   -4.017  1.00 44.30 ? 170 HOH A O   1 
HETATM 1016 O  O   . HOH B 2 .   ? 12.103  3.691   -7.897  1.00 51.09 ? 171 HOH A O   1 
HETATM 1017 O  O   . HOH B 2 .   ? -10.220 -3.806  2.564   1.00 46.47 ? 172 HOH A O   1 
HETATM 1018 O  O   . HOH B 2 .   ? 6.379   -6.824  0.945   1.00 31.69 ? 173 HOH A O   1 
HETATM 1019 O  O   . HOH B 2 .   ? -7.989  -0.972  -14.542 1.00 24.31 ? 174 HOH A O   1 
HETATM 1020 O  O   . HOH B 2 .   ? -9.569  -6.022  1.813   1.00 38.58 ? 175 HOH A O   1 
HETATM 1021 O  O   . HOH B 2 .   ? -21.835 -13.153 -13.029 1.00 53.77 ? 176 HOH A O   1 
HETATM 1022 O  O   . HOH B 2 .   ? -20.311 -13.543 -10.816 1.00 51.17 ? 177 HOH A O   1 
HETATM 1023 O  O   . HOH B 2 .   ? -27.987 -8.267  -0.458  1.00 31.15 ? 178 HOH A O   1 
HETATM 1024 O  O   . HOH B 2 .   ? 12.359  14.553  10.857  1.00 34.21 ? 179 HOH A O   1 
HETATM 1025 O  O   . HOH B 2 .   ? 14.709  -2.274  7.829   1.00 35.88 ? 180 HOH A O   1 
HETATM 1026 O  O   . HOH B 2 .   ? 15.901  -1.872  5.238   1.00 42.19 ? 181 HOH A O   1 
HETATM 1027 O  O   . HOH B 2 .   ? 16.029  3.984   -6.232  1.00 50.62 ? 182 HOH A O   1 
HETATM 1028 O  O   . HOH B 2 .   ? 8.230   -1.552  17.383  1.00 35.42 ? 183 HOH A O   1 
HETATM 1029 O  O   . HOH B 2 .   ? 14.624  -1.154  16.591  1.00 28.39 ? 184 HOH A O   1 
HETATM 1030 O  O   . HOH B 2 .   ? 0.266   15.187  14.841  1.00 40.21 ? 185 HOH A O   1 
HETATM 1031 O  O   . HOH B 2 .   ? 19.511  3.694   0.651   1.00 52.82 ? 186 HOH A O   1 
HETATM 1032 O  O   . HOH B 2 .   ? -11.150 -8.773  4.665   1.00 54.18 ? 187 HOH A O   1 
HETATM 1033 O  O   . HOH B 2 .   ? 8.668   10.717  -8.033  1.00 24.78 ? 188 HOH A O   1 
HETATM 1034 O  O   . HOH B 2 .   ? -8.620  5.085   4.239   1.00 20.64 ? 189 HOH A O   1 
HETATM 1035 O  O   . HOH B 2 .   ? 9.418   15.360  -4.203  1.00 34.79 ? 190 HOH A O   1 
HETATM 1036 O  O   . HOH B 2 .   ? 7.764   15.580  2.157   1.00 42.44 ? 191 HOH A O   1 
HETATM 1037 O  O   . HOH B 2 .   ? 10.519  9.509   20.509  1.00 34.35 ? 192 HOH A O   1 
HETATM 1038 O  O   . HOH B 2 .   ? 11.187  15.694  7.012   1.00 35.37 ? 193 HOH A O   1 
HETATM 1039 O  O   . HOH B 2 .   ? 6.513   14.146  7.201   1.00 28.31 ? 194 HOH A O   1 
HETATM 1040 O  O   . HOH B 2 .   ? 6.168   15.046  4.789   1.00 35.52 ? 195 HOH A O   1 
HETATM 1041 O  O   . HOH B 2 .   ? 0.461   -2.644  -14.740 1.00 37.43 ? 196 HOH A O   1 
HETATM 1042 O  O   . HOH B 2 .   ? 0.290   -8.735  1.148   1.00 31.06 ? 197 HOH A O   1 
HETATM 1043 O  O   . HOH B 2 .   ? -7.860  2.789   -12.381 1.00 35.94 ? 198 HOH A O   1 
HETATM 1044 O  O   . HOH B 2 .   ? -11.012 -6.773  -17.455 1.00 32.32 ? 199 HOH A O   1 
HETATM 1045 O  O   . HOH B 2 .   ? -12.012 -6.278  -4.036  1.00 25.98 ? 200 HOH A O   1 
HETATM 1046 O  O   . HOH B 2 .   ? -5.194  -13.000 -2.402  1.00 44.60 ? 201 HOH A O   1 
HETATM 1047 O  O   . HOH B 2 .   ? -10.501 -12.329 1.932   1.00 53.72 ? 202 HOH A O   1 
HETATM 1048 O  O   . HOH B 2 .   ? -25.578 -14.313 -5.466  1.00 36.02 ? 203 HOH A O   1 
HETATM 1049 O  O   . HOH B 2 .   ? -7.519  -12.329 -18.689 0.50 38.08 ? 204 HOH A O   1 
HETATM 1050 O  O   . HOH B 2 .   ? 11.978  -5.170  -8.081  1.00 39.35 ? 205 HOH A O   1 
HETATM 1051 O  O   . HOH B 2 .   ? -19.692 -8.242  0.127   1.00 46.78 ? 206 HOH A O   1 
HETATM 1052 O  O   . HOH B 2 .   ? -5.164  -9.276  7.557   1.00 42.50 ? 207 HOH A O   1 
HETATM 1053 O  O   . HOH B 2 .   ? 4.532   4.385   -8.486  1.00 39.79 ? 208 HOH A O   1 
HETATM 1054 O  O   . HOH B 2 .   ? -7.048  -4.586  2.575   1.00 38.73 ? 209 HOH A O   1 
HETATM 1055 O  O   . HOH B 2 .   ? -9.933  -6.943  -0.547  1.00 52.37 ? 210 HOH A O   1 
HETATM 1056 O  O   . HOH B 2 .   ? 1.265   -1.227  14.839  1.00 40.40 ? 211 HOH A O   1 
HETATM 1057 O  O   . HOH B 2 .   ? 6.730   -1.997  15.389  1.00 30.50 ? 212 HOH A O   1 
HETATM 1058 O  O   . HOH B 2 .   ? 10.316  3.987   15.875  1.00 34.10 ? 213 HOH A O   1 
HETATM 1059 O  O   . HOH B 2 .   ? -18.082 -6.774  -13.308 1.00 47.04 ? 214 HOH A O   1 
HETATM 1060 O  O   . HOH B 2 .   ? -11.060 -11.433 -7.292  1.00 38.76 ? 215 HOH A O   1 
HETATM 1061 O  O   . HOH B 2 .   ? 13.817  6.890   13.656  1.00 48.24 ? 216 HOH A O   1 
HETATM 1062 O  O   . HOH B 2 .   ? -8.837  8.694   11.247  1.00 48.03 ? 217 HOH A O   1 
HETATM 1063 O  O   . HOH B 2 .   ? -7.636  -15.870 0.029   1.00 36.44 ? 218 HOH A O   1 
HETATM 1064 O  O   . HOH B 2 .   ? 10.321  7.161   -10.144 1.00 40.86 ? 219 HOH A O   1 
HETATM 1065 O  O   . HOH B 2 .   ? -8.836  2.802   8.083   1.00 48.91 ? 220 HOH A O   1 
HETATM 1066 O  O   . HOH B 2 .   ? -14.972 -5.935  1.919   1.00 47.83 ? 221 HOH A O   1 
HETATM 1067 O  O   . HOH B 2 .   ? 18.327  -7.505  15.023  1.00 40.21 ? 222 HOH A O   1 
HETATM 1068 O  O   . HOH B 2 .   ? 2.334   4.483   -12.134 1.00 37.44 ? 223 HOH A O   1 
HETATM 1069 O  O   . HOH B 2 .   ? -4.504  14.074  0.476   1.00 55.44 ? 224 HOH A O   1 
HETATM 1070 O  O   . HOH B 2 .   ? -24.924 -14.842 -2.934  1.00 44.30 ? 225 HOH A O   1 
HETATM 1071 O  O   . HOH B 2 .   ? -9.032  -17.914 -1.546  1.00 44.15 ? 226 HOH A O   1 
HETATM 1072 O  O   . HOH B 2 .   ? 4.932   16.325  -3.624  1.00 46.97 ? 227 HOH A O   1 
HETATM 1073 O  O   . HOH B 2 .   ? -0.856  8.981   11.749  1.00 41.25 ? 228 HOH A O   1 
HETATM 1074 O  O   . HOH B 2 .   ? -7.370  -4.903  -20.568 1.00 51.53 ? 229 HOH A O   1 
HETATM 1075 O  O   . HOH B 2 .   ? -10.935 -9.040  1.021   1.00 44.85 ? 230 HOH A O   1 
HETATM 1076 O  O   . HOH B 2 .   ? 17.274  -4.015  4.173   1.00 58.31 ? 231 HOH A O   1 
HETATM 1077 O  O   . HOH B 2 .   ? 5.242   -9.484  3.829   1.00 48.73 ? 232 HOH A O   1 
HETATM 1078 O  O   . HOH B 2 .   ? -6.209  -16.731 4.660   1.00 43.43 ? 233 HOH A O   1 
HETATM 1079 O  O   . HOH B 2 .   ? 11.252  -7.194  -0.225  1.00 47.09 ? 234 HOH A O   1 
HETATM 1080 O  O   . HOH B 2 .   ? -9.544  -11.654 -17.177 1.00 40.03 ? 235 HOH A O   1 
HETATM 1081 O  O   . HOH B 2 .   ? -0.152  -7.261  11.470  1.00 44.59 ? 236 HOH A O   1 
HETATM 1082 O  O   . HOH B 2 .   ? -13.493 0.669   4.621   1.00 41.82 ? 237 HOH A O   1 
HETATM 1083 O  O   . HOH B 2 .   ? -7.927  -16.003 -7.796  1.00 55.10 ? 238 HOH A O   1 
HETATM 1084 O  O   . HOH B 2 .   ? 14.807  1.380   -12.362 1.00 46.79 ? 239 HOH A O   1 
HETATM 1085 O  O   . HOH B 2 .   ? 17.875  13.832  -0.264  1.00 52.55 ? 240 HOH A O   1 
HETATM 1086 O  O   . HOH B 2 .   ? 12.191  -5.251  8.019   1.00 42.75 ? 241 HOH A O   1 
HETATM 1087 O  O   . HOH B 2 .   ? -18.242 -10.028 3.787   1.00 50.60 ? 242 HOH A O   1 
HETATM 1088 O  O   . HOH B 2 .   ? 19.162  16.469  0.200   1.00 56.56 ? 243 HOH A O   1 
HETATM 1089 O  O   . HOH B 2 .   ? -14.689 -7.742  -1.888  1.00 49.63 ? 244 HOH A O   1 
HETATM 1090 O  O   . HOH B 2 .   ? -11.185 -3.354  -16.274 1.00 46.08 ? 245 HOH A O   1 
HETATM 1091 O  O   . HOH B 2 .   ? -3.607  -4.602  13.512  1.00 39.40 ? 246 HOH A O   1 
HETATM 1092 O  O   . HOH B 2 .   ? 13.184  6.793   -10.414 1.00 48.64 ? 247 HOH A O   1 
HETATM 1093 O  O   . HOH B 2 .   ? -14.132 -13.514 -0.076  1.00 52.63 ? 248 HOH A O   1 
HETATM 1094 O  O   . HOH B 2 .   ? -13.174 -13.426 -3.798  1.00 57.84 ? 249 HOH A O   1 
HETATM 1095 O  O   . HOH B 2 .   ? -6.700  12.308  15.621  1.00 42.66 ? 250 HOH A O   1 
HETATM 1096 O  O   . HOH B 2 .   ? 6.514   5.957   -8.436  1.00 26.56 ? 251 HOH A O   1 
# 
